data_9JE3
#
_entry.id   9JE3
#
_cell.length_a   84.283
_cell.length_b   151.111
_cell.length_c   176.368
_cell.angle_alpha   90.000
_cell.angle_beta   90.000
_cell.angle_gamma   90.000
#
_symmetry.space_group_name_H-M   'P 21 21 21'
#
loop_
_entity.id
_entity.type
_entity.pdbx_description
1 polymer '#2-911 Fab heavy chain'
2 polymer '#2-911 Fab light chain'
3 polymer 'MEDI8852 Fab heavy chain'
4 polymer 'MEDI8852 Fab light chain'
5 branched alpha-D-glucopyranose-(1-1)-alpha-D-glucopyranose
6 non-polymer 'CITRIC ACID'
7 water water
#
loop_
_entity_poly.entity_id
_entity_poly.type
_entity_poly.pdbx_seq_one_letter_code
_entity_poly.pdbx_strand_id
1 'polypeptide(L)'
;EVQLQESGPELMKPGASVKISCKASGYSFTSYNMHWVKQSHGKSLEWIGYIDPFNDGTTYNQKFKGKATLTVDKSSSTAY
MHLSSLTSEDSAVYYCAKLGPYWYFDVWGAGTTVTVSSAKTTAPSVYPLAPVCGDTTGSSVTLGCLVKGYFPEPVTLTWN
SGSLSSGVHTFPAVLQSDLYTLSSSVTVTSSTWPSQSITCNVAHPASSTKVDKKIEP
;
E,A
2 'polypeptide(L)'
;QAVVTQESALTTSPGETVTLTCRSSTGAVTTSNYANWVQEKPDHLFTGLIGGTNNRAPGVPARFSGSLIGDKAALTITGA
QTEDEAIYFCALWYSNHWVFGGGTKLTVLGQPKSSPSVTLFPPSSEELETNKATLVCTITDFYPGVVTVDWKVDGTPVTQ
GMETTQPSKQSNNKYMASSYLTLTARAWERHSSYSCQVTHEGHTVEKSLSRADCS
;
F,B
3 'polypeptide(L)'
;QVQLQQSGPGLVKPSQTLSLTCAISGDSVSSYNAVWNWIRQSPSRGLEWLGRTYYRSGWYNDYAESVKSRITINPDTSKN
QFSLQLNSVTPEDTAVYYCARSGHITVFGVNVDAFDMWGQGTMVTVSSASTKGPSVFPLAPSSKSTSGGTAALGCLVKDY
FPEPVTVSWNSGALTSGVHTFPAVLQSSGLYSLSSVVTVPSSSLGTQTYICNVNHKPSNTKVDKKVEP
;
G,C
4 'polypeptide(L)'
;DIQMTQSPSSLSASVGDRVTITCRTSQSLSSYTHWYQQKPGKAPKLLIYAASSRGSGVPSRFSGSGSGTDFTLTISSLQP
EDFATYYCQQSRTFGQGTKVEIKRTVAAPSVFIFPPSDEQLKSGTASVVCLLNNFYPREAKVQWKVDNALQSGNSQESVT
EQDSKDSTYSLSSTLTLSKADYEKHKVYACEVTHQGLSSPVTKSFNRGEC
;
H,D
#
# COMPACT_ATOMS: atom_id res chain seq x y z
N GLU A 1 -16.99 -5.45 23.70
CA GLU A 1 -17.76 -6.70 23.43
C GLU A 1 -17.93 -6.85 21.92
N VAL A 2 -18.15 -8.05 21.47
CA VAL A 2 -18.30 -8.30 20.04
C VAL A 2 -19.77 -8.39 19.72
N GLN A 3 -20.12 -8.02 18.49
CA GLN A 3 -21.45 -8.17 17.95
C GLN A 3 -21.38 -9.15 16.78
N LEU A 4 -22.44 -9.91 16.57
CA LEU A 4 -22.49 -10.96 15.56
C LEU A 4 -23.59 -10.70 14.55
N GLN A 5 -23.23 -10.71 13.26
CA GLN A 5 -24.17 -10.37 12.21
C GLN A 5 -24.29 -11.58 11.30
N GLU A 6 -25.45 -12.22 11.30
CA GLU A 6 -25.64 -13.35 10.39
C GLU A 6 -26.14 -12.87 9.03
N SER A 7 -25.94 -13.72 8.02
CA SER A 7 -26.31 -13.46 6.65
C SER A 7 -27.81 -13.62 6.49
N GLY A 8 -28.32 -13.17 5.33
CA GLY A 8 -29.75 -12.95 5.12
C GLY A 8 -30.51 -14.26 4.94
N PRO A 9 -31.86 -14.19 4.89
CA PRO A 9 -32.70 -15.39 4.73
C PRO A 9 -32.37 -16.07 3.41
N GLU A 10 -32.67 -17.38 3.36
CA GLU A 10 -32.27 -18.22 2.24
C GLU A 10 -33.41 -19.15 1.86
N LEU A 11 -33.66 -19.27 0.54
CA LEU A 11 -34.70 -20.16 0.04
C LEU A 11 -34.12 -21.19 -0.92
N MET A 12 -34.29 -22.47 -0.57
CA MET A 12 -33.58 -23.57 -1.24
C MET A 12 -34.55 -24.70 -1.58
N LYS A 13 -34.22 -25.45 -2.64
CA LYS A 13 -34.98 -26.62 -3.02
C LYS A 13 -34.35 -27.83 -2.35
N PRO A 14 -35.10 -28.93 -2.09
CA PRO A 14 -34.51 -30.12 -1.49
C PRO A 14 -33.32 -30.55 -2.34
N GLY A 15 -32.29 -31.08 -1.69
CA GLY A 15 -31.05 -31.52 -2.33
C GLY A 15 -29.99 -30.42 -2.47
N ALA A 16 -30.36 -29.14 -2.35
CA ALA A 16 -29.40 -28.04 -2.46
C ALA A 16 -28.52 -27.95 -1.22
N SER A 17 -27.49 -27.12 -1.28
CA SER A 17 -26.70 -26.81 -0.09
C SER A 17 -26.63 -25.30 0.09
N VAL A 18 -26.24 -24.86 1.30
CA VAL A 18 -26.27 -23.46 1.71
C VAL A 18 -25.11 -23.15 2.65
N LYS A 19 -24.65 -21.89 2.61
CA LYS A 19 -23.56 -21.46 3.48
C LYS A 19 -23.95 -20.17 4.21
N ILE A 20 -24.31 -20.31 5.48
CA ILE A 20 -24.67 -19.19 6.33
C ILE A 20 -23.40 -18.61 6.92
N SER A 21 -23.35 -17.28 7.07
CA SER A 21 -22.19 -16.70 7.70
C SER A 21 -22.57 -15.91 8.95
N CYS A 22 -21.58 -15.69 9.82
CA CYS A 22 -21.72 -14.97 11.06
C CYS A 22 -20.45 -14.15 11.32
N LYS A 23 -20.57 -12.83 11.11
CA LYS A 23 -19.42 -11.95 11.21
C LYS A 23 -19.34 -11.33 12.60
N ALA A 24 -18.21 -11.50 13.27
CA ALA A 24 -17.98 -10.86 14.56
C ALA A 24 -17.35 -9.50 14.33
N SER A 25 -17.99 -8.45 14.83
CA SER A 25 -17.34 -7.15 14.84
C SER A 25 -17.16 -6.71 16.29
N GLY A 26 -16.43 -5.63 16.52
CA GLY A 26 -16.19 -5.13 17.86
C GLY A 26 -14.97 -5.82 18.47
N TYR A 27 -14.90 -5.90 19.79
CA TYR A 27 -13.66 -6.31 20.41
C TYR A 27 -13.99 -7.23 21.57
N SER A 28 -13.01 -8.09 21.94
CA SER A 28 -13.09 -8.89 23.14
C SER A 28 -11.69 -8.97 23.73
N PHE A 29 -11.59 -8.75 25.05
CA PHE A 29 -10.32 -8.87 25.74
C PHE A 29 -9.94 -10.32 26.03
N THR A 30 -10.88 -11.26 25.95
CA THR A 30 -10.58 -12.66 26.16
C THR A 30 -11.01 -13.45 24.94
N SER A 31 -10.39 -14.59 24.74
CA SER A 31 -10.73 -15.40 23.60
C SER A 31 -12.08 -16.04 23.87
N TYR A 32 -12.63 -16.70 22.84
CA TYR A 32 -13.98 -17.25 22.89
C TYR A 32 -14.17 -18.16 21.69
N ASN A 33 -15.20 -19.00 21.70
CA ASN A 33 -15.45 -19.84 20.53
C ASN A 33 -16.90 -19.72 20.09
N MET A 34 -17.18 -20.19 18.86
CA MET A 34 -18.42 -19.92 18.16
C MET A 34 -19.27 -21.19 18.12
N HIS A 35 -20.48 -21.08 18.66
CA HIS A 35 -21.42 -22.18 18.64
C HIS A 35 -22.52 -21.88 17.64
N TRP A 36 -23.06 -22.95 17.03
CA TRP A 36 -24.17 -22.86 16.08
C TRP A 36 -25.34 -23.69 16.62
N VAL A 37 -26.54 -23.11 16.51
CA VAL A 37 -27.73 -23.62 17.16
C VAL A 37 -28.89 -23.53 16.19
N LYS A 38 -29.75 -24.55 16.22
CA LYS A 38 -30.88 -24.62 15.32
C LYS A 38 -32.15 -24.50 16.15
N GLN A 39 -33.05 -23.61 15.72
CA GLN A 39 -34.39 -23.55 16.29
C GLN A 39 -35.43 -24.04 15.29
N SER A 40 -36.12 -25.12 15.66
CA SER A 40 -37.23 -25.64 14.86
C SER A 40 -38.57 -25.28 15.51
N HIS A 41 -39.53 -24.89 14.62
CA HIS A 41 -40.90 -24.51 14.95
C HIS A 41 -40.97 -23.32 15.91
N GLY A 42 -39.83 -22.66 16.17
CA GLY A 42 -39.80 -21.50 17.03
C GLY A 42 -39.55 -21.81 18.52
N LYS A 43 -39.43 -23.10 18.91
CA LYS A 43 -39.20 -23.44 20.32
C LYS A 43 -38.11 -24.50 20.53
N SER A 44 -37.80 -25.35 19.54
CA SER A 44 -36.95 -26.53 19.78
C SER A 44 -35.50 -26.21 19.39
N LEU A 45 -34.71 -25.96 20.43
CA LEU A 45 -33.34 -25.51 20.29
C LEU A 45 -32.42 -26.74 20.23
N GLU A 46 -31.47 -26.72 19.30
CA GLU A 46 -30.60 -27.86 19.13
C GLU A 46 -29.18 -27.36 18.88
N TRP A 47 -28.24 -27.90 19.66
CA TRP A 47 -26.83 -27.59 19.49
C TRP A 47 -26.28 -28.34 18.28
N ILE A 48 -25.75 -27.63 17.28
CA ILE A 48 -25.17 -28.25 16.11
C ILE A 48 -23.68 -28.55 16.33
N GLY A 49 -22.94 -27.60 16.90
CA GLY A 49 -21.55 -27.79 17.22
C GLY A 49 -20.84 -26.45 17.45
N TYR A 50 -19.52 -26.49 17.53
CA TYR A 50 -18.80 -25.26 17.80
C TYR A 50 -17.47 -25.31 17.06
N ILE A 51 -16.92 -24.13 16.77
CA ILE A 51 -15.55 -24.01 16.31
C ILE A 51 -14.81 -22.98 17.17
N ASP A 52 -13.52 -23.24 17.42
CA ASP A 52 -12.65 -22.35 18.16
C ASP A 52 -11.83 -21.57 17.14
N PRO A 53 -12.00 -20.23 17.00
CA PRO A 53 -11.20 -19.45 16.06
C PRO A 53 -9.73 -19.31 16.44
N PHE A 54 -9.36 -19.86 17.60
CA PHE A 54 -8.04 -19.62 18.18
C PHE A 54 -7.18 -20.89 18.11
N ASN A 55 -7.75 -22.06 18.36
CA ASN A 55 -7.00 -23.30 18.23
C ASN A 55 -7.57 -24.22 17.15
N ASP A 56 -8.64 -23.83 16.47
CA ASP A 56 -9.20 -24.56 15.33
C ASP A 56 -9.95 -25.83 15.73
N GLY A 57 -10.09 -26.09 17.04
CA GLY A 57 -10.89 -27.22 17.49
C GLY A 57 -12.35 -27.11 17.03
N THR A 58 -12.93 -28.23 16.60
CA THR A 58 -14.35 -28.30 16.27
C THR A 58 -14.92 -29.52 16.98
N THR A 59 -16.20 -29.44 17.34
CA THR A 59 -16.93 -30.58 17.84
C THR A 59 -18.32 -30.49 17.22
N TYR A 60 -18.87 -31.64 16.80
CA TYR A 60 -20.23 -31.67 16.28
C TYR A 60 -21.15 -32.50 17.20
N ASN A 61 -22.43 -32.11 17.24
CA ASN A 61 -23.51 -33.02 17.58
C ASN A 61 -23.51 -34.17 16.58
N GLN A 62 -23.61 -35.41 17.09
CA GLN A 62 -23.61 -36.63 16.28
C GLN A 62 -24.71 -36.60 15.22
N LYS A 63 -25.87 -36.02 15.53
CA LYS A 63 -26.93 -35.81 14.56
C LYS A 63 -26.46 -34.98 13.36
N PHE A 64 -25.44 -34.12 13.51
CA PHE A 64 -25.10 -33.21 12.42
C PHE A 64 -23.72 -33.51 11.82
N LYS A 65 -23.02 -34.57 12.29
CA LYS A 65 -21.79 -35.00 11.62
C LYS A 65 -22.05 -35.21 10.13
N GLY A 66 -21.25 -34.58 9.25
CA GLY A 66 -21.38 -34.79 7.82
C GLY A 66 -22.51 -34.00 7.17
N LYS A 67 -23.55 -33.60 7.93
CA LYS A 67 -24.48 -32.63 7.40
C LYS A 67 -23.91 -31.21 7.46
N ALA A 68 -23.38 -30.82 8.63
CA ALA A 68 -22.90 -29.46 8.88
C ALA A 68 -21.38 -29.41 8.93
N THR A 69 -20.81 -28.36 8.29
CA THR A 69 -19.38 -28.09 8.35
C THR A 69 -19.11 -26.66 8.79
N LEU A 70 -18.36 -26.53 9.87
CA LEU A 70 -18.00 -25.22 10.43
C LEU A 70 -16.61 -24.84 9.93
N THR A 71 -16.47 -23.59 9.50
CA THR A 71 -15.15 -23.05 9.13
C THR A 71 -15.08 -21.60 9.62
N VAL A 72 -13.90 -20.99 9.50
CA VAL A 72 -13.75 -19.59 9.85
C VAL A 72 -12.78 -18.98 8.83
N ASP A 73 -12.93 -17.67 8.58
CA ASP A 73 -11.94 -16.87 7.90
C ASP A 73 -11.36 -15.87 8.91
N LYS A 74 -10.13 -16.11 9.38
CA LYS A 74 -9.61 -15.38 10.55
C LYS A 74 -9.27 -13.93 10.19
N SER A 75 -9.13 -13.64 8.90
CA SER A 75 -8.79 -12.29 8.43
C SER A 75 -10.02 -11.40 8.37
N SER A 76 -11.22 -11.97 8.17
CA SER A 76 -12.44 -11.18 8.06
C SER A 76 -13.31 -11.32 9.32
N SER A 77 -12.86 -12.13 10.28
CA SER A 77 -13.63 -12.40 11.48
C SER A 77 -15.00 -12.95 11.14
N THR A 78 -15.06 -13.97 10.28
CA THR A 78 -16.32 -14.53 9.85
C THR A 78 -16.31 -16.04 10.08
N ALA A 79 -17.38 -16.55 10.72
CA ALA A 79 -17.63 -17.98 10.84
C ALA A 79 -18.67 -18.42 9.80
N TYR A 80 -18.54 -19.66 9.35
CA TYR A 80 -19.42 -20.15 8.32
C TYR A 80 -19.95 -21.52 8.71
N MET A 81 -21.24 -21.75 8.45
CA MET A 81 -21.83 -23.06 8.64
C MET A 81 -22.39 -23.52 7.29
N HIS A 82 -21.86 -24.63 6.75
CA HIS A 82 -22.33 -25.20 5.49
C HIS A 82 -23.21 -26.44 5.75
N LEU A 83 -24.41 -26.45 5.17
CA LEU A 83 -25.33 -27.58 5.31
C LEU A 83 -25.41 -28.29 3.96
N SER A 84 -25.20 -29.63 3.95
CA SER A 84 -25.29 -30.43 2.74
C SER A 84 -26.67 -31.11 2.61
N SER A 85 -27.14 -31.25 1.35
CA SER A 85 -28.32 -32.04 1.02
C SER A 85 -29.54 -31.61 1.87
N LEU A 86 -30.04 -30.39 1.61
CA LEU A 86 -31.08 -29.78 2.43
C LEU A 86 -32.38 -30.57 2.31
N THR A 87 -33.05 -30.83 3.43
CA THR A 87 -34.34 -31.50 3.46
C THR A 87 -35.35 -30.61 4.20
N SER A 88 -36.62 -30.98 4.14
CA SER A 88 -37.69 -30.23 4.79
C SER A 88 -37.36 -30.05 6.28
N GLU A 89 -36.65 -31.02 6.87
CA GLU A 89 -36.31 -30.96 8.28
C GLU A 89 -35.18 -29.95 8.55
N ASP A 90 -34.61 -29.35 7.50
CA ASP A 90 -33.55 -28.37 7.64
C ASP A 90 -34.14 -26.97 7.66
N SER A 91 -35.45 -26.85 7.38
CA SER A 91 -36.15 -25.57 7.46
C SER A 91 -36.18 -25.08 8.90
N ALA A 92 -35.53 -23.95 9.18
CA ALA A 92 -35.33 -23.52 10.56
C ALA A 92 -34.65 -22.16 10.59
N VAL A 93 -34.49 -21.64 11.81
CA VAL A 93 -33.64 -20.48 12.06
C VAL A 93 -32.34 -20.96 12.68
N TYR A 94 -31.21 -20.53 12.09
CA TYR A 94 -29.88 -20.89 12.55
C TYR A 94 -29.23 -19.68 13.23
N TYR A 95 -28.77 -19.89 14.47
CA TYR A 95 -28.06 -18.89 15.27
C TYR A 95 -26.60 -19.30 15.45
N CYS A 96 -25.68 -18.33 15.38
CA CYS A 96 -24.35 -18.42 15.97
C CYS A 96 -24.35 -17.70 17.34
N ALA A 97 -23.43 -18.10 18.24
CA ALA A 97 -23.42 -17.62 19.61
C ALA A 97 -22.01 -17.70 20.17
N LYS A 98 -21.59 -16.65 20.85
CA LYS A 98 -20.29 -16.59 21.49
C LYS A 98 -20.40 -17.28 22.85
N LEU A 99 -19.50 -18.23 23.15
CA LEU A 99 -19.30 -18.78 24.49
C LEU A 99 -17.87 -18.46 24.91
N GLY A 100 -17.70 -17.62 25.94
CA GLY A 100 -16.35 -17.30 26.35
C GLY A 100 -15.98 -18.04 27.62
N PRO A 101 -15.03 -17.50 28.43
CA PRO A 101 -14.49 -18.23 29.58
C PRO A 101 -15.48 -18.65 30.68
N TYR A 102 -16.66 -18.00 30.75
CA TYR A 102 -17.64 -18.35 31.76
C TYR A 102 -18.64 -19.40 31.30
N TRP A 103 -18.62 -19.80 30.01
CA TRP A 103 -19.38 -20.95 29.55
C TRP A 103 -20.88 -20.70 29.64
N TYR A 104 -21.27 -19.43 29.42
CA TYR A 104 -22.64 -19.04 29.15
C TYR A 104 -22.66 -18.33 27.79
N PHE A 105 -23.75 -18.46 27.06
CA PHE A 105 -23.81 -17.93 25.73
C PHE A 105 -24.26 -16.47 25.81
N ASP A 106 -23.30 -15.54 25.76
CA ASP A 106 -23.56 -14.16 26.16
C ASP A 106 -23.82 -13.23 24.96
N VAL A 107 -23.36 -13.59 23.77
CA VAL A 107 -23.74 -12.85 22.58
C VAL A 107 -24.36 -13.79 21.53
N TRP A 108 -25.44 -13.35 20.89
CA TRP A 108 -26.07 -14.13 19.84
C TRP A 108 -26.30 -13.34 18.58
N GLY A 109 -26.09 -14.00 17.43
CA GLY A 109 -26.55 -13.45 16.17
C GLY A 109 -28.08 -13.39 16.17
N ALA A 110 -28.67 -12.56 15.32
CA ALA A 110 -30.12 -12.45 15.25
C ALA A 110 -30.76 -13.62 14.50
N GLY A 111 -29.97 -14.48 13.84
CA GLY A 111 -30.56 -15.66 13.25
C GLY A 111 -30.83 -15.51 11.76
N THR A 112 -30.65 -16.60 11.03
CA THR A 112 -30.86 -16.71 9.59
C THR A 112 -31.89 -17.81 9.37
N THR A 113 -32.97 -17.44 8.66
CA THR A 113 -34.01 -18.39 8.31
C THR A 113 -33.64 -19.11 7.02
N VAL A 114 -33.66 -20.44 7.09
CA VAL A 114 -33.52 -21.27 5.91
C VAL A 114 -34.83 -21.99 5.67
N THR A 115 -35.38 -21.82 4.46
CA THR A 115 -36.65 -22.43 4.05
C THR A 115 -36.38 -23.41 2.92
N VAL A 116 -36.74 -24.68 3.14
CA VAL A 116 -36.53 -25.75 2.16
C VAL A 116 -37.89 -26.16 1.57
N SER A 117 -38.06 -25.86 0.28
CA SER A 117 -39.35 -26.00 -0.40
C SER A 117 -39.13 -26.29 -1.89
N SER A 118 -39.85 -27.28 -2.45
CA SER A 118 -39.74 -27.55 -3.88
C SER A 118 -40.78 -26.79 -4.68
N ALA A 119 -41.64 -26.03 -3.96
CA ALA A 119 -42.70 -25.22 -4.55
C ALA A 119 -42.15 -24.14 -5.48
N LYS A 120 -42.93 -23.78 -6.51
CA LYS A 120 -42.52 -22.81 -7.52
C LYS A 120 -43.06 -21.43 -7.15
N THR A 121 -42.51 -20.37 -7.75
CA THR A 121 -43.01 -19.01 -7.54
C THR A 121 -44.41 -18.89 -8.12
N THR A 122 -45.41 -18.70 -7.24
CA THR A 122 -46.78 -18.47 -7.66
C THR A 122 -47.28 -17.17 -7.02
N ALA A 123 -47.83 -16.27 -7.85
CA ALA A 123 -48.42 -15.01 -7.39
C ALA A 123 -49.68 -15.30 -6.59
N PRO A 124 -50.12 -14.34 -5.73
CA PRO A 124 -51.35 -14.51 -4.96
C PRO A 124 -52.60 -14.12 -5.76
N SER A 125 -53.68 -14.84 -5.46
CA SER A 125 -55.02 -14.41 -5.83
C SER A 125 -55.61 -13.64 -4.65
N VAL A 126 -56.05 -12.40 -4.91
CA VAL A 126 -56.52 -11.47 -3.89
C VAL A 126 -58.04 -11.39 -3.97
N TYR A 127 -58.69 -11.70 -2.83
CA TYR A 127 -60.15 -11.73 -2.77
C TYR A 127 -60.64 -10.66 -1.79
N PRO A 128 -61.79 -10.00 -2.09
CA PRO A 128 -62.39 -9.04 -1.17
C PRO A 128 -63.07 -9.76 0.00
N LEU A 129 -63.11 -9.06 1.12
CA LEU A 129 -63.85 -9.52 2.29
C LEU A 129 -64.79 -8.40 2.75
N ALA A 130 -66.09 -8.66 2.58
CA ALA A 130 -67.17 -7.75 2.96
C ALA A 130 -68.16 -8.51 3.84
N PRO A 131 -68.98 -7.81 4.66
CA PRO A 131 -69.94 -8.49 5.53
C PRO A 131 -71.14 -9.00 4.73
N VAL A 132 -71.91 -9.89 5.37
CA VAL A 132 -73.22 -10.21 4.87
C VAL A 132 -74.11 -8.97 5.09
N CYS A 133 -74.79 -8.51 4.02
CA CYS A 133 -75.31 -7.15 3.98
C CYS A 133 -76.55 -7.01 4.85
N GLY A 134 -77.12 -8.13 5.31
CA GLY A 134 -78.11 -8.15 6.37
C GLY A 134 -77.55 -7.59 7.68
N ASP A 135 -76.33 -8.01 8.03
CA ASP A 135 -75.64 -7.54 9.23
C ASP A 135 -74.83 -6.28 8.90
N THR A 136 -75.54 -5.29 8.36
CA THR A 136 -75.00 -3.97 8.10
C THR A 136 -75.23 -3.07 9.33
N THR A 137 -76.12 -3.50 10.23
CA THR A 137 -76.62 -2.67 11.33
C THR A 137 -75.67 -2.79 12.53
N GLY A 138 -74.97 -1.67 12.81
CA GLY A 138 -73.93 -1.58 13.83
C GLY A 138 -73.04 -0.39 13.51
N SER A 139 -72.50 0.27 14.54
CA SER A 139 -71.90 1.60 14.34
C SER A 139 -70.55 1.51 13.62
N SER A 140 -69.83 0.39 13.79
CA SER A 140 -68.61 0.13 13.06
C SER A 140 -68.79 -1.11 12.18
N VAL A 141 -68.02 -1.15 11.08
CA VAL A 141 -67.99 -2.35 10.27
C VAL A 141 -66.52 -2.74 10.01
N THR A 142 -66.29 -4.06 9.89
CA THR A 142 -64.98 -4.62 9.63
C THR A 142 -64.94 -5.29 8.25
N LEU A 143 -64.02 -4.83 7.40
CA LEU A 143 -63.80 -5.40 6.09
C LEU A 143 -62.54 -6.29 6.12
N GLY A 144 -62.02 -6.64 4.94
CA GLY A 144 -60.86 -7.51 4.87
C GLY A 144 -60.40 -7.76 3.44
N CYS A 145 -59.33 -8.55 3.32
CA CYS A 145 -58.62 -8.74 2.07
C CYS A 145 -57.88 -10.07 2.18
N LEU A 146 -58.42 -11.12 1.54
CA LEU A 146 -57.84 -12.46 1.61
C LEU A 146 -56.79 -12.62 0.51
N VAL A 147 -55.57 -13.01 0.90
CA VAL A 147 -54.48 -13.29 -0.04
C VAL A 147 -54.18 -14.80 -0.02
N LYS A 148 -54.51 -15.49 -1.13
CA LYS A 148 -54.49 -16.95 -1.15
C LYS A 148 -53.50 -17.48 -2.18
N GLY A 149 -52.79 -18.55 -1.80
CA GLY A 149 -51.91 -19.29 -2.70
C GLY A 149 -50.79 -18.43 -3.27
N TYR A 150 -49.93 -17.93 -2.38
CA TYR A 150 -48.74 -17.22 -2.82
C TYR A 150 -47.52 -18.00 -2.36
N PHE A 151 -46.43 -17.81 -3.10
CA PHE A 151 -45.16 -18.38 -2.79
C PHE A 151 -44.09 -17.68 -3.64
N PRO A 152 -42.96 -17.26 -3.03
CA PRO A 152 -42.75 -17.39 -1.60
C PRO A 152 -43.10 -16.14 -0.79
N GLU A 153 -43.06 -16.27 0.54
CA GLU A 153 -43.02 -15.13 1.42
C GLU A 153 -41.83 -14.24 1.05
N PRO A 154 -41.92 -12.90 1.14
CA PRO A 154 -43.07 -12.23 1.74
C PRO A 154 -44.07 -11.63 0.74
N VAL A 155 -45.18 -11.16 1.32
CA VAL A 155 -46.15 -10.29 0.69
C VAL A 155 -46.34 -9.10 1.62
N THR A 156 -46.61 -7.92 1.05
CA THR A 156 -46.89 -6.74 1.86
C THR A 156 -48.26 -6.18 1.47
N LEU A 157 -49.10 -5.98 2.49
CA LEU A 157 -50.50 -5.63 2.31
C LEU A 157 -50.80 -4.33 3.05
N THR A 158 -51.37 -3.35 2.33
CA THR A 158 -51.69 -2.05 2.89
C THR A 158 -53.15 -1.72 2.57
N TRP A 159 -53.59 -0.52 2.99
CA TRP A 159 -54.95 -0.08 2.79
C TRP A 159 -54.98 1.34 2.25
N ASN A 160 -55.68 1.54 1.13
CA ASN A 160 -55.83 2.86 0.51
C ASN A 160 -54.45 3.46 0.30
N SER A 161 -53.52 2.63 -0.20
CA SER A 161 -52.16 3.04 -0.52
C SER A 161 -51.47 3.63 0.71
N GLY A 162 -51.71 3.04 1.89
CA GLY A 162 -50.99 3.38 3.11
C GLY A 162 -51.58 4.55 3.89
N SER A 163 -52.67 5.13 3.37
CA SER A 163 -53.30 6.29 4.01
C SER A 163 -54.11 5.85 5.23
N LEU A 164 -54.78 4.69 5.13
CA LEU A 164 -55.55 4.13 6.23
C LEU A 164 -54.69 3.16 7.04
N SER A 165 -54.41 3.51 8.32
CA SER A 165 -53.42 2.82 9.12
C SER A 165 -54.03 2.17 10.37
N SER A 166 -55.00 2.84 11.02
CA SER A 166 -55.57 2.32 12.25
C SER A 166 -56.83 1.51 11.95
N GLY A 167 -57.15 0.61 12.88
CA GLY A 167 -58.24 -0.35 12.72
C GLY A 167 -57.80 -1.65 12.04
N VAL A 168 -56.52 -1.71 11.61
CA VAL A 168 -56.03 -2.73 10.69
C VAL A 168 -55.43 -3.90 11.47
N HIS A 169 -55.68 -5.12 10.99
CA HIS A 169 -55.07 -6.31 11.54
C HIS A 169 -54.63 -7.20 10.40
N THR A 170 -53.32 -7.37 10.22
CA THR A 170 -52.77 -8.31 9.27
C THR A 170 -52.23 -9.54 10.02
N PHE A 171 -52.81 -10.70 9.69
CA PHE A 171 -52.59 -11.93 10.43
C PHE A 171 -51.37 -12.63 9.84
N PRO A 172 -50.74 -13.56 10.58
CA PRO A 172 -49.64 -14.33 10.00
C PRO A 172 -50.17 -15.32 8.96
N ALA A 173 -49.30 -15.71 8.03
CA ALA A 173 -49.64 -16.62 6.96
C ALA A 173 -49.69 -18.06 7.47
N VAL A 174 -50.55 -18.85 6.83
CA VAL A 174 -50.65 -20.30 7.05
C VAL A 174 -50.06 -20.98 5.83
N LEU A 175 -49.58 -22.23 6.01
CA LEU A 175 -49.00 -22.98 4.91
C LEU A 175 -50.00 -24.02 4.41
N GLN A 176 -50.46 -23.85 3.17
CA GLN A 176 -51.58 -24.63 2.63
C GLN A 176 -51.16 -25.23 1.30
N SER A 177 -50.67 -26.48 1.35
CA SER A 177 -50.21 -27.18 0.16
C SER A 177 -49.02 -26.46 -0.46
N ASP A 178 -48.05 -26.09 0.38
CA ASP A 178 -46.77 -25.59 -0.08
C ASP A 178 -46.89 -24.17 -0.62
N LEU A 179 -48.07 -23.57 -0.46
CA LEU A 179 -48.27 -22.14 -0.76
C LEU A 179 -48.78 -21.48 0.52
N TYR A 180 -48.60 -20.16 0.60
CA TYR A 180 -49.05 -19.41 1.78
C TYR A 180 -50.39 -18.75 1.48
N THR A 181 -51.24 -18.58 2.51
CA THR A 181 -52.38 -17.66 2.41
C THR A 181 -52.41 -16.73 3.62
N LEU A 182 -52.93 -15.51 3.43
CA LEU A 182 -52.94 -14.46 4.43
C LEU A 182 -54.35 -13.92 4.61
N SER A 183 -54.50 -12.92 5.48
CA SER A 183 -55.66 -12.04 5.46
C SER A 183 -55.37 -10.81 6.33
N SER A 184 -55.97 -9.68 5.95
CA SER A 184 -55.92 -8.47 6.75
C SER A 184 -57.28 -7.80 6.78
N SER A 185 -57.72 -7.35 7.96
CA SER A 185 -59.05 -6.81 8.19
C SER A 185 -58.96 -5.40 8.78
N VAL A 186 -59.93 -4.54 8.39
CA VAL A 186 -59.99 -3.16 8.84
C VAL A 186 -61.34 -2.90 9.49
N THR A 187 -61.33 -2.03 10.52
CA THR A 187 -62.55 -1.53 11.14
C THR A 187 -62.67 -0.01 10.92
N VAL A 188 -63.78 0.38 10.28
CA VAL A 188 -64.14 1.78 10.08
C VAL A 188 -65.61 1.96 10.44
N THR A 189 -66.06 3.23 10.49
CA THR A 189 -67.40 3.59 10.94
C THR A 189 -68.42 3.22 9.86
N SER A 190 -69.63 2.84 10.31
CA SER A 190 -70.70 2.41 9.41
C SER A 190 -71.06 3.50 8.41
N SER A 191 -70.74 4.76 8.73
CA SER A 191 -70.95 5.89 7.82
C SER A 191 -69.84 6.01 6.77
N THR A 192 -68.61 5.57 7.12
CA THR A 192 -67.47 5.68 6.22
C THR A 192 -67.63 4.72 5.03
N TRP A 193 -68.29 3.57 5.27
CA TRP A 193 -68.43 2.55 4.25
C TRP A 193 -69.88 2.07 4.21
N PRO A 194 -70.53 1.87 3.03
CA PRO A 194 -69.87 1.87 1.72
C PRO A 194 -69.68 3.22 1.02
N SER A 195 -69.72 4.29 1.81
CA SER A 195 -69.68 5.64 1.27
C SER A 195 -68.30 5.95 0.67
N GLN A 196 -67.23 5.55 1.36
CA GLN A 196 -65.87 5.86 0.91
C GLN A 196 -65.22 4.64 0.27
N SER A 197 -64.14 4.91 -0.48
CA SER A 197 -63.39 3.90 -1.20
C SER A 197 -62.43 3.19 -0.25
N ILE A 198 -62.68 1.88 0.01
CA ILE A 198 -61.77 1.06 0.80
C ILE A 198 -61.12 0.04 -0.13
N THR A 199 -59.82 0.25 -0.41
CA THR A 199 -59.06 -0.57 -1.35
C THR A 199 -57.80 -1.10 -0.66
N CYS A 200 -57.56 -2.42 -0.77
CA CYS A 200 -56.31 -3.01 -0.29
C CYS A 200 -55.32 -3.11 -1.45
N ASN A 201 -54.04 -2.93 -1.10
CA ASN A 201 -52.95 -2.91 -2.05
C ASN A 201 -51.96 -4.02 -1.67
N VAL A 202 -52.11 -5.16 -2.32
CA VAL A 202 -51.30 -6.34 -2.06
C VAL A 202 -50.12 -6.37 -3.03
N ALA A 203 -48.91 -6.59 -2.49
CA ALA A 203 -47.71 -6.69 -3.29
C ALA A 203 -47.02 -8.03 -3.03
N HIS A 204 -46.62 -8.73 -4.10
CA HIS A 204 -45.78 -9.91 -4.02
C HIS A 204 -44.51 -9.68 -4.84
N PRO A 205 -43.42 -9.15 -4.24
CA PRO A 205 -42.27 -8.67 -5.03
C PRO A 205 -41.58 -9.81 -5.78
N ALA A 206 -41.56 -11.00 -5.18
CA ALA A 206 -40.84 -12.15 -5.73
C ALA A 206 -41.49 -12.69 -7.02
N SER A 207 -42.57 -12.07 -7.49
CA SER A 207 -43.07 -12.32 -8.83
C SER A 207 -43.44 -10.99 -9.50
N SER A 208 -43.01 -9.88 -8.91
CA SER A 208 -43.28 -8.55 -9.41
C SER A 208 -44.77 -8.38 -9.76
N THR A 209 -45.64 -8.75 -8.82
CA THR A 209 -47.08 -8.59 -8.99
C THR A 209 -47.64 -7.81 -7.81
N LYS A 210 -47.90 -6.51 -8.05
CA LYS A 210 -48.66 -5.68 -7.14
C LYS A 210 -50.09 -5.57 -7.66
N VAL A 211 -51.07 -5.62 -6.73
CA VAL A 211 -52.48 -5.74 -7.05
C VAL A 211 -53.27 -4.82 -6.13
N ASP A 212 -54.27 -4.11 -6.69
CA ASP A 212 -55.24 -3.34 -5.92
C ASP A 212 -56.61 -4.00 -6.05
N LYS A 213 -57.47 -3.75 -5.07
CA LYS A 213 -58.79 -4.37 -5.00
C LYS A 213 -59.66 -3.61 -4.00
N LYS A 214 -60.74 -2.99 -4.48
CA LYS A 214 -61.67 -2.23 -3.67
C LYS A 214 -62.87 -3.11 -3.31
N ILE A 215 -63.62 -2.75 -2.24
CA ILE A 215 -64.58 -3.67 -1.65
C ILE A 215 -65.98 -3.05 -1.60
N GLU A 216 -67.00 -3.85 -1.99
CA GLU A 216 -68.41 -3.47 -2.04
C GLU A 216 -69.28 -4.59 -1.45
N PRO A 217 -70.55 -4.34 -1.05
CA PRO A 217 -71.43 -5.38 -0.47
C PRO A 217 -71.87 -6.50 -1.41
N GLN B 1 -27.11 -39.79 22.75
CA GLN B 1 -28.29 -38.88 22.65
C GLN B 1 -28.90 -38.66 24.03
N ALA B 2 -28.17 -37.95 24.92
CA ALA B 2 -28.72 -37.49 26.19
C ALA B 2 -29.87 -36.52 25.88
N VAL B 3 -30.96 -36.64 26.63
CA VAL B 3 -32.11 -35.77 26.41
C VAL B 3 -32.28 -34.90 27.65
N VAL B 4 -32.55 -33.60 27.42
CA VAL B 4 -32.67 -32.67 28.52
C VAL B 4 -34.12 -32.22 28.55
N THR B 5 -34.71 -32.27 29.75
CA THR B 5 -36.14 -32.04 29.88
C THR B 5 -36.38 -30.84 30.81
N GLN B 6 -37.25 -29.96 30.31
CA GLN B 6 -37.75 -28.83 31.08
C GLN B 6 -39.27 -28.80 30.94
N GLU B 7 -39.97 -28.23 31.93
CA GLU B 7 -41.41 -28.12 31.85
C GLU B 7 -41.74 -27.21 30.69
N SER B 8 -42.79 -27.55 29.95
CA SER B 8 -43.08 -26.98 28.64
C SER B 8 -43.49 -25.49 28.73
N ALA B 9 -44.35 -25.17 29.70
CA ALA B 9 -44.96 -23.85 29.85
C ALA B 9 -45.34 -23.61 31.31
N LEU B 10 -45.49 -22.34 31.67
CA LEU B 10 -45.80 -21.94 33.03
C LEU B 10 -46.37 -20.53 32.98
N THR B 11 -47.42 -20.25 33.77
CA THR B 11 -48.08 -18.95 33.78
C THR B 11 -48.06 -18.42 35.20
N THR B 12 -47.47 -17.23 35.38
CA THR B 12 -47.44 -16.63 36.71
C THR B 12 -47.96 -15.19 36.70
N SER B 13 -48.25 -14.72 37.91
CA SER B 13 -48.53 -13.31 38.15
C SER B 13 -47.23 -12.61 38.57
N PRO B 14 -47.11 -11.29 38.34
CA PRO B 14 -45.98 -10.51 38.84
C PRO B 14 -45.88 -10.63 40.35
N GLY B 15 -44.64 -10.68 40.87
CA GLY B 15 -44.37 -10.75 42.30
C GLY B 15 -44.14 -12.19 42.77
N GLU B 16 -44.67 -13.18 42.04
CA GLU B 16 -44.52 -14.57 42.43
C GLU B 16 -43.06 -14.94 42.31
N THR B 17 -42.63 -15.93 43.09
CA THR B 17 -41.38 -16.64 42.88
C THR B 17 -41.65 -17.85 41.99
N VAL B 18 -40.85 -18.02 40.94
CA VAL B 18 -41.01 -19.13 40.01
C VAL B 18 -39.69 -19.88 39.96
N THR B 19 -39.76 -21.20 39.87
CA THR B 19 -38.60 -22.06 39.78
C THR B 19 -38.75 -22.92 38.54
N LEU B 20 -37.85 -22.81 37.56
CA LEU B 20 -37.87 -23.70 36.41
C LEU B 20 -36.82 -24.81 36.59
N THR B 21 -37.07 -25.99 35.99
CA THR B 21 -36.19 -27.13 36.21
C THR B 21 -35.66 -27.62 34.87
N CYS B 22 -34.57 -28.40 34.99
CA CYS B 22 -33.72 -28.88 33.92
C CYS B 22 -33.13 -30.25 34.32
N ARG B 23 -33.63 -31.31 33.66
CA ARG B 23 -33.37 -32.69 34.06
C ARG B 23 -32.63 -33.41 32.94
N SER B 24 -31.63 -34.21 33.33
CA SER B 24 -30.82 -35.04 32.44
C SER B 24 -31.40 -36.45 32.35
N SER B 25 -31.63 -36.96 31.13
CA SER B 25 -32.20 -38.30 30.95
C SER B 25 -31.22 -39.40 31.40
N THR B 26 -29.92 -39.10 31.44
CA THR B 26 -28.94 -40.10 31.77
C THR B 26 -28.77 -40.24 33.28
N GLY B 27 -29.44 -39.43 34.09
CA GLY B 27 -29.24 -39.50 35.53
C GLY B 27 -29.16 -38.10 36.15
N ALA B 28 -28.58 -37.98 37.33
CA ALA B 28 -28.58 -36.71 38.07
C ALA B 28 -27.84 -35.63 37.30
N VAL B 29 -28.40 -34.42 37.26
CA VAL B 29 -27.63 -33.23 36.94
C VAL B 29 -26.66 -32.96 38.09
N THR B 30 -25.39 -32.76 37.74
CA THR B 30 -24.32 -32.57 38.70
C THR B 30 -23.56 -31.29 38.33
N THR B 31 -22.72 -30.81 39.25
CA THR B 31 -21.86 -29.68 39.02
C THR B 31 -21.21 -29.81 37.65
N SER B 32 -20.79 -31.01 37.28
CA SER B 32 -19.95 -31.15 36.10
C SER B 32 -20.80 -31.09 34.84
N ASN B 33 -22.10 -30.84 34.99
CA ASN B 33 -22.94 -30.56 33.85
C ASN B 33 -22.90 -29.06 33.52
N TYR B 34 -22.37 -28.23 34.46
CA TYR B 34 -22.16 -26.80 34.25
C TYR B 34 -23.37 -26.13 33.57
N ALA B 35 -24.54 -26.30 34.21
CA ALA B 35 -25.75 -25.85 33.59
C ALA B 35 -25.63 -24.39 33.23
N ASN B 36 -26.02 -24.02 32.00
CA ASN B 36 -26.20 -22.61 31.64
C ASN B 36 -27.64 -22.35 31.20
N TRP B 37 -28.03 -21.07 31.14
CA TRP B 37 -29.39 -20.71 30.77
C TRP B 37 -29.38 -19.49 29.87
N VAL B 38 -30.25 -19.52 28.85
CA VAL B 38 -30.48 -18.37 28.00
C VAL B 38 -31.98 -18.05 28.03
N GLN B 39 -32.28 -16.80 27.71
CA GLN B 39 -33.63 -16.28 27.63
C GLN B 39 -33.92 -15.80 26.21
N GLU B 40 -34.97 -16.36 25.60
CA GLU B 40 -35.41 -15.90 24.30
C GLU B 40 -36.65 -15.02 24.45
N LYS B 41 -36.53 -13.76 24.02
CA LYS B 41 -37.63 -12.82 24.03
C LYS B 41 -38.16 -12.71 22.61
N PRO B 42 -39.38 -12.15 22.43
CA PRO B 42 -39.87 -11.78 21.10
C PRO B 42 -38.84 -11.09 20.19
N ASP B 43 -39.03 -11.32 18.90
CA ASP B 43 -38.10 -10.92 17.86
C ASP B 43 -36.84 -11.78 17.91
N HIS B 44 -36.95 -13.02 18.44
CA HIS B 44 -35.79 -13.92 18.51
C HIS B 44 -34.58 -13.31 19.22
N LEU B 45 -34.80 -12.57 20.30
CA LEU B 45 -33.71 -11.94 21.04
C LEU B 45 -33.25 -12.92 22.11
N PHE B 46 -32.11 -13.60 21.87
CA PHE B 46 -31.48 -14.43 22.88
C PHE B 46 -30.51 -13.60 23.74
N THR B 47 -30.58 -13.73 25.06
CA THR B 47 -29.49 -13.27 25.93
C THR B 47 -29.18 -14.32 27.02
N GLY B 48 -27.90 -14.46 27.38
CA GLY B 48 -27.48 -15.46 28.33
C GLY B 48 -27.70 -14.96 29.74
N LEU B 49 -28.01 -15.89 30.67
CA LEU B 49 -28.43 -15.56 32.01
C LEU B 49 -27.44 -16.05 33.06
N ILE B 50 -27.23 -17.36 33.03
CA ILE B 50 -26.53 -18.06 34.10
C ILE B 50 -25.52 -18.98 33.44
N GLY B 51 -24.38 -19.17 34.10
CA GLY B 51 -23.42 -20.16 33.70
C GLY B 51 -22.90 -20.87 34.93
N GLY B 52 -22.22 -22.00 34.74
CA GLY B 52 -21.63 -22.68 35.88
C GLY B 52 -22.66 -23.01 36.94
N THR B 53 -23.86 -23.43 36.53
CA THR B 53 -24.96 -23.70 37.44
C THR B 53 -25.52 -22.44 38.10
N ASN B 54 -24.68 -21.53 38.61
CA ASN B 54 -25.22 -20.48 39.47
C ASN B 54 -24.59 -19.12 39.25
N ASN B 55 -23.95 -18.89 38.11
CA ASN B 55 -23.17 -17.68 37.96
C ASN B 55 -23.90 -16.76 37.00
N ARG B 56 -24.49 -15.67 37.52
CA ARG B 56 -25.14 -14.69 36.67
C ARG B 56 -24.15 -14.01 35.74
N ALA B 57 -24.56 -13.93 34.46
CA ALA B 57 -23.92 -13.10 33.45
C ALA B 57 -24.04 -11.61 33.81
N PRO B 58 -23.13 -10.74 33.33
CA PRO B 58 -23.23 -9.31 33.62
C PRO B 58 -24.55 -8.71 33.13
N GLY B 59 -25.11 -7.86 34.00
CA GLY B 59 -26.32 -7.12 33.69
C GLY B 59 -27.59 -7.91 34.00
N VAL B 60 -27.47 -9.21 34.29
CA VAL B 60 -28.64 -10.00 34.63
C VAL B 60 -29.08 -9.65 36.04
N PRO B 61 -30.37 -9.30 36.26
CA PRO B 61 -30.83 -8.85 37.58
C PRO B 61 -30.71 -9.96 38.62
N ALA B 62 -30.53 -9.56 39.89
CA ALA B 62 -30.30 -10.48 40.99
C ALA B 62 -31.51 -11.34 41.34
N ARG B 63 -32.71 -10.98 40.82
CA ARG B 63 -33.89 -11.82 40.99
C ARG B 63 -33.71 -13.20 40.36
N PHE B 64 -32.75 -13.32 39.41
CA PHE B 64 -32.38 -14.57 38.79
C PHE B 64 -31.27 -15.31 39.55
N SER B 65 -31.50 -16.61 39.81
CA SER B 65 -30.53 -17.39 40.56
C SER B 65 -30.54 -18.80 40.01
N GLY B 66 -29.33 -19.36 40.03
CA GLY B 66 -29.10 -20.72 39.59
C GLY B 66 -28.76 -21.62 40.78
N SER B 67 -29.21 -22.88 40.67
CA SER B 67 -28.93 -23.88 41.69
C SER B 67 -29.18 -25.30 41.16
N LEU B 68 -28.59 -26.25 41.90
CA LEU B 68 -28.94 -27.65 41.80
C LEU B 68 -29.98 -27.90 42.88
N ILE B 69 -31.11 -28.47 42.49
CA ILE B 69 -32.17 -28.81 43.43
C ILE B 69 -32.43 -30.31 43.27
N GLY B 70 -32.09 -31.07 44.30
CA GLY B 70 -32.14 -32.52 44.18
C GLY B 70 -31.18 -32.99 43.08
N ASP B 71 -31.74 -33.55 41.99
CA ASP B 71 -30.96 -34.14 40.92
C ASP B 71 -31.23 -33.47 39.57
N LYS B 72 -31.76 -32.24 39.64
CA LYS B 72 -31.95 -31.40 38.46
C LYS B 72 -31.38 -29.99 38.73
N ALA B 73 -31.04 -29.29 37.65
CA ALA B 73 -30.64 -27.90 37.74
C ALA B 73 -31.91 -27.07 37.70
N ALA B 74 -31.83 -25.89 38.35
CA ALA B 74 -33.01 -25.05 38.49
C ALA B 74 -32.63 -23.60 38.27
N LEU B 75 -33.57 -22.87 37.69
CA LEU B 75 -33.51 -21.42 37.62
C LEU B 75 -34.68 -20.84 38.40
N THR B 76 -34.36 -20.04 39.44
CA THR B 76 -35.35 -19.41 40.31
C THR B 76 -35.42 -17.90 40.04
N ILE B 77 -36.65 -17.41 39.81
CA ILE B 77 -36.92 -15.99 39.61
C ILE B 77 -37.68 -15.51 40.85
N THR B 78 -37.02 -14.70 41.68
CA THR B 78 -37.60 -14.26 42.95
C THR B 78 -38.19 -12.88 42.71
N GLY B 79 -39.51 -12.85 42.54
CA GLY B 79 -40.28 -11.66 42.21
C GLY B 79 -40.35 -11.46 40.70
N ALA B 80 -41.05 -12.38 40.00
CA ALA B 80 -41.08 -12.31 38.55
C ALA B 80 -41.70 -10.99 38.11
N GLN B 81 -41.20 -10.44 37.01
CA GLN B 81 -41.77 -9.23 36.46
C GLN B 81 -42.24 -9.47 35.02
N THR B 82 -43.04 -8.53 34.53
CA THR B 82 -43.70 -8.72 33.24
C THR B 82 -42.64 -8.82 32.16
N GLU B 83 -41.51 -8.14 32.38
CA GLU B 83 -40.41 -8.09 31.41
C GLU B 83 -39.68 -9.45 31.36
N ASP B 84 -39.95 -10.33 32.33
CA ASP B 84 -39.34 -11.64 32.38
C ASP B 84 -40.15 -12.66 31.56
N GLU B 85 -41.29 -12.28 31.01
CA GLU B 85 -41.98 -13.09 30.01
C GLU B 85 -41.04 -13.46 28.87
N ALA B 86 -40.80 -14.75 28.66
CA ALA B 86 -39.80 -15.22 27.72
C ALA B 86 -39.86 -16.75 27.63
N ILE B 87 -38.98 -17.31 26.80
CA ILE B 87 -38.70 -18.73 26.80
C ILE B 87 -37.34 -18.92 27.42
N TYR B 88 -37.23 -19.84 28.38
CA TYR B 88 -35.97 -20.11 29.07
C TYR B 88 -35.47 -21.48 28.66
N PHE B 89 -34.25 -21.54 28.14
CA PHE B 89 -33.56 -22.78 27.85
C PHE B 89 -32.37 -22.97 28.78
N CYS B 90 -32.26 -24.18 29.33
CA CYS B 90 -31.03 -24.64 29.91
C CYS B 90 -30.29 -25.50 28.88
N ALA B 91 -28.96 -25.50 28.98
CA ALA B 91 -28.11 -26.44 28.27
C ALA B 91 -27.23 -27.12 29.31
N LEU B 92 -27.01 -28.42 29.08
CA LEU B 92 -26.14 -29.24 29.93
C LEU B 92 -24.85 -29.60 29.19
N TRP B 93 -23.75 -29.70 29.93
CA TRP B 93 -22.48 -30.11 29.38
C TRP B 93 -22.25 -31.61 29.63
N TYR B 94 -22.05 -32.37 28.55
CA TYR B 94 -21.80 -33.81 28.65
C TYR B 94 -20.37 -34.12 28.20
N SER B 95 -19.38 -33.80 29.05
CA SER B 95 -17.96 -34.09 28.79
C SER B 95 -17.35 -33.27 27.64
N ASN B 96 -17.95 -33.31 26.44
CA ASN B 96 -17.36 -32.65 25.29
C ASN B 96 -18.39 -31.87 24.46
N HIS B 97 -19.67 -31.81 24.89
CA HIS B 97 -20.70 -31.18 24.06
C HIS B 97 -21.86 -30.66 24.91
N TRP B 98 -22.59 -29.68 24.37
CA TRP B 98 -23.78 -29.11 25.01
C TRP B 98 -25.03 -29.80 24.48
N VAL B 99 -25.99 -30.02 25.37
CA VAL B 99 -27.33 -30.43 24.95
C VAL B 99 -28.35 -29.45 25.50
N PHE B 100 -29.16 -28.88 24.61
CA PHE B 100 -30.23 -27.95 24.99
C PHE B 100 -31.50 -28.70 25.42
N GLY B 101 -32.18 -28.13 26.43
CA GLY B 101 -33.51 -28.56 26.77
C GLY B 101 -34.53 -27.96 25.80
N GLY B 102 -35.82 -28.28 25.99
CA GLY B 102 -36.85 -27.85 25.05
C GLY B 102 -37.40 -26.45 25.35
N GLY B 103 -36.96 -25.85 26.47
CA GLY B 103 -37.37 -24.50 26.79
C GLY B 103 -38.67 -24.50 27.62
N THR B 104 -38.76 -23.56 28.56
CA THR B 104 -39.98 -23.35 29.29
C THR B 104 -40.51 -21.99 28.86
N LYS B 105 -41.74 -21.96 28.31
CA LYS B 105 -42.42 -20.72 27.92
C LYS B 105 -43.07 -20.10 29.16
N LEU B 106 -42.52 -18.98 29.62
CA LEU B 106 -43.00 -18.35 30.83
C LEU B 106 -43.89 -17.18 30.43
N THR B 107 -45.16 -17.24 30.83
CA THR B 107 -46.08 -16.12 30.74
C THR B 107 -46.21 -15.47 32.13
N VAL B 108 -45.98 -14.15 32.14
CA VAL B 108 -46.24 -13.31 33.30
C VAL B 108 -47.43 -12.44 32.92
N LEU B 109 -48.53 -12.56 33.68
CA LEU B 109 -49.75 -11.84 33.37
C LEU B 109 -49.52 -10.37 33.67
N GLY B 110 -49.54 -9.54 32.63
CA GLY B 110 -49.17 -8.14 32.80
C GLY B 110 -50.22 -7.18 32.23
N GLN B 111 -51.46 -7.66 32.04
CA GLN B 111 -52.55 -6.83 31.53
C GLN B 111 -53.93 -7.42 31.85
N PRO B 112 -55.03 -6.66 31.75
CA PRO B 112 -56.35 -7.23 31.97
C PRO B 112 -56.66 -8.39 31.04
N LYS B 113 -57.54 -9.26 31.54
CA LYS B 113 -58.19 -10.25 30.70
C LYS B 113 -58.87 -9.50 29.57
N SER B 114 -58.85 -10.11 28.39
CA SER B 114 -59.64 -9.56 27.30
C SER B 114 -60.18 -10.70 26.47
N SER B 115 -61.50 -10.69 26.26
CA SER B 115 -62.22 -11.71 25.51
C SER B 115 -62.15 -11.42 24.01
N PRO B 116 -62.12 -12.48 23.14
CA PRO B 116 -61.99 -12.32 21.68
C PRO B 116 -63.16 -11.59 21.04
N SER B 117 -62.89 -10.64 20.15
CA SER B 117 -63.83 -10.26 19.09
C SER B 117 -63.71 -11.27 17.93
N VAL B 118 -64.84 -11.82 17.51
CA VAL B 118 -64.85 -12.77 16.43
C VAL B 118 -65.65 -12.18 15.28
N THR B 119 -64.98 -11.95 14.15
CA THR B 119 -65.66 -11.58 12.92
C THR B 119 -65.51 -12.72 11.93
N LEU B 120 -66.64 -13.18 11.37
CA LEU B 120 -66.64 -14.26 10.39
C LEU B 120 -67.13 -13.74 9.05
N PHE B 121 -66.33 -13.94 7.99
CA PHE B 121 -66.66 -13.50 6.65
C PHE B 121 -67.14 -14.66 5.77
N PRO B 122 -67.89 -14.38 4.68
CA PRO B 122 -68.28 -15.41 3.71
C PRO B 122 -67.27 -15.51 2.57
N PRO B 123 -67.29 -16.60 1.78
CA PRO B 123 -66.46 -16.71 0.57
C PRO B 123 -66.94 -15.70 -0.45
N SER B 124 -66.00 -15.13 -1.21
CA SER B 124 -66.32 -14.01 -2.10
C SER B 124 -66.79 -14.53 -3.46
N SER B 125 -67.34 -13.61 -4.27
CA SER B 125 -67.82 -13.91 -5.61
C SER B 125 -66.69 -14.47 -6.46
N GLU B 126 -65.59 -13.71 -6.52
CA GLU B 126 -64.47 -14.02 -7.40
C GLU B 126 -63.90 -15.40 -7.07
N GLU B 127 -63.80 -15.71 -5.77
CA GLU B 127 -63.20 -16.97 -5.34
C GLU B 127 -64.14 -18.10 -5.72
N LEU B 128 -65.45 -17.84 -5.66
CA LEU B 128 -66.47 -18.81 -6.06
C LEU B 128 -66.37 -19.11 -7.56
N GLU B 129 -66.00 -18.10 -8.36
CA GLU B 129 -65.78 -18.27 -9.80
C GLU B 129 -64.76 -19.35 -10.12
N THR B 130 -63.82 -19.62 -9.21
CA THR B 130 -62.77 -20.58 -9.43
C THR B 130 -63.14 -21.93 -8.79
N ASN B 131 -64.41 -22.10 -8.40
CA ASN B 131 -64.90 -23.36 -7.87
C ASN B 131 -64.23 -23.68 -6.52
N LYS B 132 -63.75 -22.63 -5.81
CA LYS B 132 -63.17 -22.82 -4.49
C LYS B 132 -63.82 -21.81 -3.55
N ALA B 133 -63.68 -22.03 -2.23
CA ALA B 133 -64.33 -21.17 -1.25
C ALA B 133 -63.61 -21.20 0.09
N THR B 134 -63.32 -20.02 0.66
CA THR B 134 -62.66 -19.95 1.97
C THR B 134 -63.42 -19.00 2.89
N LEU B 135 -63.88 -19.54 4.03
CA LEU B 135 -64.42 -18.72 5.09
C LEU B 135 -63.27 -18.27 6.00
N VAL B 136 -63.23 -16.97 6.29
CA VAL B 136 -62.17 -16.38 7.08
C VAL B 136 -62.76 -15.95 8.40
N CYS B 137 -62.17 -16.46 9.50
CA CYS B 137 -62.59 -16.15 10.86
C CYS B 137 -61.50 -15.40 11.61
N THR B 138 -61.61 -14.06 11.67
CA THR B 138 -60.64 -13.22 12.37
C THR B 138 -60.97 -13.19 13.86
N ILE B 139 -59.92 -13.37 14.68
CA ILE B 139 -60.02 -13.40 16.13
C ILE B 139 -59.08 -12.32 16.69
N THR B 140 -59.65 -11.23 17.24
CA THR B 140 -58.84 -10.11 17.72
C THR B 140 -59.08 -9.77 19.19
N ASP B 141 -58.16 -8.98 19.73
CA ASP B 141 -58.33 -8.27 20.99
C ASP B 141 -58.55 -9.21 22.19
N PHE B 142 -57.70 -10.25 22.30
CA PHE B 142 -57.80 -11.16 23.43
C PHE B 142 -56.49 -11.23 24.23
N TYR B 143 -56.64 -11.62 25.50
CA TYR B 143 -55.56 -11.76 26.46
C TYR B 143 -56.04 -12.61 27.63
N PRO B 144 -55.29 -13.64 28.08
CA PRO B 144 -54.01 -14.03 27.46
C PRO B 144 -54.15 -14.63 26.06
N GLY B 145 -53.02 -14.85 25.37
CA GLY B 145 -53.04 -15.22 23.97
C GLY B 145 -53.19 -16.73 23.74
N VAL B 146 -54.18 -17.39 24.36
CA VAL B 146 -54.41 -18.81 24.17
C VAL B 146 -55.87 -19.02 23.73
N VAL B 147 -56.07 -19.46 22.50
CA VAL B 147 -57.40 -19.71 21.95
C VAL B 147 -57.45 -21.11 21.35
N THR B 148 -58.58 -21.79 21.56
CA THR B 148 -58.94 -22.98 20.81
C THR B 148 -59.98 -22.61 19.76
N VAL B 149 -59.74 -23.04 18.52
CA VAL B 149 -60.70 -22.81 17.46
C VAL B 149 -61.42 -24.13 17.11
N ASP B 150 -62.66 -23.96 16.64
CA ASP B 150 -63.54 -25.07 16.33
C ASP B 150 -64.53 -24.60 15.26
N TRP B 151 -64.91 -25.50 14.34
CA TRP B 151 -65.79 -25.08 13.24
C TRP B 151 -67.08 -25.92 13.24
N LYS B 152 -68.20 -25.29 12.83
CA LYS B 152 -69.49 -25.96 12.75
C LYS B 152 -70.12 -25.72 11.37
N VAL B 153 -70.44 -26.80 10.65
CA VAL B 153 -71.12 -26.71 9.36
C VAL B 153 -72.54 -27.26 9.55
N ASP B 154 -73.55 -26.41 9.32
CA ASP B 154 -74.95 -26.83 9.48
C ASP B 154 -75.18 -27.38 10.90
N GLY B 155 -74.44 -26.83 11.88
CA GLY B 155 -74.54 -27.26 13.26
C GLY B 155 -73.78 -28.55 13.55
N THR B 156 -72.97 -29.03 12.58
CA THR B 156 -72.25 -30.29 12.73
C THR B 156 -70.75 -29.98 12.79
N PRO B 157 -69.99 -30.68 13.67
CA PRO B 157 -68.55 -30.44 13.82
C PRO B 157 -67.77 -30.67 12.52
N VAL B 158 -66.65 -29.96 12.35
CA VAL B 158 -65.78 -30.11 11.19
C VAL B 158 -64.53 -30.89 11.60
N THR B 159 -63.88 -31.54 10.63
CA THR B 159 -62.70 -32.37 10.89
C THR B 159 -61.50 -31.91 10.06
N GLN B 160 -61.72 -31.46 8.81
CA GLN B 160 -60.65 -31.05 7.93
C GLN B 160 -60.99 -29.75 7.19
N GLY B 161 -60.00 -29.23 6.47
CA GLY B 161 -60.14 -27.98 5.73
C GLY B 161 -59.64 -26.78 6.54
N MET B 162 -59.45 -26.97 7.87
CA MET B 162 -59.27 -25.90 8.83
C MET B 162 -57.78 -25.64 9.09
N GLU B 163 -57.37 -24.37 9.02
CA GLU B 163 -56.04 -23.95 9.48
C GLU B 163 -56.21 -22.72 10.36
N THR B 164 -55.38 -22.63 11.40
CA THR B 164 -55.48 -21.56 12.39
C THR B 164 -54.08 -21.04 12.72
N THR B 165 -53.86 -19.73 12.51
CA THR B 165 -52.56 -19.12 12.78
C THR B 165 -52.32 -19.09 14.28
N GLN B 166 -51.04 -18.99 14.65
CA GLN B 166 -50.66 -18.86 16.04
C GLN B 166 -51.02 -17.47 16.51
N PRO B 167 -51.46 -17.30 17.78
CA PRO B 167 -51.68 -15.96 18.36
C PRO B 167 -50.46 -15.09 18.18
N SER B 168 -50.66 -13.90 17.63
CA SER B 168 -49.60 -12.93 17.46
C SER B 168 -50.01 -11.63 18.13
N LYS B 169 -49.10 -10.67 18.24
CA LYS B 169 -49.31 -9.53 19.09
C LYS B 169 -49.84 -8.39 18.25
N GLN B 170 -50.76 -7.60 18.82
CA GLN B 170 -51.39 -6.48 18.15
C GLN B 170 -50.72 -5.14 18.50
N SER B 171 -51.10 -4.10 17.74
CA SER B 171 -50.65 -2.74 18.01
C SER B 171 -50.88 -2.38 19.48
N ASN B 172 -52.05 -2.77 20.02
CA ASN B 172 -52.43 -2.42 21.38
C ASN B 172 -51.95 -3.46 22.41
N ASN B 173 -51.10 -4.42 22.02
CA ASN B 173 -50.51 -5.39 22.95
C ASN B 173 -51.43 -6.55 23.32
N LYS B 174 -52.63 -6.57 22.75
CA LYS B 174 -53.48 -7.74 22.86
C LYS B 174 -53.08 -8.75 21.77
N TYR B 175 -53.76 -9.89 21.72
CA TYR B 175 -53.42 -10.92 20.75
C TYR B 175 -54.51 -11.04 19.68
N MET B 176 -54.05 -11.34 18.47
CA MET B 176 -54.94 -11.68 17.37
C MET B 176 -54.59 -13.03 16.79
N ALA B 177 -55.46 -13.54 15.94
CA ALA B 177 -55.29 -14.81 15.25
C ALA B 177 -56.34 -14.89 14.15
N SER B 178 -56.18 -15.89 13.26
CA SER B 178 -57.16 -16.10 12.20
C SER B 178 -57.25 -17.60 11.90
N SER B 179 -58.46 -18.05 11.60
CA SER B 179 -58.69 -19.42 11.19
C SER B 179 -59.40 -19.45 9.82
N TYR B 180 -59.11 -20.47 9.02
CA TYR B 180 -59.65 -20.59 7.67
C TYR B 180 -60.39 -21.93 7.54
N LEU B 181 -61.55 -21.88 6.86
CA LEU B 181 -62.28 -23.06 6.43
C LEU B 181 -62.27 -23.05 4.91
N THR B 182 -61.36 -23.83 4.31
CA THR B 182 -61.25 -23.96 2.86
C THR B 182 -62.20 -25.05 2.37
N LEU B 183 -63.27 -24.63 1.69
CA LEU B 183 -64.22 -25.55 1.07
C LEU B 183 -64.09 -25.55 -0.45
N THR B 184 -64.85 -26.45 -1.08
CA THR B 184 -65.08 -26.38 -2.52
C THR B 184 -66.41 -25.65 -2.76
N ALA B 185 -66.56 -25.06 -3.96
CA ALA B 185 -67.74 -24.27 -4.30
C ALA B 185 -69.02 -25.11 -4.26
N ARG B 186 -68.93 -26.42 -4.53
CA ARG B 186 -70.09 -27.28 -4.47
C ARG B 186 -70.47 -27.58 -3.02
N ALA B 187 -69.47 -27.80 -2.15
CA ALA B 187 -69.69 -28.08 -0.73
C ALA B 187 -70.29 -26.87 0.00
N TRP B 188 -69.92 -25.66 -0.44
CA TRP B 188 -70.51 -24.41 0.03
C TRP B 188 -72.00 -24.36 -0.26
N GLU B 189 -72.40 -24.79 -1.48
CA GLU B 189 -73.78 -24.71 -1.96
C GLU B 189 -74.63 -25.85 -1.41
N ARG B 190 -73.99 -26.95 -0.99
CA ARG B 190 -74.67 -28.12 -0.45
C ARG B 190 -75.11 -27.93 0.99
N HIS B 191 -74.53 -26.93 1.70
CA HIS B 191 -74.87 -26.68 3.10
C HIS B 191 -75.27 -25.21 3.23
N SER B 192 -76.02 -24.86 4.27
CA SER B 192 -76.65 -23.54 4.40
C SER B 192 -75.98 -22.70 5.51
N SER B 193 -75.78 -23.30 6.69
CA SER B 193 -75.33 -22.55 7.83
C SER B 193 -73.88 -22.91 8.19
N TYR B 194 -73.10 -21.90 8.57
CA TYR B 194 -71.68 -22.05 8.90
C TYR B 194 -71.33 -21.22 10.14
N SER B 195 -70.38 -21.72 10.94
CA SER B 195 -70.15 -21.16 12.27
C SER B 195 -68.72 -21.43 12.75
N CYS B 196 -68.07 -20.35 13.25
CA CYS B 196 -66.73 -20.35 13.83
C CYS B 196 -66.81 -20.28 15.35
N GLN B 197 -66.08 -21.15 16.04
CA GLN B 197 -66.17 -21.23 17.49
C GLN B 197 -64.79 -21.06 18.12
N VAL B 198 -64.69 -20.06 19.00
CA VAL B 198 -63.45 -19.69 19.66
C VAL B 198 -63.65 -19.88 21.16
N THR B 199 -62.79 -20.66 21.80
CA THR B 199 -62.83 -20.77 23.25
C THR B 199 -61.66 -20.02 23.84
N HIS B 200 -61.91 -19.40 25.00
CA HIS B 200 -60.91 -18.57 25.65
C HIS B 200 -61.18 -18.61 27.13
N GLU B 201 -60.21 -19.12 27.90
CA GLU B 201 -60.27 -19.08 29.36
C GLU B 201 -61.58 -19.64 29.92
N GLY B 202 -62.33 -20.46 29.16
CA GLY B 202 -63.51 -21.12 29.70
C GLY B 202 -64.82 -20.65 29.06
N HIS B 203 -64.85 -19.45 28.47
CA HIS B 203 -66.04 -19.03 27.74
C HIS B 203 -65.81 -19.25 26.25
N THR B 204 -66.91 -19.20 25.49
CA THR B 204 -66.89 -19.46 24.06
C THR B 204 -67.59 -18.33 23.34
N VAL B 205 -66.85 -17.61 22.49
CA VAL B 205 -67.47 -16.70 21.55
C VAL B 205 -67.70 -17.52 20.27
N GLU B 206 -68.79 -17.22 19.56
CA GLU B 206 -69.13 -17.95 18.34
C GLU B 206 -69.75 -16.95 17.36
N LYS B 207 -69.58 -17.23 16.07
CA LYS B 207 -70.28 -16.46 15.07
C LYS B 207 -70.81 -17.42 14.01
N SER B 208 -71.98 -17.08 13.45
CA SER B 208 -72.64 -17.87 12.43
C SER B 208 -72.72 -17.09 11.12
N LEU B 209 -72.93 -17.82 10.04
CA LEU B 209 -73.16 -17.24 8.73
C LEU B 209 -74.05 -18.21 7.96
N SER B 210 -75.13 -17.69 7.36
CA SER B 210 -75.99 -18.50 6.51
C SER B 210 -75.78 -18.09 5.05
N ARG B 211 -75.76 -19.09 4.16
CA ARG B 211 -75.44 -18.86 2.76
C ARG B 211 -76.57 -18.09 2.07
N ALA B 212 -77.80 -18.26 2.56
CA ALA B 212 -78.98 -17.58 2.01
C ALA B 212 -78.86 -16.06 2.09
N ASP B 213 -77.91 -15.54 2.89
CA ASP B 213 -77.78 -14.11 3.17
C ASP B 213 -76.80 -13.41 2.23
N CYS B 214 -76.12 -14.13 1.33
CA CYS B 214 -75.07 -13.55 0.49
C CYS B 214 -75.65 -13.14 -0.89
N GLN C 1 0.51 5.53 9.46
CA GLN C 1 0.24 6.58 10.49
C GLN C 1 0.99 6.28 11.79
N VAL C 2 1.04 4.99 12.17
CA VAL C 2 1.74 4.57 13.37
C VAL C 2 3.25 4.56 13.12
N GLN C 3 3.97 5.26 14.01
CA GLN C 3 5.42 5.30 14.01
C GLN C 3 5.90 5.23 15.45
N LEU C 4 7.06 4.59 15.66
CA LEU C 4 7.66 4.46 16.98
C LEU C 4 9.07 5.03 16.95
N GLN C 5 9.33 6.01 17.80
CA GLN C 5 10.60 6.72 17.79
C GLN C 5 11.31 6.49 19.12
N GLN C 6 12.44 5.78 19.04
CA GLN C 6 13.16 5.37 20.23
C GLN C 6 14.24 6.39 20.47
N SER C 7 14.56 6.60 21.74
CA SER C 7 15.65 7.48 22.09
C SER C 7 16.19 7.09 23.45
N GLY C 8 17.42 7.55 23.72
CA GLY C 8 18.05 7.38 25.00
C GLY C 8 19.39 6.67 24.87
N PRO C 9 20.29 6.83 25.85
CA PRO C 9 21.70 6.46 25.66
C PRO C 9 21.86 4.96 25.37
N GLY C 10 22.76 4.64 24.43
CA GLY C 10 23.10 3.28 24.08
C GLY C 10 24.20 2.69 24.99
N LEU C 11 25.04 3.56 25.52
CA LEU C 11 26.12 3.13 26.40
C LEU C 11 25.71 3.26 27.87
N VAL C 12 25.79 2.15 28.62
CA VAL C 12 25.40 2.12 30.02
C VAL C 12 26.50 1.41 30.81
N LYS C 13 26.92 2.03 31.95
CA LYS C 13 27.94 1.44 32.80
C LYS C 13 27.38 0.23 33.56
N PRO C 14 28.21 -0.80 33.88
CA PRO C 14 27.75 -1.95 34.67
C PRO C 14 27.18 -1.53 36.02
N SER C 15 26.07 -2.15 36.43
CA SER C 15 25.38 -1.88 37.69
C SER C 15 24.49 -0.63 37.64
N GLN C 16 24.57 0.19 36.58
CA GLN C 16 23.70 1.36 36.47
C GLN C 16 22.42 0.99 35.72
N THR C 17 21.61 2.01 35.39
CA THR C 17 20.27 1.82 34.85
C THR C 17 20.24 2.11 33.35
N LEU C 18 19.69 1.17 32.55
CA LEU C 18 19.37 1.43 31.15
C LEU C 18 18.06 2.20 31.10
N SER C 19 18.03 3.35 30.39
CA SER C 19 16.82 4.15 30.22
C SER C 19 16.50 4.42 28.74
N LEU C 20 15.41 3.83 28.22
CA LEU C 20 15.00 4.07 26.84
C LEU C 20 13.59 4.64 26.82
N THR C 21 13.26 5.34 25.74
CA THR C 21 11.94 5.93 25.52
C THR C 21 11.45 5.56 24.11
N CYS C 22 10.14 5.37 23.94
CA CYS C 22 9.54 5.07 22.65
C CYS C 22 8.37 6.03 22.47
N ALA C 23 8.48 6.95 21.52
CA ALA C 23 7.44 7.94 21.35
C ALA C 23 6.53 7.51 20.21
N ILE C 24 5.23 7.47 20.52
CA ILE C 24 4.21 6.98 19.61
C ILE C 24 3.69 8.14 18.76
N SER C 25 3.58 7.91 17.45
CA SER C 25 2.86 8.79 16.53
C SER C 25 1.79 8.00 15.79
N GLY C 26 0.54 8.51 15.79
CA GLY C 26 -0.56 7.94 15.01
C GLY C 26 -1.40 6.92 15.81
N ASP C 27 -1.31 7.00 17.14
CA ASP C 27 -2.19 6.26 18.04
C ASP C 27 -1.94 6.79 19.45
N SER C 28 -2.84 6.44 20.38
CA SER C 28 -2.67 6.84 21.76
C SER C 28 -2.05 5.69 22.57
N VAL C 29 -1.24 6.08 23.57
CA VAL C 29 -0.62 5.10 24.44
C VAL C 29 -1.70 4.39 25.26
N SER C 30 -2.85 5.04 25.44
CA SER C 30 -3.89 4.48 26.29
C SER C 30 -5.05 3.91 25.45
N SER C 31 -4.89 3.86 24.11
CA SER C 31 -5.88 3.26 23.23
C SER C 31 -6.30 1.86 23.67
N TYR C 32 -7.59 1.55 23.45
CA TYR C 32 -8.16 0.32 23.97
C TYR C 32 -7.54 -0.92 23.32
N ASN C 33 -6.84 -0.75 22.18
CA ASN C 33 -6.35 -1.88 21.39
C ASN C 33 -4.84 -1.73 21.11
N ALA C 34 -4.15 -1.04 22.01
CA ALA C 34 -2.73 -0.83 21.83
C ALA C 34 -2.04 -1.43 23.03
N VAL C 35 -1.04 -2.27 22.75
CA VAL C 35 -0.25 -2.90 23.79
C VAL C 35 1.20 -2.59 23.45
N TRP C 36 1.91 -2.05 24.43
CA TRP C 36 3.22 -1.48 24.24
C TRP C 36 4.28 -2.38 24.85
N ASN C 37 5.12 -2.97 24.00
CA ASN C 37 6.07 -3.99 24.38
C ASN C 37 7.48 -3.47 24.16
N TRP C 38 8.41 -3.91 25.01
CA TRP C 38 9.82 -3.88 24.72
C TRP C 38 10.28 -5.31 24.40
N ILE C 39 11.09 -5.44 23.36
CA ILE C 39 11.67 -6.71 22.96
C ILE C 39 13.15 -6.46 22.68
N ARG C 40 14.06 -7.39 23.01
CA ARG C 40 15.48 -7.22 22.73
C ARG C 40 16.02 -8.37 21.88
N GLN C 41 17.16 -8.09 21.24
CA GLN C 41 17.82 -9.04 20.35
C GLN C 41 19.31 -8.98 20.60
N SER C 42 19.88 -10.16 20.86
CA SER C 42 21.29 -10.33 21.12
C SER C 42 21.71 -11.61 20.42
N PRO C 43 23.01 -11.91 20.29
CA PRO C 43 23.40 -13.22 19.75
C PRO C 43 23.14 -14.35 20.75
N SER C 44 23.42 -14.12 22.04
CA SER C 44 23.21 -15.13 23.07
C SER C 44 21.76 -15.59 23.08
N ARG C 45 20.84 -14.63 23.27
CA ARG C 45 19.45 -14.90 23.62
C ARG C 45 18.52 -14.92 22.41
N GLY C 46 19.00 -14.47 21.24
CA GLY C 46 18.09 -14.25 20.13
C GLY C 46 17.08 -13.16 20.48
N LEU C 47 15.83 -13.34 20.00
CA LEU C 47 14.72 -12.39 20.22
C LEU C 47 14.01 -12.73 21.54
N GLU C 48 13.96 -11.77 22.45
CA GLU C 48 13.41 -11.99 23.79
C GLU C 48 12.46 -10.84 24.13
N TRP C 49 11.16 -11.14 24.25
CA TRP C 49 10.18 -10.20 24.79
C TRP C 49 10.45 -9.92 26.27
N LEU C 50 10.42 -8.65 26.68
CA LEU C 50 10.85 -8.25 28.01
C LEU C 50 9.64 -7.80 28.82
N GLY C 51 8.61 -7.26 28.18
CA GLY C 51 7.50 -6.82 28.99
C GLY C 51 6.60 -5.86 28.24
N ARG C 52 5.45 -5.51 28.84
CA ARG C 52 4.55 -4.55 28.25
C ARG C 52 3.85 -3.69 29.30
N THR C 53 3.20 -2.63 28.82
CA THR C 53 2.19 -1.92 29.59
C THR C 53 1.02 -1.67 28.64
N TYR C 54 -0.20 -1.77 29.16
CA TYR C 54 -1.37 -1.42 28.38
C TYR C 54 -2.40 -0.81 29.31
N TYR C 55 -3.28 0.00 28.72
CA TYR C 55 -4.38 0.62 29.44
C TYR C 55 -5.68 -0.15 29.22
N ARG C 56 -6.31 -0.53 30.33
CA ARG C 56 -7.64 -1.08 30.27
C ARG C 56 -8.37 -0.74 31.58
N SER C 57 -8.94 0.47 31.64
CA SER C 57 -9.54 0.99 32.86
C SER C 57 -8.55 0.87 34.01
N GLY C 58 -7.33 1.36 33.78
CA GLY C 58 -6.22 1.19 34.70
C GLY C 58 -5.03 0.52 34.04
N TRP C 59 -3.83 0.99 34.37
CA TRP C 59 -2.61 0.54 33.72
C TRP C 59 -2.20 -0.84 34.22
N TYR C 60 -1.81 -1.71 33.27
CA TYR C 60 -1.26 -3.02 33.60
C TYR C 60 0.18 -3.13 33.11
N ASN C 61 0.91 -4.02 33.76
CA ASN C 61 2.30 -4.30 33.45
C ASN C 61 2.50 -5.80 33.55
N ASP C 62 3.18 -6.37 32.54
CA ASP C 62 3.69 -7.73 32.62
C ASP C 62 5.15 -7.76 32.20
N TYR C 63 5.94 -8.54 32.92
CA TYR C 63 7.37 -8.64 32.64
C TYR C 63 7.77 -10.11 32.51
N ALA C 64 8.78 -10.34 31.67
CA ALA C 64 9.35 -11.66 31.56
C ALA C 64 10.13 -11.94 32.84
N GLU C 65 10.24 -13.21 33.20
CA GLU C 65 10.88 -13.66 34.42
C GLU C 65 12.35 -13.25 34.44
N SER C 66 13.03 -13.38 33.29
CA SER C 66 14.46 -13.14 33.20
C SER C 66 14.83 -11.77 33.76
N VAL C 67 13.87 -10.84 33.78
CA VAL C 67 14.15 -9.45 34.10
C VAL C 67 13.15 -8.87 35.10
N LYS C 68 12.14 -9.67 35.51
CA LYS C 68 11.03 -9.19 36.31
C LYS C 68 11.53 -8.23 37.41
N SER C 69 12.67 -8.55 38.02
CA SER C 69 13.08 -7.93 39.27
C SER C 69 13.78 -6.60 39.05
N ARG C 70 14.20 -6.26 37.83
CA ARG C 70 14.90 -5.00 37.64
C ARG C 70 14.31 -4.15 36.52
N ILE C 71 13.13 -4.54 36.00
CA ILE C 71 12.54 -3.88 34.85
C ILE C 71 11.32 -3.09 35.29
N THR C 72 11.12 -1.93 34.65
CA THR C 72 9.93 -1.12 34.82
C THR C 72 9.59 -0.56 33.45
N ILE C 73 8.33 -0.65 33.05
CA ILE C 73 7.83 -0.03 31.84
C ILE C 73 6.72 0.93 32.22
N ASN C 74 6.87 2.22 31.87
CA ASN C 74 5.95 3.24 32.33
C ASN C 74 5.41 4.05 31.16
N PRO C 75 4.08 4.26 31.09
CA PRO C 75 3.52 5.20 30.12
C PRO C 75 3.56 6.64 30.63
N ASP C 76 3.57 7.56 29.67
CA ASP C 76 3.38 8.98 29.92
C ASP C 76 2.26 9.46 29.01
N THR C 77 1.05 9.69 29.57
CA THR C 77 -0.08 10.15 28.78
C THR C 77 0.16 11.58 28.29
N SER C 78 1.03 12.35 28.97
CA SER C 78 1.31 13.74 28.61
C SER C 78 2.02 13.83 27.26
N LYS C 79 3.13 13.09 27.12
CA LYS C 79 3.97 13.16 25.92
C LYS C 79 3.60 12.08 24.89
N ASN C 80 2.74 11.13 25.27
CA ASN C 80 2.29 10.03 24.41
C ASN C 80 3.47 9.15 24.02
N GLN C 81 4.00 8.47 25.03
CA GLN C 81 5.19 7.67 24.94
C GLN C 81 5.20 6.71 26.11
N PHE C 82 6.12 5.75 26.07
CA PHE C 82 6.36 4.86 27.19
C PHE C 82 7.84 4.54 27.22
N SER C 83 8.27 4.11 28.39
CA SER C 83 9.68 4.08 28.70
C SER C 83 10.02 2.69 29.17
N LEU C 84 11.30 2.34 29.03
CA LEU C 84 11.86 1.14 29.62
C LEU C 84 12.92 1.57 30.63
N GLN C 85 12.93 0.89 31.76
CA GLN C 85 13.98 1.05 32.74
C GLN C 85 14.43 -0.35 33.13
N LEU C 86 15.70 -0.67 32.88
CA LEU C 86 16.32 -1.89 33.38
C LEU C 86 17.41 -1.52 34.38
N ASN C 87 17.36 -2.08 35.59
CA ASN C 87 18.31 -1.76 36.66
C ASN C 87 19.51 -2.71 36.67
N SER C 88 20.62 -2.22 37.25
CA SER C 88 21.77 -3.06 37.55
C SER C 88 22.18 -3.92 36.36
N VAL C 89 22.45 -3.26 35.22
CA VAL C 89 22.75 -3.94 33.99
C VAL C 89 24.12 -4.62 34.11
N THR C 90 24.24 -5.76 33.41
CA THR C 90 25.51 -6.45 33.25
C THR C 90 25.72 -6.61 31.75
N PRO C 91 26.91 -7.03 31.27
CA PRO C 91 27.14 -7.26 29.83
C PRO C 91 26.13 -8.20 29.16
N GLU C 92 25.42 -9.00 29.96
CA GLU C 92 24.38 -9.87 29.44
C GLU C 92 23.23 -9.06 28.85
N ASP C 93 23.12 -7.79 29.25
CA ASP C 93 22.06 -6.91 28.77
C ASP C 93 22.49 -6.12 27.52
N THR C 94 23.73 -6.31 27.04
CA THR C 94 24.12 -5.76 25.74
C THR C 94 23.26 -6.41 24.65
N ALA C 95 22.52 -5.58 23.91
CA ALA C 95 21.55 -6.07 22.94
C ALA C 95 21.03 -4.91 22.10
N VAL C 96 20.22 -5.23 21.06
CA VAL C 96 19.42 -4.19 20.42
C VAL C 96 18.03 -4.24 21.05
N TYR C 97 17.56 -3.10 21.56
CA TYR C 97 16.29 -2.96 22.24
C TYR C 97 15.30 -2.33 21.27
N TYR C 98 14.19 -3.04 21.02
CA TYR C 98 13.10 -2.52 20.22
C TYR C 98 11.84 -2.27 21.08
N CYS C 99 11.05 -1.25 20.72
CA CYS C 99 9.68 -1.17 21.16
C CYS C 99 8.77 -1.67 20.03
N ALA C 100 7.60 -2.17 20.42
CA ALA C 100 6.70 -2.78 19.45
C ALA C 100 5.24 -2.71 19.93
N ARG C 101 4.36 -2.44 18.97
CA ARG C 101 2.94 -2.38 19.24
C ARG C 101 2.37 -3.78 19.00
N SER C 102 1.50 -4.23 19.92
CA SER C 102 0.64 -5.35 19.64
C SER C 102 -0.80 -4.94 19.94
N GLY C 103 -1.74 -5.79 19.50
CA GLY C 103 -3.15 -5.59 19.77
C GLY C 103 -3.87 -4.85 18.65
N HIS C 104 -3.13 -4.41 17.63
CA HIS C 104 -3.77 -3.85 16.42
C HIS C 104 -4.21 -5.03 15.59
N ILE C 105 -3.33 -6.04 15.49
CA ILE C 105 -3.67 -7.23 14.76
C ILE C 105 -4.55 -8.06 15.67
N THR C 106 -5.77 -8.34 15.20
CA THR C 106 -6.75 -9.11 15.94
C THR C 106 -7.27 -10.24 15.06
N VAL C 107 -7.74 -11.30 15.74
CA VAL C 107 -8.54 -12.33 15.12
C VAL C 107 -9.85 -12.41 15.93
N PHE C 108 -10.98 -12.34 15.21
CA PHE C 108 -12.31 -12.32 15.79
C PHE C 108 -12.37 -11.27 16.91
N GLY C 109 -11.73 -10.14 16.68
CA GLY C 109 -11.81 -9.05 17.62
C GLY C 109 -10.91 -9.21 18.85
N VAL C 110 -10.03 -10.22 18.90
CA VAL C 110 -9.21 -10.32 20.09
C VAL C 110 -7.75 -10.20 19.72
N ASN C 111 -7.01 -9.61 20.66
CA ASN C 111 -5.57 -9.38 20.52
C ASN C 111 -4.84 -10.71 20.41
N VAL C 112 -4.00 -10.86 19.38
CA VAL C 112 -3.43 -12.18 19.13
C VAL C 112 -1.90 -12.18 19.26
N ASP C 113 -1.33 -11.07 19.77
CA ASP C 113 0.07 -10.92 20.10
C ASP C 113 0.99 -10.92 18.87
N ALA C 114 0.47 -10.45 17.75
CA ALA C 114 1.32 -10.13 16.61
C ALA C 114 1.85 -8.72 16.82
N PHE C 115 3.16 -8.53 16.63
CA PHE C 115 3.79 -7.22 16.72
C PHE C 115 3.88 -6.60 15.33
N ASP C 116 3.04 -5.61 15.04
CA ASP C 116 2.85 -5.13 13.68
C ASP C 116 3.72 -3.91 13.40
N MET C 117 4.05 -3.13 14.45
CA MET C 117 4.88 -1.94 14.25
C MET C 117 6.00 -2.00 15.26
N TRP C 118 7.22 -1.73 14.76
CA TRP C 118 8.40 -1.74 15.57
C TRP C 118 9.13 -0.42 15.40
N GLY C 119 9.69 0.09 16.50
CA GLY C 119 10.65 1.17 16.44
C GLY C 119 11.95 0.72 15.75
N GLN C 120 12.89 1.65 15.58
CA GLN C 120 14.08 1.41 14.77
C GLN C 120 15.12 0.59 15.56
N GLY C 121 14.96 0.44 16.87
CA GLY C 121 15.95 -0.25 17.67
C GLY C 121 17.03 0.72 18.17
N THR C 122 17.43 0.57 19.44
CA THR C 122 18.58 1.25 20.00
C THR C 122 19.62 0.17 20.36
N MET C 123 20.84 0.32 19.84
CA MET C 123 21.93 -0.58 20.18
C MET C 123 22.45 -0.19 21.57
N VAL C 124 22.44 -1.16 22.48
CA VAL C 124 22.81 -0.89 23.86
C VAL C 124 24.09 -1.67 24.17
N THR C 125 25.11 -0.95 24.63
CA THR C 125 26.37 -1.56 25.04
C THR C 125 26.61 -1.28 26.51
N VAL C 126 26.82 -2.37 27.27
CA VAL C 126 27.13 -2.24 28.68
C VAL C 126 28.63 -2.32 28.85
N SER C 127 29.24 -1.20 29.27
CA SER C 127 30.69 -1.07 29.33
C SER C 127 31.05 0.17 30.13
N SER C 128 32.20 0.15 30.80
CA SER C 128 32.67 1.33 31.54
C SER C 128 33.60 2.20 30.70
N ALA C 129 33.89 1.81 29.46
CA ALA C 129 34.70 2.65 28.59
C ALA C 129 33.94 3.92 28.21
N SER C 130 34.69 4.97 27.85
CA SER C 130 34.12 6.25 27.52
C SER C 130 33.78 6.31 26.03
N THR C 131 32.89 7.25 25.71
CA THR C 131 32.50 7.54 24.33
C THR C 131 33.70 8.14 23.61
N LYS C 132 33.96 7.67 22.38
CA LYS C 132 34.99 8.29 21.54
C LYS C 132 34.54 8.33 20.08
N GLY C 133 34.64 9.53 19.50
CA GLY C 133 34.16 9.82 18.16
C GLY C 133 35.19 9.40 17.11
N PRO C 134 34.74 8.92 15.93
CA PRO C 134 35.65 8.45 14.89
C PRO C 134 36.50 9.55 14.26
N SER C 135 37.71 9.16 13.81
CA SER C 135 38.43 9.81 12.73
C SER C 135 37.98 9.20 11.40
N VAL C 136 37.96 10.03 10.35
CA VAL C 136 37.46 9.60 9.04
C VAL C 136 38.54 9.91 7.99
N PHE C 137 39.03 8.86 7.33
CA PHE C 137 40.08 9.03 6.34
C PHE C 137 39.52 8.63 4.98
N PRO C 138 40.06 9.25 3.89
CA PRO C 138 39.72 8.87 2.51
C PRO C 138 40.42 7.62 2.01
N LEU C 139 39.67 6.80 1.28
CA LEU C 139 40.21 5.75 0.44
C LEU C 139 40.08 6.23 -1.01
N ALA C 140 41.15 6.84 -1.53
CA ALA C 140 41.10 7.54 -2.79
C ALA C 140 41.12 6.54 -3.93
N PRO C 141 40.42 6.82 -5.04
CA PRO C 141 40.54 6.00 -6.24
C PRO C 141 41.94 6.11 -6.85
N SER C 142 42.46 4.98 -7.35
CA SER C 142 43.73 4.92 -8.04
C SER C 142 43.58 5.40 -9.47
N SER C 143 44.73 5.64 -10.11
CA SER C 143 44.81 6.00 -11.51
C SER C 143 44.40 4.85 -12.44
N LYS C 144 44.07 3.68 -11.87
CA LYS C 144 43.80 2.49 -12.67
C LYS C 144 42.41 2.60 -13.31
N SER C 145 42.38 2.53 -14.65
CA SER C 145 41.17 2.59 -15.45
C SER C 145 40.43 3.93 -15.30
N THR C 146 41.15 5.05 -15.07
CA THR C 146 40.55 6.37 -14.97
C THR C 146 39.98 6.80 -16.33
N SER C 147 40.64 6.38 -17.42
CA SER C 147 40.21 6.72 -18.76
C SER C 147 38.93 5.99 -19.14
N GLY C 148 38.72 4.78 -18.60
CA GLY C 148 37.48 4.04 -18.87
C GLY C 148 37.36 2.78 -18.02
N GLY C 149 36.26 2.67 -17.25
CA GLY C 149 35.97 1.48 -16.46
C GLY C 149 35.22 1.81 -15.17
N THR C 150 35.63 1.15 -14.07
CA THR C 150 34.99 1.30 -12.78
C THR C 150 36.03 1.67 -11.72
N ALA C 151 35.75 2.75 -10.97
CA ALA C 151 36.62 3.18 -9.88
C ALA C 151 36.00 2.75 -8.56
N ALA C 152 36.88 2.33 -7.64
CA ALA C 152 36.50 2.07 -6.26
C ALA C 152 37.07 3.16 -5.34
N LEU C 153 36.21 3.75 -4.51
CA LEU C 153 36.65 4.74 -3.53
C LEU C 153 35.81 4.54 -2.26
N GLY C 154 36.22 5.19 -1.17
CA GLY C 154 35.62 4.84 0.10
C GLY C 154 36.09 5.76 1.21
N CYS C 155 35.57 5.48 2.42
CA CYS C 155 35.91 6.15 3.66
C CYS C 155 36.19 5.12 4.75
N LEU C 156 37.16 5.46 5.58
CA LEU C 156 37.57 4.62 6.67
C LEU C 156 37.26 5.38 7.96
N VAL C 157 36.46 4.73 8.81
CA VAL C 157 36.00 5.31 10.05
C VAL C 157 36.64 4.51 11.16
N LYS C 158 37.58 5.11 11.89
CA LYS C 158 38.41 4.35 12.82
C LYS C 158 38.33 4.94 14.22
N ASP C 159 38.48 4.08 15.24
CA ASP C 159 38.69 4.46 16.64
C ASP C 159 37.47 5.20 17.19
N TYR C 160 36.32 4.52 17.20
CA TYR C 160 35.09 5.09 17.74
C TYR C 160 34.48 4.13 18.76
N PHE C 161 33.86 4.70 19.80
CA PHE C 161 33.17 3.90 20.79
C PHE C 161 32.00 4.68 21.38
N PRO C 162 30.83 4.03 21.59
CA PRO C 162 30.58 2.67 21.12
C PRO C 162 29.94 2.67 19.73
N GLU C 163 29.37 1.50 19.35
CA GLU C 163 28.55 1.35 18.16
C GLU C 163 27.24 2.11 18.36
N PRO C 164 26.48 2.46 17.31
CA PRO C 164 26.90 2.30 15.93
C PRO C 164 27.39 3.60 15.29
N VAL C 165 27.80 3.46 14.02
CA VAL C 165 28.10 4.60 13.18
C VAL C 165 27.29 4.42 11.91
N THR C 166 26.75 5.50 11.37
CA THR C 166 26.07 5.42 10.07
C THR C 166 26.92 6.16 9.06
N VAL C 167 26.87 5.66 7.82
CA VAL C 167 27.55 6.23 6.69
C VAL C 167 26.57 6.30 5.53
N SER C 168 26.53 7.45 4.85
CA SER C 168 25.85 7.59 3.57
C SER C 168 26.78 8.33 2.62
N TRP C 169 26.45 8.33 1.33
CA TRP C 169 27.21 9.04 0.31
C TRP C 169 26.35 10.07 -0.40
N ASN C 170 26.86 11.31 -0.53
CA ASN C 170 26.23 12.43 -1.23
C ASN C 170 24.84 12.66 -0.65
N SER C 171 24.78 12.54 0.68
CA SER C 171 23.55 12.68 1.44
C SER C 171 22.43 11.83 0.85
N GLY C 172 22.73 10.61 0.42
CA GLY C 172 21.68 9.71 -0.01
C GLY C 172 21.63 9.62 -1.53
N ALA C 173 22.26 10.58 -2.21
CA ALA C 173 22.17 10.63 -3.67
C ALA C 173 22.75 9.37 -4.30
N LEU C 174 23.83 8.86 -3.69
CA LEU C 174 24.56 7.70 -4.15
C LEU C 174 24.35 6.51 -3.22
N THR C 175 23.63 5.49 -3.69
CA THR C 175 23.40 4.29 -2.91
C THR C 175 23.74 3.04 -3.72
N SER C 176 23.80 3.16 -5.05
CA SER C 176 23.96 1.97 -5.84
C SER C 176 25.43 1.55 -5.78
N GLY C 177 25.69 0.27 -5.47
CA GLY C 177 27.05 -0.25 -5.35
C GLY C 177 27.80 0.25 -4.11
N VAL C 178 27.09 0.69 -3.05
CA VAL C 178 27.70 1.04 -1.77
C VAL C 178 27.75 -0.20 -0.88
N HIS C 179 28.92 -0.47 -0.28
CA HIS C 179 29.09 -1.49 0.75
C HIS C 179 29.71 -0.84 1.99
N THR C 180 28.92 -0.76 3.06
CA THR C 180 29.39 -0.35 4.38
C THR C 180 29.62 -1.62 5.21
N PHE C 181 30.86 -1.85 5.63
CA PHE C 181 31.22 -3.13 6.20
C PHE C 181 30.84 -3.12 7.67
N PRO C 182 30.52 -4.29 8.23
CA PRO C 182 30.38 -4.38 9.69
C PRO C 182 31.64 -3.90 10.38
N ALA C 183 31.47 -3.20 11.49
CA ALA C 183 32.61 -2.77 12.29
C ALA C 183 33.38 -3.98 12.78
N VAL C 184 34.67 -3.77 13.00
CA VAL C 184 35.44 -4.72 13.78
C VAL C 184 35.86 -4.03 15.06
N LEU C 185 36.08 -4.84 16.09
CA LEU C 185 36.60 -4.37 17.35
C LEU C 185 38.12 -4.58 17.37
N GLN C 186 38.84 -3.47 17.36
CA GLN C 186 40.30 -3.48 17.43
C GLN C 186 40.76 -3.90 18.82
N SER C 187 42.03 -4.30 18.93
CA SER C 187 42.54 -4.68 20.24
C SER C 187 42.65 -3.45 21.16
N SER C 188 42.63 -2.25 20.61
CA SER C 188 42.55 -1.04 21.41
C SER C 188 41.23 -0.98 22.19
N GLY C 189 40.22 -1.74 21.75
CA GLY C 189 38.90 -1.67 22.37
C GLY C 189 37.97 -0.68 21.67
N LEU C 190 38.44 -0.08 20.57
CA LEU C 190 37.62 0.80 19.78
C LEU C 190 37.28 0.10 18.46
N TYR C 191 36.23 0.61 17.79
CA TYR C 191 35.71 0.02 16.57
C TYR C 191 36.29 0.76 15.38
N SER C 192 36.19 0.10 14.24
CA SER C 192 36.58 0.67 12.96
C SER C 192 35.75 0.00 11.88
N LEU C 193 35.32 0.77 10.86
CA LEU C 193 34.74 0.19 9.65
C LEU C 193 35.18 0.95 8.40
N SER C 194 34.93 0.32 7.27
CA SER C 194 35.09 0.95 5.99
C SER C 194 33.74 1.02 5.29
N SER C 195 33.60 2.04 4.44
CA SER C 195 32.49 2.17 3.53
C SER C 195 33.04 2.48 2.14
N VAL C 196 32.62 1.68 1.16
CA VAL C 196 33.22 1.78 -0.16
C VAL C 196 32.12 1.81 -1.18
N VAL C 197 32.41 2.40 -2.35
CA VAL C 197 31.46 2.48 -3.46
C VAL C 197 32.23 2.29 -4.76
N THR C 198 31.57 1.69 -5.75
CA THR C 198 32.11 1.59 -7.10
C THR C 198 31.31 2.52 -8.00
N VAL C 199 32.03 3.28 -8.82
CA VAL C 199 31.44 4.34 -9.63
C VAL C 199 32.08 4.28 -11.00
N PRO C 200 31.42 4.87 -12.05
CA PRO C 200 32.02 4.95 -13.38
C PRO C 200 33.27 5.80 -13.23
N SER C 201 34.35 5.43 -13.94
CA SER C 201 35.59 6.18 -13.90
C SER C 201 35.40 7.60 -14.45
N SER C 202 34.53 7.73 -15.47
CA SER C 202 34.27 9.01 -16.14
C SER C 202 33.63 10.04 -15.20
N SER C 203 32.91 9.59 -14.18
CA SER C 203 32.34 10.49 -13.18
C SER C 203 33.40 11.12 -12.27
N LEU C 204 34.66 10.65 -12.30
CA LEU C 204 35.64 11.12 -11.31
C LEU C 204 35.93 12.60 -11.55
N GLY C 205 35.85 13.02 -12.81
CA GLY C 205 36.15 14.40 -13.15
C GLY C 205 34.97 15.34 -12.96
N THR C 206 33.75 14.82 -12.88
CA THR C 206 32.57 15.68 -12.98
C THR C 206 31.75 15.67 -11.68
N GLN C 207 31.68 14.53 -10.97
CA GLN C 207 30.83 14.35 -9.79
C GLN C 207 31.66 14.33 -8.52
N THR C 208 31.20 14.99 -7.46
CA THR C 208 31.90 15.02 -6.18
C THR C 208 31.45 13.80 -5.35
N TYR C 209 32.37 13.21 -4.56
CA TYR C 209 32.01 12.12 -3.65
C TYR C 209 32.36 12.45 -2.21
N ILE C 210 31.31 12.45 -1.37
CA ILE C 210 31.43 12.74 0.04
C ILE C 210 30.77 11.63 0.84
N CYS C 211 31.48 11.15 1.86
CA CYS C 211 30.91 10.22 2.80
C CYS C 211 30.45 11.02 4.01
N ASN C 212 29.19 10.82 4.38
CA ASN C 212 28.61 11.49 5.52
C ASN C 212 28.59 10.49 6.67
N VAL C 213 29.31 10.84 7.76
CA VAL C 213 29.48 9.92 8.86
C VAL C 213 28.83 10.50 10.09
N ASN C 214 27.95 9.69 10.68
CA ASN C 214 27.27 10.09 11.91
C ASN C 214 27.58 9.05 12.99
N HIS C 215 28.05 9.55 14.13
CA HIS C 215 28.20 8.77 15.35
C HIS C 215 27.41 9.48 16.45
N LYS C 216 26.16 9.03 16.67
CA LYS C 216 25.24 9.74 17.54
C LYS C 216 25.77 9.81 18.97
N PRO C 217 26.30 8.71 19.56
CA PRO C 217 26.80 8.74 20.94
C PRO C 217 27.71 9.90 21.31
N SER C 218 28.50 10.41 20.36
CA SER C 218 29.47 11.45 20.66
C SER C 218 29.06 12.75 20.02
N ASN C 219 27.85 12.76 19.42
CA ASN C 219 27.37 13.87 18.61
C ASN C 219 28.42 14.22 17.55
N THR C 220 29.05 13.21 16.95
CA THR C 220 30.05 13.48 15.94
C THR C 220 29.38 13.31 14.58
N LYS C 221 29.54 14.34 13.74
CA LYS C 221 29.10 14.33 12.36
C LYS C 221 30.28 14.75 11.51
N VAL C 222 30.59 13.98 10.46
CA VAL C 222 31.70 14.31 9.59
C VAL C 222 31.30 14.06 8.15
N ASP C 223 31.62 15.04 7.30
CA ASP C 223 31.45 14.91 5.86
C ASP C 223 32.85 15.04 5.29
N LYS C 224 33.34 13.99 4.60
CA LYS C 224 34.71 13.95 4.09
C LYS C 224 34.65 13.84 2.57
N LYS C 225 35.28 14.80 1.88
CA LYS C 225 35.43 14.75 0.44
C LYS C 225 36.54 13.74 0.11
N VAL C 226 36.21 12.80 -0.78
CA VAL C 226 37.12 11.76 -1.24
C VAL C 226 37.46 12.09 -2.69
N GLU C 227 38.75 12.29 -2.98
CA GLU C 227 39.16 12.71 -4.32
C GLU C 227 40.45 12.01 -4.76
N PRO C 228 40.69 11.92 -6.09
CA PRO C 228 42.01 11.54 -6.61
C PRO C 228 43.08 12.57 -6.25
N ASP D 1 10.11 -19.58 28.17
CA ASP D 1 10.68 -18.68 27.11
C ASP D 1 11.98 -19.24 26.54
N ILE D 2 12.17 -20.57 26.53
CA ILE D 2 13.28 -21.16 25.80
C ILE D 2 12.92 -21.09 24.30
N GLN D 3 13.84 -20.51 23.50
CA GLN D 3 13.58 -20.22 22.09
C GLN D 3 13.08 -21.48 21.40
N MET D 4 12.06 -21.34 20.58
CA MET D 4 11.56 -22.51 19.87
C MET D 4 12.56 -22.92 18.81
N THR D 5 12.62 -24.23 18.57
CA THR D 5 13.40 -24.80 17.49
C THR D 5 12.71 -24.47 16.16
N GLN D 6 13.53 -24.05 15.20
CA GLN D 6 13.12 -23.95 13.80
C GLN D 6 13.94 -24.94 12.97
N SER D 7 13.32 -25.50 11.95
CA SER D 7 13.94 -26.54 11.15
C SER D 7 13.72 -26.24 9.67
N PRO D 8 14.79 -25.96 8.90
CA PRO D 8 16.16 -25.94 9.42
C PRO D 8 16.46 -24.59 10.07
N SER D 9 17.65 -24.46 10.61
CA SER D 9 18.09 -23.23 11.23
C SER D 9 18.83 -22.39 10.19
N SER D 10 19.19 -23.02 9.07
CA SER D 10 19.67 -22.25 7.94
C SER D 10 19.56 -23.06 6.65
N LEU D 11 19.41 -22.36 5.53
CA LEU D 11 19.34 -23.05 4.27
C LEU D 11 19.88 -22.11 3.22
N SER D 12 20.28 -22.69 2.08
CA SER D 12 20.54 -21.90 0.88
C SER D 12 19.82 -22.60 -0.26
N ALA D 13 19.33 -21.80 -1.19
CA ALA D 13 18.43 -22.31 -2.18
C ALA D 13 18.46 -21.36 -3.36
N SER D 14 18.26 -21.90 -4.55
CA SER D 14 18.38 -21.13 -5.77
C SER D 14 17.14 -20.27 -5.93
N VAL D 15 17.25 -19.22 -6.74
CA VAL D 15 16.09 -18.42 -7.12
C VAL D 15 15.08 -19.31 -7.85
N GLY D 16 13.78 -19.13 -7.53
CA GLY D 16 12.72 -19.95 -8.09
C GLY D 16 12.34 -21.15 -7.21
N ASP D 17 13.22 -21.55 -6.27
CA ASP D 17 13.03 -22.78 -5.50
C ASP D 17 11.92 -22.58 -4.46
N ARG D 18 11.23 -23.67 -4.13
CA ARG D 18 10.22 -23.69 -3.07
C ARG D 18 10.95 -23.98 -1.78
N VAL D 19 10.67 -23.19 -0.75
CA VAL D 19 11.42 -23.27 0.50
C VAL D 19 10.44 -23.35 1.68
N THR D 20 10.74 -24.24 2.63
CA THR D 20 9.85 -24.54 3.73
C THR D 20 10.60 -24.47 5.05
N ILE D 21 10.09 -23.68 5.99
CA ILE D 21 10.68 -23.56 7.31
C ILE D 21 9.63 -23.98 8.34
N THR D 22 10.04 -24.78 9.32
CA THR D 22 9.10 -25.40 10.22
C THR D 22 9.43 -24.98 11.65
N CYS D 23 8.42 -24.48 12.36
CA CYS D 23 8.50 -24.05 13.75
C CYS D 23 7.92 -25.14 14.67
N ARG D 24 8.69 -25.56 15.66
CA ARG D 24 8.28 -26.60 16.59
C ARG D 24 7.72 -25.95 17.86
N THR D 25 6.40 -25.71 17.89
CA THR D 25 5.76 -25.03 18.99
C THR D 25 5.32 -26.09 19.98
N SER D 26 4.82 -25.67 21.14
CA SER D 26 4.42 -26.64 22.14
C SER D 26 2.90 -26.79 22.21
N GLN D 27 2.17 -26.11 21.33
CA GLN D 27 0.72 -26.02 21.47
C GLN D 27 0.06 -25.61 20.14
N SER D 28 -0.99 -26.32 19.75
CA SER D 28 -1.67 -26.04 18.49
C SER D 28 -2.58 -24.82 18.58
N LEU D 29 -2.00 -23.65 18.86
CA LEU D 29 -2.67 -22.37 18.91
C LEU D 29 -2.31 -21.55 17.68
N SER D 30 -2.89 -21.91 16.53
CA SER D 30 -2.55 -21.34 15.25
C SER D 30 -2.67 -19.82 15.24
N SER D 31 -3.77 -19.30 15.78
CA SER D 31 -4.07 -17.88 15.72
C SER D 31 -3.09 -17.03 16.55
N TYR D 32 -2.34 -17.61 17.50
CA TYR D 32 -1.35 -16.83 18.23
C TYR D 32 0.06 -17.13 17.72
N THR D 33 0.16 -17.79 16.55
CA THR D 33 1.44 -18.12 15.93
C THR D 33 1.69 -17.24 14.69
N HIS D 34 2.85 -16.55 14.67
CA HIS D 34 3.17 -15.56 13.66
C HIS D 34 4.59 -15.78 13.14
N TRP D 35 4.92 -15.13 12.01
CA TRP D 35 6.26 -15.14 11.43
C TRP D 35 6.70 -13.71 11.15
N TYR D 36 8.00 -13.49 11.21
CA TYR D 36 8.60 -12.20 10.94
C TYR D 36 9.75 -12.44 9.97
N GLN D 37 9.95 -11.44 9.10
CA GLN D 37 11.11 -11.36 8.23
C GLN D 37 12.02 -10.25 8.73
N GLN D 38 13.32 -10.55 8.87
CA GLN D 38 14.27 -9.56 9.38
C GLN D 38 15.45 -9.40 8.43
N LYS D 39 15.54 -8.21 7.82
CA LYS D 39 16.66 -7.89 6.96
C LYS D 39 17.73 -7.19 7.80
N PRO D 40 19.01 -7.19 7.39
CA PRO D 40 20.10 -6.79 8.28
C PRO D 40 20.02 -5.31 8.64
N GLY D 41 20.15 -4.99 9.95
CA GLY D 41 19.98 -3.64 10.48
C GLY D 41 18.54 -3.11 10.35
N LYS D 42 17.56 -4.02 10.35
CA LYS D 42 16.16 -3.62 10.33
C LYS D 42 15.45 -4.33 11.47
N ALA D 43 14.33 -3.77 11.91
CA ALA D 43 13.48 -4.49 12.81
C ALA D 43 12.77 -5.60 12.03
N PRO D 44 12.42 -6.70 12.71
CA PRO D 44 11.62 -7.73 12.09
C PRO D 44 10.35 -7.05 11.59
N LYS D 45 9.87 -7.53 10.43
CA LYS D 45 8.62 -7.13 9.85
C LYS D 45 7.63 -8.28 9.99
N LEU D 46 6.39 -7.99 10.39
CA LEU D 46 5.38 -9.03 10.46
C LEU D 46 5.10 -9.57 9.05
N LEU D 47 5.22 -10.87 8.88
CA LEU D 47 5.15 -11.47 7.56
C LEU D 47 3.85 -12.24 7.45
N ILE D 48 3.64 -13.15 8.41
CA ILE D 48 2.44 -13.96 8.51
C ILE D 48 1.90 -13.86 9.93
N TYR D 49 0.59 -13.63 10.07
CA TYR D 49 -0.07 -13.61 11.36
C TYR D 49 -1.11 -14.72 11.40
N ALA D 50 -1.35 -15.28 12.59
CA ALA D 50 -2.32 -16.34 12.79
C ALA D 50 -2.07 -17.51 11.82
N ALA D 51 -0.79 -17.91 11.70
CA ALA D 51 -0.36 -19.06 10.93
C ALA D 51 -0.47 -18.88 9.42
N SER D 52 -1.55 -18.25 8.92
CA SER D 52 -1.79 -18.20 7.48
C SER D 52 -2.18 -16.82 6.96
N SER D 53 -2.49 -15.85 7.83
CA SER D 53 -2.88 -14.55 7.31
C SER D 53 -1.60 -13.79 7.00
N ARG D 54 -1.52 -13.22 5.79
CA ARG D 54 -0.39 -12.39 5.37
C ARG D 54 -0.46 -10.98 5.92
N GLY D 55 0.71 -10.44 6.30
CA GLY D 55 0.85 -9.08 6.79
C GLY D 55 0.68 -8.08 5.65
N SER D 56 0.56 -6.79 5.97
CA SER D 56 0.41 -5.77 4.95
C SER D 56 1.67 -5.72 4.08
N GLY D 57 1.47 -5.59 2.75
CA GLY D 57 2.55 -5.46 1.79
C GLY D 57 3.51 -6.65 1.82
N VAL D 58 2.93 -7.85 1.91
CA VAL D 58 3.67 -9.10 1.86
C VAL D 58 3.21 -9.82 0.59
N PRO D 59 4.12 -10.07 -0.35
CA PRO D 59 3.75 -10.70 -1.62
C PRO D 59 3.07 -12.05 -1.42
N SER D 60 2.31 -12.49 -2.43
CA SER D 60 1.55 -13.74 -2.36
C SER D 60 2.47 -14.96 -2.22
N ARG D 61 3.74 -14.83 -2.60
CA ARG D 61 4.59 -16.01 -2.62
C ARG D 61 4.86 -16.55 -1.22
N PHE D 62 4.64 -15.72 -0.18
CA PHE D 62 4.76 -16.15 1.21
C PHE D 62 3.44 -16.72 1.72
N SER D 63 3.50 -17.91 2.32
CA SER D 63 2.29 -18.55 2.82
C SER D 63 2.63 -19.35 4.07
N GLY D 64 1.60 -19.67 4.84
CA GLY D 64 1.81 -20.31 6.12
C GLY D 64 0.74 -21.34 6.42
N SER D 65 1.14 -22.33 7.20
CA SER D 65 0.30 -23.46 7.51
C SER D 65 0.74 -24.10 8.82
N GLY D 66 -0.18 -24.84 9.40
CA GLY D 66 0.09 -25.52 10.65
C GLY D 66 -0.49 -26.92 10.61
N SER D 67 0.07 -27.76 11.46
CA SER D 67 -0.49 -29.08 11.67
C SER D 67 0.07 -29.57 12.99
N GLY D 68 -0.80 -29.87 13.92
CA GLY D 68 -0.40 -30.13 15.28
C GLY D 68 0.40 -28.96 15.82
N THR D 69 1.56 -29.28 16.42
CA THR D 69 2.38 -28.23 17.00
C THR D 69 3.44 -27.74 16.02
N ASP D 70 3.38 -28.22 14.76
CA ASP D 70 4.32 -27.77 13.74
C ASP D 70 3.68 -26.70 12.87
N PHE D 71 4.27 -25.50 12.87
CA PHE D 71 3.88 -24.47 11.91
C PHE D 71 4.98 -24.26 10.89
N THR D 72 4.55 -24.04 9.65
CA THR D 72 5.45 -23.90 8.51
C THR D 72 5.18 -22.62 7.77
N LEU D 73 6.26 -21.90 7.47
CA LEU D 73 6.30 -20.86 6.45
C LEU D 73 6.80 -21.47 5.15
N THR D 74 6.14 -21.18 4.04
CA THR D 74 6.61 -21.56 2.71
C THR D 74 6.84 -20.30 1.89
N ILE D 75 7.98 -20.24 1.22
CA ILE D 75 8.22 -19.30 0.12
C ILE D 75 8.15 -20.06 -1.21
N SER D 76 7.07 -19.84 -1.96
CA SER D 76 6.77 -20.63 -3.14
C SER D 76 7.87 -20.48 -4.20
N SER D 77 8.29 -19.23 -4.46
CA SER D 77 9.28 -18.97 -5.50
C SER D 77 10.36 -18.01 -4.98
N LEU D 78 11.49 -18.59 -4.54
CA LEU D 78 12.49 -17.82 -3.82
C LEU D 78 13.03 -16.73 -4.74
N GLN D 79 13.11 -15.53 -4.17
CA GLN D 79 13.54 -14.32 -4.86
C GLN D 79 14.79 -13.80 -4.17
N PRO D 80 15.66 -13.07 -4.92
CA PRO D 80 16.87 -12.51 -4.34
C PRO D 80 16.68 -11.66 -3.09
N GLU D 81 15.60 -10.88 -3.05
CA GLU D 81 15.36 -9.96 -1.95
C GLU D 81 14.80 -10.69 -0.73
N ASP D 82 14.61 -12.01 -0.82
CA ASP D 82 14.14 -12.82 0.29
C ASP D 82 15.28 -13.23 1.22
N PHE D 83 16.50 -12.81 0.90
CA PHE D 83 17.60 -12.99 1.83
C PHE D 83 17.16 -12.35 3.15
N ALA D 84 17.08 -13.16 4.22
CA ALA D 84 16.68 -12.69 5.54
C ALA D 84 16.89 -13.76 6.62
N THR D 85 16.68 -13.35 7.88
CA THR D 85 16.38 -14.30 8.95
C THR D 85 14.87 -14.29 9.19
N TYR D 86 14.27 -15.49 9.28
CA TYR D 86 12.85 -15.69 9.51
C TYR D 86 12.63 -16.23 10.92
N TYR D 87 11.71 -15.59 11.65
CA TYR D 87 11.41 -15.98 13.02
C TYR D 87 9.95 -16.37 13.18
N CYS D 88 9.65 -17.52 13.77
CA CYS D 88 8.31 -17.79 14.26
C CYS D 88 8.18 -17.29 15.70
N GLN D 89 6.91 -17.22 16.12
CA GLN D 89 6.52 -16.78 17.43
C GLN D 89 5.20 -17.44 17.82
N GLN D 90 5.04 -17.68 19.11
CA GLN D 90 3.78 -18.11 19.70
C GLN D 90 3.69 -17.46 21.06
N SER D 91 2.70 -16.59 21.23
CA SER D 91 2.55 -15.87 22.48
C SER D 91 3.80 -15.04 22.72
N ARG D 92 4.51 -15.23 23.83
CA ARG D 92 5.66 -14.37 24.14
C ARG D 92 6.99 -15.04 23.77
N THR D 93 6.95 -16.22 23.14
CA THR D 93 8.16 -16.95 22.82
C THR D 93 8.44 -16.82 21.32
N PHE D 94 9.72 -16.58 21.02
CA PHE D 94 10.22 -16.56 19.66
C PHE D 94 10.98 -17.84 19.37
N GLY D 95 10.95 -18.25 18.10
CA GLY D 95 11.89 -19.24 17.61
C GLY D 95 13.30 -18.70 17.50
N GLN D 96 14.24 -19.61 17.34
CA GLN D 96 15.65 -19.29 17.24
C GLN D 96 15.93 -18.55 15.93
N GLY D 97 15.04 -18.72 14.94
CA GLY D 97 15.22 -18.07 13.66
C GLY D 97 15.98 -18.92 12.66
N THR D 98 15.69 -18.69 11.39
CA THR D 98 16.23 -19.45 10.27
C THR D 98 16.80 -18.45 9.27
N LYS D 99 18.09 -18.58 8.97
CA LYS D 99 18.76 -17.76 7.97
C LYS D 99 18.61 -18.39 6.59
N VAL D 100 18.12 -17.60 5.63
CA VAL D 100 17.94 -18.04 4.26
C VAL D 100 18.94 -17.32 3.37
N GLU D 101 19.75 -18.11 2.65
CA GLU D 101 20.75 -17.61 1.69
C GLU D 101 20.36 -18.02 0.26
N ILE D 102 20.61 -17.12 -0.68
CA ILE D 102 20.36 -17.39 -2.08
C ILE D 102 21.57 -18.05 -2.73
N LYS D 103 21.36 -19.18 -3.41
CA LYS D 103 22.36 -19.76 -4.27
C LYS D 103 22.29 -19.13 -5.66
N ARG D 104 23.48 -18.76 -6.16
CA ARG D 104 23.63 -18.19 -7.49
C ARG D 104 24.91 -18.72 -8.14
N THR D 105 25.12 -18.31 -9.40
CA THR D 105 26.32 -18.66 -10.15
C THR D 105 27.52 -18.08 -9.42
N VAL D 106 28.67 -18.72 -9.61
CA VAL D 106 29.93 -18.28 -9.07
C VAL D 106 30.30 -16.95 -9.72
N ALA D 107 30.75 -15.99 -8.90
CA ALA D 107 31.23 -14.72 -9.39
C ALA D 107 32.49 -14.34 -8.63
N ALA D 108 33.55 -14.08 -9.41
CA ALA D 108 34.88 -13.87 -8.86
C ALA D 108 34.97 -12.48 -8.26
N PRO D 109 35.77 -12.25 -7.20
CA PRO D 109 35.96 -10.93 -6.63
C PRO D 109 36.68 -10.01 -7.61
N SER D 110 36.30 -8.73 -7.59
CA SER D 110 37.10 -7.64 -8.12
C SER D 110 37.91 -7.06 -6.97
N VAL D 111 39.23 -6.98 -7.16
CA VAL D 111 40.12 -6.64 -6.06
C VAL D 111 40.61 -5.21 -6.28
N PHE D 112 40.69 -4.47 -5.18
CA PHE D 112 41.18 -3.11 -5.17
C PHE D 112 41.99 -2.93 -3.90
N ILE D 113 43.11 -2.20 -3.97
CA ILE D 113 43.92 -1.96 -2.78
C ILE D 113 44.05 -0.45 -2.59
N PHE D 114 44.03 -0.03 -1.34
CA PHE D 114 44.09 1.39 -1.01
C PHE D 114 45.22 1.61 -0.05
N PRO D 115 46.26 2.37 -0.43
CA PRO D 115 47.35 2.72 0.50
C PRO D 115 46.76 3.58 1.60
N PRO D 116 47.48 3.90 2.68
CA PRO D 116 46.93 4.75 3.72
C PRO D 116 46.99 6.18 3.20
N SER D 117 46.15 7.04 3.79
CA SER D 117 46.10 8.48 3.50
C SER D 117 47.22 9.22 4.20
N ASP D 118 47.67 10.34 3.62
CA ASP D 118 48.68 11.16 4.28
C ASP D 118 48.10 11.68 5.58
N GLU D 119 46.78 11.94 5.57
CA GLU D 119 46.09 12.48 6.72
C GLU D 119 46.32 11.55 7.92
N GLN D 120 46.11 10.25 7.71
CA GLN D 120 46.23 9.25 8.76
C GLN D 120 47.68 9.17 9.26
N LEU D 121 48.63 9.25 8.33
CA LEU D 121 50.01 8.92 8.63
C LEU D 121 50.63 9.96 9.55
N LYS D 122 50.22 11.22 9.42
CA LYS D 122 50.64 12.27 10.33
C LYS D 122 50.25 11.88 11.75
N SER D 123 49.12 11.18 11.90
CA SER D 123 48.56 10.81 13.19
C SER D 123 49.29 9.64 13.82
N GLY D 124 50.10 8.87 13.05
CA GLY D 124 51.01 7.91 13.65
C GLY D 124 50.70 6.43 13.36
N THR D 125 49.65 6.17 12.58
CA THR D 125 49.24 4.83 12.23
C THR D 125 49.11 4.72 10.72
N ALA D 126 49.30 3.52 10.17
CA ALA D 126 49.02 3.31 8.75
C ALA D 126 48.01 2.17 8.60
N SER D 127 46.88 2.44 7.92
CA SER D 127 45.91 1.41 7.63
C SER D 127 45.91 1.15 6.13
N VAL D 128 46.06 -0.09 5.73
CA VAL D 128 46.07 -0.43 4.32
C VAL D 128 44.84 -1.27 4.06
N VAL D 129 44.06 -0.94 3.06
CA VAL D 129 42.80 -1.64 2.91
C VAL D 129 42.74 -2.37 1.57
N CYS D 130 42.29 -3.62 1.63
CA CYS D 130 42.05 -4.47 0.47
C CYS D 130 40.54 -4.72 0.38
N LEU D 131 39.93 -4.50 -0.80
CA LEU D 131 38.52 -4.68 -1.03
C LEU D 131 38.32 -5.79 -2.07
N LEU D 132 37.45 -6.73 -1.73
CA LEU D 132 37.05 -7.83 -2.60
C LEU D 132 35.56 -7.68 -2.86
N ASN D 133 35.20 -7.24 -4.07
CA ASN D 133 33.89 -6.71 -4.31
C ASN D 133 33.03 -7.69 -5.13
N ASN D 134 31.81 -7.96 -4.65
CA ASN D 134 30.73 -8.55 -5.42
C ASN D 134 31.11 -9.94 -5.93
N PHE D 135 31.37 -10.86 -4.97
CA PHE D 135 31.78 -12.21 -5.30
C PHE D 135 30.85 -13.24 -4.66
N TYR D 136 31.05 -14.49 -5.08
CA TYR D 136 30.16 -15.57 -4.68
C TYR D 136 30.77 -16.89 -5.12
N PRO D 137 30.85 -17.91 -4.25
CA PRO D 137 30.38 -17.84 -2.87
C PRO D 137 31.31 -17.10 -1.90
N ARG D 138 31.04 -17.25 -0.60
CA ARG D 138 31.58 -16.36 0.43
C ARG D 138 33.03 -16.70 0.81
N GLU D 139 33.53 -17.89 0.44
CA GLU D 139 34.90 -18.30 0.76
C GLU D 139 35.92 -17.60 -0.16
N ALA D 140 36.16 -16.34 0.13
CA ALA D 140 37.30 -15.69 -0.48
C ALA D 140 38.29 -15.51 0.66
N LYS D 141 39.57 -15.71 0.35
CA LYS D 141 40.62 -15.59 1.34
C LYS D 141 41.61 -14.54 0.88
N VAL D 142 42.19 -13.87 1.88
CA VAL D 142 43.10 -12.76 1.68
C VAL D 142 44.39 -13.10 2.41
N GLN D 143 45.52 -13.00 1.71
CA GLN D 143 46.84 -12.98 2.36
C GLN D 143 47.51 -11.62 2.12
N TRP D 144 48.05 -11.06 3.20
CA TRP D 144 48.84 -9.85 3.17
C TRP D 144 50.33 -10.18 3.06
N LYS D 145 50.98 -9.58 2.04
CA LYS D 145 52.41 -9.71 1.87
C LYS D 145 53.09 -8.35 1.97
N VAL D 146 54.16 -8.29 2.75
CA VAL D 146 54.98 -7.10 2.87
C VAL D 146 56.41 -7.42 2.42
N ASP D 147 56.85 -6.76 1.34
CA ASP D 147 58.12 -7.06 0.73
C ASP D 147 58.15 -8.56 0.44
N ASN D 148 57.01 -9.06 -0.03
CA ASN D 148 56.81 -10.42 -0.47
C ASN D 148 56.80 -11.44 0.68
N ALA D 149 56.81 -10.96 1.95
CA ALA D 149 56.73 -11.83 3.13
C ALA D 149 55.31 -11.87 3.69
N LEU D 150 54.80 -13.10 3.96
CA LEU D 150 53.44 -13.29 4.44
C LEU D 150 53.31 -12.77 5.88
N GLN D 151 52.20 -12.03 6.15
CA GLN D 151 51.88 -11.54 7.47
C GLN D 151 50.95 -12.53 8.15
N SER D 152 51.24 -12.87 9.41
CA SER D 152 50.43 -13.81 10.16
C SER D 152 49.56 -13.08 11.18
N GLY D 153 49.73 -11.75 11.29
CA GLY D 153 48.83 -10.93 12.07
C GLY D 153 48.65 -9.50 11.52
N ASN D 154 48.23 -8.63 12.45
CA ASN D 154 48.08 -7.21 12.20
C ASN D 154 46.98 -6.90 11.19
N SER D 155 46.10 -7.86 10.87
CA SER D 155 45.01 -7.54 9.96
C SER D 155 43.67 -8.00 10.54
N GLN D 156 42.59 -7.32 10.13
CA GLN D 156 41.22 -7.66 10.50
C GLN D 156 40.35 -7.62 9.25
N GLU D 157 39.34 -8.48 9.22
CA GLU D 157 38.54 -8.66 8.03
C GLU D 157 37.05 -8.53 8.39
N SER D 158 36.23 -8.18 7.40
CA SER D 158 34.81 -8.02 7.62
C SER D 158 34.06 -8.25 6.31
N VAL D 159 32.93 -8.96 6.38
CA VAL D 159 32.15 -9.36 5.19
C VAL D 159 30.75 -8.78 5.24
N THR D 160 30.23 -8.32 4.08
CA THR D 160 28.87 -7.82 4.01
C THR D 160 27.90 -9.00 4.05
N GLU D 161 26.66 -8.67 4.41
CA GLU D 161 25.54 -9.56 4.26
C GLU D 161 25.24 -9.69 2.76
N GLN D 162 24.59 -10.79 2.37
CA GLN D 162 24.32 -11.06 0.98
C GLN D 162 23.48 -9.92 0.39
N ASP D 163 23.94 -9.41 -0.74
CA ASP D 163 23.24 -8.35 -1.43
C ASP D 163 21.83 -8.81 -1.83
N SER D 164 20.87 -7.86 -1.74
CA SER D 164 19.46 -8.12 -1.99
C SER D 164 19.12 -8.18 -3.48
N LYS D 165 19.94 -7.57 -4.35
CA LYS D 165 19.71 -7.58 -5.79
C LYS D 165 20.46 -8.72 -6.49
N ASP D 166 21.79 -8.81 -6.29
CA ASP D 166 22.64 -9.70 -7.08
C ASP D 166 23.17 -10.89 -6.26
N SER D 167 22.78 -10.98 -4.98
CA SER D 167 23.13 -12.08 -4.09
C SER D 167 24.66 -12.27 -3.96
N THR D 168 25.46 -11.22 -4.14
CA THR D 168 26.90 -11.38 -3.97
C THR D 168 27.29 -10.91 -2.58
N TYR D 169 28.56 -11.16 -2.22
CA TYR D 169 29.14 -10.74 -0.96
C TYR D 169 30.34 -9.83 -1.25
N SER D 170 30.73 -9.04 -0.26
CA SER D 170 31.93 -8.22 -0.37
C SER D 170 32.70 -8.31 0.93
N LEU D 171 34.03 -8.31 0.82
CA LEU D 171 34.90 -8.42 1.97
C LEU D 171 35.91 -7.28 1.88
N SER D 172 36.27 -6.72 3.03
CA SER D 172 37.42 -5.86 3.15
C SER D 172 38.31 -6.44 4.23
N SER D 173 39.63 -6.42 3.96
CA SER D 173 40.68 -6.68 4.92
C SER D 173 41.48 -5.40 5.18
N THR D 174 41.82 -5.13 6.44
CA THR D 174 42.56 -3.93 6.83
C THR D 174 43.82 -4.36 7.57
N LEU D 175 44.99 -3.90 7.05
CA LEU D 175 46.27 -4.22 7.63
C LEU D 175 46.76 -2.96 8.36
N THR D 176 46.98 -3.06 9.66
CA THR D 176 47.25 -1.87 10.46
C THR D 176 48.66 -1.99 11.03
N LEU D 177 49.48 -0.96 10.78
CA LEU D 177 50.84 -0.85 11.26
C LEU D 177 51.06 0.53 11.88
N SER D 178 52.04 0.65 12.78
CA SER D 178 52.57 1.96 13.16
C SER D 178 53.18 2.65 11.93
N LYS D 179 53.26 3.98 11.99
CA LYS D 179 53.84 4.73 10.89
C LYS D 179 55.29 4.29 10.69
N ALA D 180 56.04 4.22 11.80
CA ALA D 180 57.43 3.82 11.78
C ALA D 180 57.58 2.52 10.99
N ASP D 181 56.78 1.53 11.37
CA ASP D 181 56.86 0.19 10.80
C ASP D 181 56.47 0.23 9.32
N TYR D 182 55.46 1.04 8.99
CA TYR D 182 54.98 1.13 7.63
C TYR D 182 56.13 1.53 6.71
N GLU D 183 56.99 2.46 7.16
CA GLU D 183 57.98 3.08 6.31
C GLU D 183 59.22 2.21 6.14
N LYS D 184 59.37 1.20 7.02
CA LYS D 184 60.49 0.30 6.90
C LYS D 184 60.22 -0.75 5.82
N HIS D 185 59.24 -0.52 4.93
CA HIS D 185 58.97 -1.51 3.88
C HIS D 185 58.51 -0.80 2.62
N LYS D 186 58.45 -1.55 1.51
CA LYS D 186 58.30 -0.94 0.20
C LYS D 186 57.04 -1.46 -0.47
N VAL D 187 56.95 -2.79 -0.64
CA VAL D 187 55.88 -3.36 -1.44
C VAL D 187 54.82 -3.91 -0.48
N TYR D 188 53.58 -3.36 -0.57
CA TYR D 188 52.44 -3.88 0.17
C TYR D 188 51.44 -4.52 -0.79
N ALA D 189 51.07 -5.77 -0.50
CA ALA D 189 50.25 -6.53 -1.41
C ALA D 189 49.15 -7.30 -0.67
N CYS D 190 48.02 -7.48 -1.34
CA CYS D 190 47.05 -8.46 -0.90
C CYS D 190 46.82 -9.41 -2.04
N GLU D 191 46.76 -10.69 -1.66
CA GLU D 191 46.68 -11.80 -2.58
C GLU D 191 45.39 -12.54 -2.26
N VAL D 192 44.55 -12.70 -3.28
CA VAL D 192 43.19 -13.11 -3.06
C VAL D 192 42.96 -14.42 -3.80
N THR D 193 42.38 -15.38 -3.08
CA THR D 193 42.04 -16.65 -3.68
C THR D 193 40.56 -16.87 -3.43
N HIS D 194 39.91 -17.47 -4.42
CA HIS D 194 38.49 -17.71 -4.41
C HIS D 194 38.16 -18.64 -5.58
N GLN D 195 37.05 -19.35 -5.42
CA GLN D 195 36.66 -20.43 -6.32
C GLN D 195 36.53 -19.90 -7.75
N GLY D 196 36.16 -18.63 -7.90
CA GLY D 196 35.87 -18.08 -9.22
C GLY D 196 37.11 -17.64 -9.99
N LEU D 197 38.27 -17.68 -9.33
CA LEU D 197 39.54 -17.31 -9.94
C LEU D 197 40.34 -18.55 -10.31
N SER D 198 40.90 -18.58 -11.53
CA SER D 198 41.77 -19.66 -12.01
C SER D 198 43.09 -19.71 -11.25
N SER D 199 43.66 -18.55 -10.89
CA SER D 199 44.86 -18.47 -10.07
C SER D 199 44.83 -17.18 -9.25
N PRO D 200 45.61 -17.05 -8.16
CA PRO D 200 45.48 -15.91 -7.23
C PRO D 200 45.60 -14.54 -7.89
N VAL D 201 44.74 -13.61 -7.49
CA VAL D 201 44.86 -12.21 -7.87
C VAL D 201 45.63 -11.46 -6.79
N THR D 202 46.65 -10.70 -7.22
CA THR D 202 47.44 -9.84 -6.37
C THR D 202 47.26 -8.40 -6.82
N LYS D 203 47.04 -7.53 -5.85
CA LYS D 203 47.08 -6.10 -6.08
C LYS D 203 48.07 -5.57 -5.05
N SER D 204 48.85 -4.56 -5.47
CA SER D 204 49.92 -4.08 -4.60
C SER D 204 50.23 -2.65 -4.95
N PHE D 205 50.92 -1.95 -4.05
CA PHE D 205 51.33 -0.58 -4.29
C PHE D 205 52.75 -0.44 -3.74
N ASN D 206 53.48 0.55 -4.25
CA ASN D 206 54.82 0.83 -3.77
C ASN D 206 54.74 1.99 -2.78
N ARG D 207 55.23 1.76 -1.55
CA ARG D 207 55.23 2.77 -0.49
C ARG D 207 55.90 4.03 -1.04
N GLY D 208 55.24 5.18 -0.90
CA GLY D 208 55.77 6.42 -1.46
C GLY D 208 55.17 6.73 -2.83
N GLU D 209 55.37 5.81 -3.79
CA GLU D 209 54.76 5.93 -5.11
C GLU D 209 53.24 5.89 -4.98
N CYS D 210 52.72 4.99 -4.11
CA CYS D 210 51.29 4.89 -3.85
C CYS D 210 50.46 5.05 -5.13
N GLU E 1 23.14 13.88 -10.90
CA GLU E 1 23.07 13.86 -12.39
C GLU E 1 22.27 12.66 -12.85
N VAL E 2 21.71 12.74 -14.06
CA VAL E 2 20.89 11.65 -14.58
C VAL E 2 21.73 10.81 -15.53
N GLN E 3 21.33 9.56 -15.69
CA GLN E 3 21.92 8.73 -16.71
C GLN E 3 20.80 8.40 -17.69
N LEU E 4 21.16 8.11 -18.94
CA LEU E 4 20.18 7.83 -19.96
C LEU E 4 20.43 6.44 -20.53
N GLN E 5 19.39 5.62 -20.53
CA GLN E 5 19.54 4.22 -20.90
C GLN E 5 18.59 3.94 -22.06
N GLU E 6 19.14 3.63 -23.21
CA GLU E 6 18.33 3.45 -24.41
C GLU E 6 18.01 1.98 -24.66
N SER E 7 16.93 1.74 -25.38
CA SER E 7 16.50 0.39 -25.75
C SER E 7 17.50 -0.20 -26.75
N GLY E 8 17.39 -1.50 -26.98
CA GLY E 8 18.40 -2.25 -27.71
C GLY E 8 18.15 -2.24 -29.23
N PRO E 9 19.05 -2.92 -29.98
CA PRO E 9 19.02 -2.91 -31.44
C PRO E 9 17.70 -3.39 -32.01
N GLU E 10 17.33 -2.79 -33.15
CA GLU E 10 16.07 -3.06 -33.81
C GLU E 10 16.34 -3.39 -35.27
N LEU E 11 15.75 -4.48 -35.76
CA LEU E 11 15.85 -4.93 -37.14
C LEU E 11 14.46 -4.95 -37.75
N MET E 12 14.20 -4.11 -38.76
CA MET E 12 12.84 -3.89 -39.23
C MET E 12 12.76 -4.02 -40.75
N LYS E 13 11.58 -4.36 -41.24
CA LYS E 13 11.33 -4.43 -42.67
C LYS E 13 10.91 -3.06 -43.17
N PRO E 14 11.19 -2.69 -44.42
CA PRO E 14 10.60 -1.47 -44.98
C PRO E 14 9.11 -1.46 -44.71
N GLY E 15 8.60 -0.28 -44.30
CA GLY E 15 7.17 -0.07 -44.13
C GLY E 15 6.69 -0.33 -42.70
N ALA E 16 7.50 -1.04 -41.88
CA ALA E 16 7.19 -1.21 -40.47
C ALA E 16 7.42 0.09 -39.71
N SER E 17 7.24 0.01 -38.39
CA SER E 17 7.49 1.15 -37.53
C SER E 17 8.15 0.67 -36.24
N VAL E 18 8.75 1.58 -35.48
CA VAL E 18 9.46 1.19 -34.28
C VAL E 18 9.40 2.29 -33.24
N LYS E 19 9.37 1.87 -31.96
CA LYS E 19 9.34 2.80 -30.84
C LYS E 19 10.57 2.63 -29.93
N ILE E 20 11.49 3.61 -29.97
CA ILE E 20 12.73 3.58 -29.21
C ILE E 20 12.50 4.25 -27.86
N SER E 21 12.98 3.63 -26.80
CA SER E 21 12.78 4.19 -25.49
C SER E 21 14.09 4.74 -24.99
N CYS E 22 13.99 5.65 -24.03
CA CYS E 22 15.16 6.23 -23.40
C CYS E 22 14.79 6.55 -21.96
N LYS E 23 15.32 5.77 -21.01
CA LYS E 23 14.92 5.89 -19.61
C LYS E 23 15.96 6.66 -18.81
N ALA E 24 15.51 7.66 -18.06
CA ALA E 24 16.40 8.49 -17.27
C ALA E 24 16.38 8.02 -15.83
N SER E 25 17.57 7.81 -15.28
CA SER E 25 17.70 7.45 -13.89
C SER E 25 18.54 8.49 -13.15
N GLY E 26 18.65 8.33 -11.83
CA GLY E 26 19.33 9.29 -11.00
C GLY E 26 18.49 10.55 -10.83
N TYR E 27 19.19 11.67 -10.71
CA TYR E 27 18.52 12.88 -10.28
C TYR E 27 19.18 14.09 -10.93
N SER E 28 18.40 15.17 -11.12
CA SER E 28 18.87 16.50 -11.49
C SER E 28 18.27 17.53 -10.54
N PHE E 29 19.04 18.59 -10.24
CA PHE E 29 18.53 19.63 -9.35
C PHE E 29 17.68 20.63 -10.13
N THR E 30 17.88 20.72 -11.45
CA THR E 30 17.07 21.63 -12.27
C THR E 30 16.34 20.80 -13.34
N SER E 31 15.28 21.38 -13.90
CA SER E 31 14.63 20.73 -15.02
C SER E 31 15.56 20.77 -16.23
N TYR E 32 15.17 20.02 -17.27
CA TYR E 32 15.91 19.84 -18.50
C TYR E 32 14.91 19.28 -19.50
N ASN E 33 15.30 19.17 -20.78
CA ASN E 33 14.44 18.48 -21.73
C ASN E 33 15.28 17.51 -22.54
N MET E 34 14.60 16.73 -23.38
CA MET E 34 15.17 15.55 -24.01
C MET E 34 15.21 15.78 -25.52
N HIS E 35 16.40 15.65 -26.10
CA HIS E 35 16.67 15.86 -27.52
C HIS E 35 16.96 14.51 -28.16
N TRP E 36 16.44 14.33 -29.37
CA TRP E 36 16.68 13.11 -30.14
C TRP E 36 17.50 13.45 -31.38
N VAL E 37 18.47 12.57 -31.69
CA VAL E 37 19.53 12.81 -32.66
C VAL E 37 19.78 11.55 -33.50
N LYS E 38 19.94 11.74 -34.82
CA LYS E 38 20.16 10.64 -35.75
C LYS E 38 21.61 10.72 -36.20
N GLN E 39 22.34 9.60 -36.08
CA GLN E 39 23.70 9.54 -36.59
C GLN E 39 23.75 8.60 -37.80
N SER E 40 24.10 9.12 -38.98
CA SER E 40 24.22 8.31 -40.19
C SER E 40 25.70 8.23 -40.60
N HIS E 41 26.08 7.04 -41.15
CA HIS E 41 27.43 6.75 -41.61
C HIS E 41 28.47 6.95 -40.49
N GLY E 42 28.01 6.98 -39.23
CA GLY E 42 28.89 7.19 -38.09
C GLY E 42 29.39 8.62 -37.88
N LYS E 43 29.07 9.55 -38.81
CA LYS E 43 29.46 10.95 -38.67
C LYS E 43 28.30 11.93 -38.84
N SER E 44 27.27 11.59 -39.63
CA SER E 44 26.22 12.54 -40.00
C SER E 44 25.25 12.68 -38.83
N LEU E 45 25.43 13.74 -38.03
CA LEU E 45 24.55 14.05 -36.91
C LEU E 45 23.43 14.98 -37.38
N GLU E 46 22.16 14.59 -37.12
CA GLU E 46 21.01 15.44 -37.39
C GLU E 46 20.14 15.55 -36.14
N TRP E 47 19.67 16.76 -35.85
CA TRP E 47 18.70 16.95 -34.77
C TRP E 47 17.32 16.57 -35.26
N ILE E 48 16.62 15.72 -34.50
CA ILE E 48 15.29 15.24 -34.89
C ILE E 48 14.20 16.12 -34.28
N GLY E 49 14.36 16.45 -32.99
CA GLY E 49 13.43 17.30 -32.26
C GLY E 49 13.67 17.18 -30.76
N TYR E 50 12.80 17.78 -29.93
CA TYR E 50 12.96 17.63 -28.50
C TYR E 50 11.57 17.50 -27.88
N ILE E 51 11.50 16.90 -26.69
CA ILE E 51 10.30 17.04 -25.87
C ILE E 51 10.69 17.52 -24.47
N ASP E 52 9.81 18.32 -23.86
CA ASP E 52 10.03 18.83 -22.53
C ASP E 52 9.18 18.00 -21.55
N PRO E 53 9.77 17.22 -20.63
CA PRO E 53 8.96 16.47 -19.67
C PRO E 53 8.26 17.34 -18.64
N PHE E 54 8.53 18.65 -18.63
CA PHE E 54 8.05 19.49 -17.55
C PHE E 54 6.83 20.27 -18.02
N ASN E 55 6.89 20.85 -19.23
CA ASN E 55 5.80 21.65 -19.76
C ASN E 55 5.16 21.03 -21.00
N ASP E 56 5.58 19.84 -21.42
CA ASP E 56 5.04 19.12 -22.57
C ASP E 56 5.31 19.75 -23.94
N GLY E 57 6.05 20.87 -24.01
CA GLY E 57 6.41 21.42 -25.31
C GLY E 57 7.21 20.44 -26.17
N THR E 58 7.01 20.50 -27.50
CA THR E 58 7.80 19.75 -28.48
C THR E 58 8.08 20.61 -29.71
N THR E 59 9.19 20.28 -30.38
CA THR E 59 9.62 20.94 -31.60
C THR E 59 10.29 19.86 -32.44
N TYR E 60 10.07 19.90 -33.75
CA TYR E 60 10.60 18.89 -34.65
C TYR E 60 11.36 19.59 -35.75
N ASN E 61 12.54 19.05 -36.10
CA ASN E 61 13.16 19.30 -37.40
C ASN E 61 12.13 19.01 -38.49
N GLN E 62 11.94 19.98 -39.39
CA GLN E 62 10.87 19.88 -40.38
C GLN E 62 11.09 18.62 -41.22
N LYS E 63 12.34 18.18 -41.38
CA LYS E 63 12.67 17.00 -42.15
C LYS E 63 12.07 15.74 -41.54
N PHE E 64 11.78 15.73 -40.23
CA PHE E 64 11.28 14.56 -39.51
C PHE E 64 9.81 14.73 -39.10
N LYS E 65 9.20 15.83 -39.51
CA LYS E 65 7.80 16.07 -39.18
C LYS E 65 6.95 15.01 -39.86
N GLY E 66 6.26 14.21 -39.04
CA GLY E 66 5.40 13.14 -39.54
C GLY E 66 6.14 11.82 -39.73
N LYS E 67 7.46 11.79 -39.46
CA LYS E 67 8.18 10.54 -39.36
C LYS E 67 8.44 10.21 -37.88
N ALA E 68 8.91 11.20 -37.10
CA ALA E 68 9.13 11.00 -35.67
C ALA E 68 7.98 11.59 -34.84
N THR E 69 7.67 10.93 -33.72
CA THR E 69 6.75 11.45 -32.73
C THR E 69 7.36 11.24 -31.35
N LEU E 70 7.46 12.31 -30.55
CA LEU E 70 8.06 12.22 -29.22
C LEU E 70 6.97 12.14 -28.16
N THR E 71 7.09 11.17 -27.23
CA THR E 71 6.22 11.17 -26.06
C THR E 71 7.07 10.94 -24.81
N VAL E 72 6.46 11.10 -23.63
CA VAL E 72 7.09 10.75 -22.36
C VAL E 72 6.12 9.93 -21.49
N ASP E 73 6.68 9.10 -20.59
CA ASP E 73 5.93 8.50 -19.51
C ASP E 73 6.46 9.05 -18.18
N LYS E 74 5.76 10.03 -17.61
CA LYS E 74 6.34 10.85 -16.56
C LYS E 74 6.49 10.06 -15.27
N SER E 75 5.73 8.95 -15.17
CA SER E 75 5.73 8.14 -13.97
C SER E 75 6.86 7.11 -14.03
N SER E 76 7.32 6.75 -15.23
CA SER E 76 8.45 5.82 -15.36
C SER E 76 9.75 6.52 -15.80
N SER E 77 9.72 7.84 -16.00
CA SER E 77 10.88 8.60 -16.42
C SER E 77 11.42 8.06 -17.74
N THR E 78 10.54 7.85 -18.72
CA THR E 78 10.95 7.29 -20.00
C THR E 78 10.47 8.17 -21.15
N ALA E 79 11.39 8.59 -22.03
CA ALA E 79 11.04 9.25 -23.27
C ALA E 79 10.94 8.22 -24.39
N TYR E 80 10.04 8.44 -25.35
CA TYR E 80 9.88 7.54 -26.48
C TYR E 80 9.99 8.29 -27.80
N MET E 81 10.50 7.61 -28.82
CA MET E 81 10.49 8.15 -30.18
C MET E 81 9.95 7.08 -31.12
N HIS E 82 8.74 7.34 -31.58
CA HIS E 82 8.10 6.52 -32.60
C HIS E 82 8.59 6.99 -33.96
N LEU E 83 9.14 6.08 -34.76
CA LEU E 83 9.44 6.33 -36.17
C LEU E 83 8.50 5.45 -36.99
N SER E 84 7.86 6.02 -38.00
CA SER E 84 6.81 5.32 -38.70
C SER E 84 7.19 5.14 -40.17
N SER E 85 6.74 4.01 -40.75
CA SER E 85 6.83 3.74 -42.18
C SER E 85 8.29 3.74 -42.61
N LEU E 86 9.04 2.76 -42.07
CA LEU E 86 10.48 2.79 -42.16
C LEU E 86 10.93 2.53 -43.58
N THR E 87 12.02 3.22 -43.96
CA THR E 87 12.71 2.95 -45.21
C THR E 87 14.16 2.70 -44.88
N SER E 88 14.93 2.35 -45.91
CA SER E 88 16.34 2.05 -45.74
C SER E 88 17.10 3.29 -45.28
N GLU E 89 16.56 4.48 -45.58
CA GLU E 89 17.14 5.74 -45.15
C GLU E 89 17.01 5.99 -43.64
N ASP E 90 16.15 5.24 -42.95
CA ASP E 90 16.02 5.34 -41.52
C ASP E 90 17.01 4.44 -40.78
N SER E 91 17.90 3.74 -41.50
CA SER E 91 18.91 2.94 -40.86
C SER E 91 19.99 3.88 -40.33
N ALA E 92 20.27 3.81 -39.04
CA ALA E 92 21.13 4.79 -38.41
C ALA E 92 21.26 4.47 -36.94
N VAL E 93 22.03 5.30 -36.21
CA VAL E 93 22.03 5.20 -34.76
C VAL E 93 21.30 6.40 -34.19
N TYR E 94 20.34 6.13 -33.28
CA TYR E 94 19.55 7.19 -32.67
C TYR E 94 19.95 7.39 -31.21
N TYR E 95 20.13 8.65 -30.83
CA TYR E 95 20.55 9.03 -29.48
C TYR E 95 19.49 9.91 -28.86
N CYS E 96 19.27 9.78 -27.56
CA CYS E 96 18.63 10.79 -26.71
C CYS E 96 19.72 11.54 -25.96
N ALA E 97 19.44 12.78 -25.57
CA ALA E 97 20.42 13.63 -24.95
C ALA E 97 19.73 14.64 -24.05
N LYS E 98 20.27 14.86 -22.86
CA LYS E 98 19.73 15.88 -21.97
C LYS E 98 20.30 17.22 -22.35
N LEU E 99 19.44 18.22 -22.45
CA LEU E 99 19.81 19.62 -22.59
C LEU E 99 19.20 20.38 -21.40
N GLY E 100 20.07 20.87 -20.51
CA GLY E 100 19.60 21.56 -19.32
C GLY E 100 19.77 23.07 -19.48
N PRO E 101 19.72 23.83 -18.37
CA PRO E 101 19.64 25.28 -18.47
C PRO E 101 20.80 25.98 -19.18
N TYR E 102 21.97 25.32 -19.29
CA TYR E 102 23.11 25.98 -19.92
C TYR E 102 23.22 25.66 -21.40
N TRP E 103 22.29 24.84 -21.92
CA TRP E 103 22.09 24.62 -23.35
C TRP E 103 23.33 24.02 -23.98
N TYR E 104 23.94 23.05 -23.27
CA TYR E 104 24.91 22.12 -23.84
C TYR E 104 24.39 20.72 -23.58
N PHE E 105 24.71 19.81 -24.51
CA PHE E 105 24.27 18.43 -24.37
C PHE E 105 25.28 17.67 -23.52
N ASP E 106 24.97 17.49 -22.22
CA ASP E 106 25.90 16.98 -21.22
C ASP E 106 25.61 15.55 -20.78
N VAL E 107 24.44 15.01 -21.10
CA VAL E 107 24.22 13.60 -20.83
C VAL E 107 23.67 12.94 -22.10
N TRP E 108 24.22 11.79 -22.45
CA TRP E 108 23.86 11.17 -23.71
C TRP E 108 23.54 9.70 -23.55
N GLY E 109 22.46 9.27 -24.22
CA GLY E 109 22.23 7.85 -24.43
C GLY E 109 23.42 7.20 -25.15
N ALA E 110 23.56 5.89 -24.99
CA ALA E 110 24.59 5.16 -25.69
C ALA E 110 24.19 4.88 -27.15
N GLY E 111 22.94 5.16 -27.51
CA GLY E 111 22.54 5.01 -28.90
C GLY E 111 21.79 3.70 -29.15
N THR E 112 20.74 3.81 -29.96
CA THR E 112 19.99 2.65 -30.42
C THR E 112 20.24 2.50 -31.91
N THR E 113 20.61 1.30 -32.30
CA THR E 113 20.90 1.06 -33.70
C THR E 113 19.67 0.46 -34.38
N VAL E 114 19.19 1.13 -35.42
CA VAL E 114 18.05 0.64 -36.15
C VAL E 114 18.50 0.25 -37.56
N THR E 115 18.17 -1.00 -37.92
CA THR E 115 18.49 -1.52 -39.25
C THR E 115 17.17 -1.76 -40.00
N VAL E 116 17.12 -1.28 -41.25
CA VAL E 116 15.97 -1.47 -42.09
C VAL E 116 16.44 -2.14 -43.37
N SER E 117 16.13 -3.44 -43.47
CA SER E 117 16.55 -4.29 -44.57
C SER E 117 15.41 -5.23 -44.91
N SER E 118 15.06 -5.30 -46.20
CA SER E 118 14.13 -6.32 -46.63
C SER E 118 14.83 -7.65 -46.91
N ALA E 119 16.04 -7.87 -46.35
CA ALA E 119 16.74 -9.14 -46.48
C ALA E 119 16.17 -10.19 -45.51
N LYS E 120 16.41 -11.46 -45.84
CA LYS E 120 15.89 -12.61 -45.10
C LYS E 120 17.02 -13.34 -44.39
N THR E 121 16.72 -13.98 -43.26
CA THR E 121 17.75 -14.57 -42.44
C THR E 121 18.48 -15.61 -43.27
N THR E 122 19.79 -15.41 -43.41
CA THR E 122 20.67 -16.28 -44.15
C THR E 122 21.87 -16.69 -43.29
N ALA E 123 22.18 -17.99 -43.29
CA ALA E 123 23.36 -18.49 -42.62
C ALA E 123 24.58 -18.21 -43.50
N PRO E 124 25.75 -17.92 -42.91
CA PRO E 124 26.97 -17.74 -43.70
C PRO E 124 27.37 -19.06 -44.36
N SER E 125 28.03 -18.96 -45.51
CA SER E 125 28.90 -20.02 -45.99
C SER E 125 30.31 -19.67 -45.50
N VAL E 126 31.05 -20.67 -44.99
CA VAL E 126 32.35 -20.40 -44.40
C VAL E 126 33.44 -21.11 -45.22
N TYR E 127 34.36 -20.32 -45.80
CA TYR E 127 35.42 -20.82 -46.66
C TYR E 127 36.77 -20.65 -45.99
N PRO E 128 37.76 -21.53 -46.28
CA PRO E 128 39.10 -21.41 -45.71
C PRO E 128 39.99 -20.51 -46.55
N LEU E 129 40.87 -19.79 -45.85
CA LEU E 129 41.91 -19.01 -46.46
C LEU E 129 43.27 -19.60 -46.07
N ALA E 130 43.80 -20.40 -47.00
CA ALA E 130 45.12 -20.98 -46.84
C ALA E 130 46.05 -20.29 -47.82
N PRO E 131 47.36 -20.17 -47.50
CA PRO E 131 48.32 -19.66 -48.48
C PRO E 131 48.43 -20.64 -49.66
N VAL E 132 48.99 -20.13 -50.76
CA VAL E 132 49.37 -20.96 -51.89
C VAL E 132 50.51 -21.90 -51.47
N CYS E 133 50.80 -22.89 -52.32
CA CYS E 133 51.75 -23.96 -52.00
C CYS E 133 53.19 -23.42 -51.93
N GLY E 134 53.53 -22.48 -52.83
CA GLY E 134 54.82 -21.81 -52.85
C GLY E 134 55.12 -21.04 -51.57
N ASP E 135 54.16 -20.25 -51.08
CA ASP E 135 54.35 -19.38 -49.93
C ASP E 135 54.42 -20.18 -48.64
N THR E 136 55.61 -20.72 -48.37
CA THR E 136 55.88 -21.41 -47.11
C THR E 136 57.21 -20.95 -46.52
N THR E 137 58.03 -20.23 -47.30
CA THR E 137 59.42 -19.97 -46.92
C THR E 137 59.47 -18.70 -46.07
N GLY E 138 59.15 -18.86 -44.78
CA GLY E 138 59.20 -17.77 -43.83
C GLY E 138 58.98 -18.28 -42.42
N SER E 139 59.37 -17.46 -41.44
CA SER E 139 59.33 -17.77 -40.02
C SER E 139 57.90 -17.97 -39.49
N SER E 140 56.90 -17.35 -40.15
CA SER E 140 55.52 -17.36 -39.67
C SER E 140 54.54 -17.44 -40.84
N VAL E 141 53.33 -17.94 -40.56
CA VAL E 141 52.34 -18.23 -41.59
C VAL E 141 51.01 -17.63 -41.13
N THR E 142 50.18 -17.18 -42.08
CA THR E 142 48.91 -16.55 -41.73
C THR E 142 47.76 -17.26 -42.46
N LEU E 143 46.86 -17.84 -41.66
CA LEU E 143 45.66 -18.50 -42.14
C LEU E 143 44.49 -17.55 -41.95
N GLY E 144 43.34 -17.92 -42.54
CA GLY E 144 42.17 -17.06 -42.48
C GLY E 144 40.89 -17.86 -42.66
N CYS E 145 39.78 -17.17 -42.45
CA CYS E 145 38.45 -17.75 -42.45
C CYS E 145 37.54 -16.71 -43.08
N LEU E 146 36.90 -17.06 -44.19
CA LEU E 146 36.03 -16.14 -44.93
C LEU E 146 34.59 -16.53 -44.63
N VAL E 147 33.80 -15.55 -44.16
CA VAL E 147 32.45 -15.75 -43.70
C VAL E 147 31.55 -14.98 -44.64
N LYS E 148 31.02 -15.68 -45.65
CA LYS E 148 30.36 -15.03 -46.78
C LYS E 148 28.85 -15.19 -46.67
N GLY E 149 28.13 -14.10 -46.95
CA GLY E 149 26.73 -14.12 -47.36
C GLY E 149 25.74 -14.38 -46.23
N TYR E 150 25.96 -13.76 -45.05
CA TYR E 150 25.12 -13.99 -43.88
C TYR E 150 24.23 -12.77 -43.60
N PHE E 151 23.04 -13.02 -43.02
CA PHE E 151 22.12 -11.94 -42.64
C PHE E 151 21.21 -12.45 -41.53
N PRO E 152 20.92 -11.64 -40.49
CA PRO E 152 21.60 -10.35 -40.28
C PRO E 152 22.83 -10.48 -39.40
N GLU E 153 23.29 -9.36 -38.85
CA GLU E 153 24.38 -9.33 -37.88
C GLU E 153 23.81 -9.62 -36.49
N PRO E 154 24.60 -10.19 -35.56
CA PRO E 154 26.03 -10.41 -35.73
C PRO E 154 26.44 -11.85 -36.01
N VAL E 155 27.77 -12.07 -36.08
CA VAL E 155 28.36 -13.38 -36.25
C VAL E 155 29.51 -13.50 -35.26
N THR E 156 29.67 -14.67 -34.63
CA THR E 156 30.74 -14.88 -33.66
C THR E 156 31.74 -15.87 -34.24
N LEU E 157 33.01 -15.45 -34.35
CA LEU E 157 34.08 -16.29 -34.90
C LEU E 157 35.14 -16.52 -33.84
N THR E 158 35.59 -17.78 -33.67
CA THR E 158 36.67 -18.10 -32.74
C THR E 158 37.63 -19.06 -33.43
N TRP E 159 38.90 -19.09 -32.98
CA TRP E 159 39.84 -20.08 -33.47
C TRP E 159 40.10 -21.15 -32.41
N ASN E 160 39.89 -22.42 -32.78
CA ASN E 160 40.13 -23.55 -31.90
C ASN E 160 39.29 -23.40 -30.63
N SER E 161 38.01 -23.07 -30.84
CA SER E 161 37.04 -22.87 -29.76
C SER E 161 37.49 -21.83 -28.72
N GLY E 162 38.43 -20.95 -29.06
CA GLY E 162 38.76 -19.82 -28.21
C GLY E 162 40.14 -19.97 -27.57
N SER E 163 40.77 -21.13 -27.75
CA SER E 163 42.07 -21.38 -27.15
C SER E 163 43.11 -20.49 -27.79
N LEU E 164 43.11 -20.48 -29.13
CA LEU E 164 43.97 -19.61 -29.92
C LEU E 164 43.30 -18.24 -30.08
N SER E 165 43.84 -17.23 -29.38
CA SER E 165 43.25 -15.90 -29.35
C SER E 165 44.27 -14.81 -29.67
N SER E 166 45.55 -15.01 -29.32
CA SER E 166 46.57 -14.06 -29.71
C SER E 166 46.98 -14.34 -31.15
N GLY E 167 47.28 -13.26 -31.90
CA GLY E 167 47.53 -13.36 -33.33
C GLY E 167 46.26 -13.26 -34.18
N VAL E 168 45.09 -13.07 -33.55
CA VAL E 168 43.81 -13.09 -34.25
C VAL E 168 43.39 -11.68 -34.62
N HIS E 169 42.94 -11.51 -35.87
CA HIS E 169 42.41 -10.25 -36.36
C HIS E 169 41.11 -10.54 -37.11
N THR E 170 39.98 -10.23 -36.48
CA THR E 170 38.67 -10.27 -37.12
C THR E 170 38.32 -8.89 -37.67
N PHE E 171 37.88 -8.85 -38.94
CA PHE E 171 37.66 -7.60 -39.65
C PHE E 171 36.21 -7.16 -39.56
N PRO E 172 35.91 -5.85 -39.76
CA PRO E 172 34.53 -5.39 -39.91
C PRO E 172 33.83 -6.05 -41.10
N ALA E 173 32.52 -6.16 -40.99
CA ALA E 173 31.72 -6.71 -42.07
C ALA E 173 31.58 -5.68 -43.18
N VAL E 174 31.41 -6.18 -44.40
CA VAL E 174 31.00 -5.37 -45.53
C VAL E 174 29.62 -5.84 -45.99
N LEU E 175 28.96 -4.98 -46.77
CA LEU E 175 27.61 -5.22 -47.23
C LEU E 175 27.67 -5.52 -48.73
N GLN E 176 27.34 -6.77 -49.10
CA GLN E 176 27.27 -7.17 -50.50
C GLN E 176 25.83 -7.53 -50.88
N SER E 177 25.06 -6.54 -51.38
CA SER E 177 23.69 -6.78 -51.84
C SER E 177 22.83 -7.38 -50.73
N ASP E 178 22.59 -6.61 -49.66
CA ASP E 178 21.71 -7.04 -48.59
C ASP E 178 22.33 -8.10 -47.68
N LEU E 179 23.54 -8.60 -47.99
CA LEU E 179 24.16 -9.64 -47.19
C LEU E 179 25.51 -9.15 -46.66
N TYR E 180 25.88 -9.61 -45.47
CA TYR E 180 27.15 -9.25 -44.87
C TYR E 180 28.20 -10.28 -45.24
N THR E 181 29.43 -9.82 -45.41
CA THR E 181 30.59 -10.70 -45.54
C THR E 181 31.70 -10.20 -44.60
N LEU E 182 32.27 -11.12 -43.84
CA LEU E 182 33.35 -10.83 -42.92
C LEU E 182 34.45 -11.85 -43.16
N SER E 183 35.66 -11.55 -42.68
CA SER E 183 36.76 -12.49 -42.66
C SER E 183 37.57 -12.30 -41.38
N SER E 184 38.22 -13.38 -40.93
CA SER E 184 39.16 -13.34 -39.83
C SER E 184 40.44 -14.06 -40.23
N SER E 185 41.57 -13.62 -39.63
CA SER E 185 42.87 -14.21 -39.88
C SER E 185 43.59 -14.43 -38.54
N VAL E 186 44.56 -15.35 -38.58
CA VAL E 186 45.39 -15.66 -37.42
C VAL E 186 46.79 -15.95 -37.94
N THR E 187 47.80 -15.43 -37.22
CA THR E 187 49.21 -15.66 -37.51
C THR E 187 49.84 -16.59 -36.46
N VAL E 188 50.36 -17.73 -36.92
CA VAL E 188 51.09 -18.70 -36.12
C VAL E 188 52.48 -18.87 -36.72
N THR E 189 53.41 -19.41 -35.93
CA THR E 189 54.74 -19.71 -36.43
C THR E 189 54.66 -20.93 -37.35
N SER E 190 55.49 -20.93 -38.40
CA SER E 190 55.34 -21.91 -39.48
C SER E 190 55.62 -23.32 -38.98
N SER E 191 56.38 -23.44 -37.88
CA SER E 191 56.61 -24.72 -37.23
C SER E 191 55.30 -25.30 -36.69
N THR E 192 54.30 -24.45 -36.43
CA THR E 192 53.03 -24.87 -35.85
C THR E 192 52.19 -25.60 -36.90
N TRP E 193 51.69 -24.82 -37.85
CA TRP E 193 50.83 -25.28 -38.92
C TRP E 193 51.72 -25.79 -40.07
N PRO E 194 51.36 -26.85 -40.82
CA PRO E 194 50.07 -27.55 -40.69
C PRO E 194 50.05 -28.78 -39.79
N SER E 195 51.12 -28.97 -39.00
CA SER E 195 51.18 -30.10 -38.08
C SER E 195 50.07 -29.97 -37.04
N GLN E 196 49.83 -28.75 -36.54
CA GLN E 196 48.76 -28.49 -35.59
C GLN E 196 47.45 -28.19 -36.33
N SER E 197 46.34 -28.65 -35.76
CA SER E 197 45.03 -28.38 -36.34
C SER E 197 44.58 -26.97 -35.95
N ILE E 198 44.34 -26.11 -36.96
CA ILE E 198 43.73 -24.81 -36.77
C ILE E 198 42.38 -24.77 -37.48
N THR E 199 41.35 -24.41 -36.72
CA THR E 199 39.97 -24.42 -37.18
C THR E 199 39.28 -23.14 -36.71
N CYS E 200 38.47 -22.54 -37.60
CA CYS E 200 37.62 -21.42 -37.20
C CYS E 200 36.21 -21.93 -36.90
N ASN E 201 35.60 -21.30 -35.88
CA ASN E 201 34.29 -21.66 -35.40
C ASN E 201 33.37 -20.45 -35.57
N VAL E 202 32.42 -20.58 -36.50
CA VAL E 202 31.53 -19.48 -36.82
C VAL E 202 30.14 -19.81 -36.32
N ALA E 203 29.60 -18.93 -35.47
CA ALA E 203 28.22 -19.05 -35.02
C ALA E 203 27.46 -17.88 -35.58
N HIS E 204 26.22 -18.15 -36.01
CA HIS E 204 25.31 -17.10 -36.41
C HIS E 204 24.01 -17.29 -35.64
N PRO E 205 23.83 -16.58 -34.50
CA PRO E 205 22.65 -16.80 -33.67
C PRO E 205 21.39 -16.80 -34.51
N ALA E 206 21.23 -15.78 -35.35
CA ALA E 206 19.96 -15.50 -35.99
C ALA E 206 19.43 -16.70 -36.78
N SER E 207 20.31 -17.58 -37.30
CA SER E 207 19.86 -18.75 -38.04
C SER E 207 20.19 -20.05 -37.27
N SER E 208 20.56 -19.92 -35.98
CA SER E 208 20.90 -21.04 -35.10
C SER E 208 21.88 -22.00 -35.78
N THR E 209 22.86 -21.44 -36.50
CA THR E 209 23.92 -22.22 -37.12
C THR E 209 25.20 -22.03 -36.32
N LYS E 210 25.98 -23.11 -36.27
CA LYS E 210 27.30 -23.08 -35.69
C LYS E 210 28.16 -24.02 -36.53
N VAL E 211 29.00 -23.42 -37.39
CA VAL E 211 29.74 -24.17 -38.39
C VAL E 211 31.22 -24.10 -38.03
N ASP E 212 31.92 -25.22 -38.24
CA ASP E 212 33.36 -25.30 -38.03
C ASP E 212 34.05 -25.57 -39.38
N LYS E 213 35.30 -25.13 -39.48
CA LYS E 213 36.02 -25.24 -40.74
C LYS E 213 37.50 -25.36 -40.44
N LYS E 214 38.08 -26.53 -40.75
CA LYS E 214 39.50 -26.77 -40.56
C LYS E 214 40.26 -26.22 -41.77
N ILE E 215 41.51 -25.78 -41.55
CA ILE E 215 42.29 -25.18 -42.63
C ILE E 215 43.39 -26.14 -43.06
N GLU E 216 43.33 -26.60 -44.32
CA GLU E 216 44.31 -27.54 -44.86
C GLU E 216 45.08 -26.84 -45.98
N PRO E 217 46.38 -27.13 -46.22
CA PRO E 217 47.11 -26.51 -47.34
C PRO E 217 46.89 -27.22 -48.68
N GLN F 1 16.37 26.00 -44.65
CA GLN F 1 17.26 24.92 -44.14
C GLN F 1 18.67 25.47 -44.04
N ALA F 2 19.02 25.98 -42.85
CA ALA F 2 20.35 26.44 -42.54
C ALA F 2 21.29 25.24 -42.53
N VAL F 3 22.52 25.46 -43.02
CA VAL F 3 23.52 24.40 -43.06
C VAL F 3 24.73 24.88 -42.27
N VAL F 4 25.20 24.01 -41.37
CA VAL F 4 26.30 24.35 -40.48
C VAL F 4 27.53 23.57 -40.93
N THR F 5 28.64 24.26 -41.22
CA THR F 5 29.80 23.62 -41.81
C THR F 5 30.99 23.56 -40.85
N GLN F 6 31.64 22.40 -40.86
CA GLN F 6 32.82 22.18 -40.06
C GLN F 6 33.88 21.51 -40.92
N GLU F 7 35.16 21.80 -40.64
CA GLU F 7 36.27 21.07 -41.25
C GLU F 7 36.00 19.59 -41.06
N SER F 8 36.25 18.78 -42.09
CA SER F 8 35.81 17.42 -41.97
C SER F 8 36.85 16.67 -41.16
N ALA F 9 38.11 17.13 -41.27
CA ALA F 9 39.20 16.41 -40.62
C ALA F 9 40.42 17.29 -40.39
N LEU F 10 41.20 16.90 -39.38
CA LEU F 10 42.42 17.61 -39.01
C LEU F 10 43.33 16.66 -38.24
N THR F 11 44.64 16.69 -38.55
CA THR F 11 45.62 15.88 -37.85
C THR F 11 46.63 16.79 -37.18
N THR F 12 46.84 16.60 -35.88
CA THR F 12 47.83 17.38 -35.15
C THR F 12 48.70 16.43 -34.34
N SER F 13 49.77 17.00 -33.77
CA SER F 13 50.59 16.28 -32.83
C SER F 13 50.40 16.88 -31.45
N PRO F 14 50.68 16.09 -30.39
CA PRO F 14 50.41 16.52 -29.03
C PRO F 14 51.15 17.81 -28.70
N GLY F 15 50.49 18.69 -27.95
CA GLY F 15 51.13 19.93 -27.52
C GLY F 15 50.73 21.10 -28.42
N GLU F 16 50.29 20.81 -29.65
CA GLU F 16 49.85 21.87 -30.56
C GLU F 16 48.59 22.52 -30.05
N THR F 17 48.33 23.73 -30.54
CA THR F 17 47.04 24.40 -30.42
C THR F 17 46.26 24.22 -31.72
N VAL F 18 45.00 23.82 -31.66
CA VAL F 18 44.14 23.68 -32.83
C VAL F 18 42.85 24.48 -32.61
N THR F 19 42.35 25.07 -33.68
CA THR F 19 41.09 25.79 -33.73
C THR F 19 40.20 25.08 -34.75
N LEU F 20 39.02 24.61 -34.30
CA LEU F 20 38.00 24.04 -35.17
C LEU F 20 36.87 25.05 -35.33
N THR F 21 36.27 25.11 -36.52
CA THR F 21 35.33 26.19 -36.83
C THR F 21 33.96 25.62 -37.19
N CYS F 22 33.00 26.55 -37.16
CA CYS F 22 31.59 26.25 -37.22
C CYS F 22 30.91 27.42 -37.90
N ARG F 23 30.47 27.17 -39.15
CA ARG F 23 29.95 28.19 -40.05
C ARG F 23 28.49 27.94 -40.35
N SER F 24 27.73 29.04 -40.44
CA SER F 24 26.34 29.10 -40.86
C SER F 24 26.19 29.54 -42.32
N SER F 25 25.36 28.84 -43.10
CA SER F 25 25.04 29.23 -44.46
C SER F 25 24.12 30.47 -44.53
N THR F 26 23.38 30.76 -43.45
CA THR F 26 22.49 31.89 -43.40
C THR F 26 23.21 33.20 -43.06
N GLY F 27 24.51 33.16 -42.80
CA GLY F 27 25.22 34.40 -42.52
C GLY F 27 26.16 34.22 -41.35
N ALA F 28 26.54 35.35 -40.73
CA ALA F 28 27.48 35.31 -39.64
C ALA F 28 26.87 34.55 -38.48
N VAL F 29 27.69 33.70 -37.86
CA VAL F 29 27.39 33.13 -36.56
C VAL F 29 27.50 34.26 -35.53
N THR F 30 26.44 34.42 -34.74
CA THR F 30 26.40 35.44 -33.72
C THR F 30 26.19 34.75 -32.38
N THR F 31 26.32 35.59 -31.33
CA THR F 31 26.00 35.26 -29.95
C THR F 31 24.67 34.53 -29.84
N SER F 32 23.69 35.07 -30.54
CA SER F 32 22.33 34.54 -30.46
C SER F 32 22.17 33.16 -31.14
N ASN F 33 23.23 32.59 -31.75
CA ASN F 33 23.22 31.19 -32.15
C ASN F 33 23.63 30.24 -31.02
N TYR F 34 24.20 30.78 -29.92
CA TYR F 34 24.42 29.98 -28.71
C TYR F 34 25.12 28.68 -29.07
N ALA F 35 26.29 28.80 -29.69
CA ALA F 35 26.98 27.62 -30.17
C ALA F 35 27.29 26.67 -29.02
N ASN F 36 27.03 25.39 -29.25
CA ASN F 36 27.46 24.40 -28.29
C ASN F 36 28.27 23.31 -29.01
N TRP F 37 29.05 22.57 -28.23
CA TRP F 37 30.03 21.64 -28.76
C TRP F 37 29.91 20.33 -28.02
N VAL F 38 30.05 19.26 -28.79
CA VAL F 38 30.03 17.92 -28.23
C VAL F 38 31.24 17.13 -28.78
N GLN F 39 31.74 16.18 -27.98
CA GLN F 39 32.85 15.32 -28.35
C GLN F 39 32.37 13.88 -28.41
N GLU F 40 32.53 13.24 -29.59
CA GLU F 40 32.25 11.82 -29.76
C GLU F 40 33.56 11.03 -29.76
N LYS F 41 33.85 10.32 -28.69
CA LYS F 41 35.05 9.47 -28.61
C LYS F 41 34.72 8.07 -29.12
N PRO F 42 35.72 7.21 -29.40
CA PRO F 42 35.43 5.83 -29.80
C PRO F 42 34.45 5.14 -28.85
N ASP F 43 33.71 4.19 -29.43
CA ASP F 43 32.62 3.51 -28.75
C ASP F 43 31.38 4.42 -28.71
N HIS F 44 31.34 5.42 -29.60
CA HIS F 44 30.18 6.31 -29.76
C HIS F 44 29.76 6.94 -28.43
N LEU F 45 30.73 7.36 -27.60
CA LEU F 45 30.47 8.04 -26.34
C LEU F 45 30.46 9.55 -26.59
N PHE F 46 29.28 10.18 -26.48
CA PHE F 46 29.15 11.63 -26.58
C PHE F 46 29.31 12.31 -25.22
N THR F 47 30.05 13.43 -25.15
CA THR F 47 30.09 14.28 -23.97
C THR F 47 30.01 15.76 -24.38
N GLY F 48 29.14 16.51 -23.69
CA GLY F 48 29.08 17.95 -23.83
C GLY F 48 30.40 18.58 -23.41
N LEU F 49 30.83 19.59 -24.19
CA LEU F 49 32.04 20.34 -23.95
C LEU F 49 31.74 21.78 -23.54
N ILE F 50 30.93 22.46 -24.38
CA ILE F 50 30.79 23.92 -24.35
C ILE F 50 29.35 24.30 -24.67
N GLY F 51 28.86 25.35 -24.03
CA GLY F 51 27.56 25.93 -24.35
C GLY F 51 27.66 27.45 -24.38
N GLY F 52 26.62 28.16 -24.84
CA GLY F 52 26.68 29.61 -24.87
C GLY F 52 27.94 30.17 -25.52
N THR F 53 28.38 29.56 -26.63
CA THR F 53 29.59 29.97 -27.32
C THR F 53 30.86 29.63 -26.52
N ASN F 54 30.92 29.96 -25.22
CA ASN F 54 32.21 29.91 -24.53
C ASN F 54 32.15 29.34 -23.11
N ASN F 55 31.01 28.80 -22.68
CA ASN F 55 30.86 28.32 -21.34
C ASN F 55 31.18 26.83 -21.28
N ARG F 56 32.29 26.50 -20.61
CA ARG F 56 32.68 25.11 -20.44
C ARG F 56 31.77 24.36 -19.46
N ALA F 57 31.42 23.15 -19.86
CA ALA F 57 30.68 22.22 -19.01
C ALA F 57 31.54 21.75 -17.83
N PRO F 58 30.93 21.28 -16.73
CA PRO F 58 31.70 20.78 -15.58
C PRO F 58 32.54 19.58 -15.98
N GLY F 59 33.81 19.63 -15.58
CA GLY F 59 34.77 18.56 -15.83
C GLY F 59 35.40 18.60 -17.22
N VAL F 60 35.19 19.67 -17.96
CA VAL F 60 35.89 19.86 -19.22
C VAL F 60 37.19 20.61 -18.92
N PRO F 61 38.35 20.03 -19.28
CA PRO F 61 39.63 20.66 -18.95
C PRO F 61 39.71 22.08 -19.52
N ALA F 62 40.47 22.95 -18.87
CA ALA F 62 40.58 24.36 -19.26
C ALA F 62 41.19 24.58 -20.63
N ARG F 63 41.87 23.59 -21.18
CA ARG F 63 42.50 23.71 -22.48
C ARG F 63 41.46 23.78 -23.60
N PHE F 64 40.20 23.40 -23.35
CA PHE F 64 39.13 23.66 -24.31
C PHE F 64 38.48 25.04 -24.11
N SER F 65 38.42 25.85 -25.18
CA SER F 65 37.70 27.10 -25.07
C SER F 65 36.99 27.40 -26.38
N GLY F 66 35.88 28.13 -26.23
CA GLY F 66 35.05 28.49 -27.35
C GLY F 66 35.07 29.99 -27.51
N SER F 67 34.80 30.42 -28.75
CA SER F 67 34.79 31.81 -29.09
C SER F 67 34.13 31.99 -30.44
N LEU F 68 33.82 33.25 -30.73
CA LEU F 68 33.48 33.73 -32.04
C LEU F 68 34.73 34.38 -32.63
N ILE F 69 35.07 33.95 -33.84
CA ILE F 69 36.20 34.47 -34.58
C ILE F 69 35.64 34.93 -35.91
N GLY F 70 35.57 36.24 -36.10
CA GLY F 70 34.89 36.87 -37.23
C GLY F 70 33.42 36.41 -37.31
N ASP F 71 33.08 35.69 -38.39
CA ASP F 71 31.71 35.33 -38.69
C ASP F 71 31.39 33.86 -38.34
N LYS F 72 32.26 33.16 -37.59
CA LYS F 72 32.04 31.75 -37.28
C LYS F 72 32.34 31.44 -35.80
N ALA F 73 31.74 30.36 -35.30
CA ALA F 73 32.06 29.89 -33.97
C ALA F 73 33.32 29.03 -34.05
N ALA F 74 34.06 28.98 -32.95
CA ALA F 74 35.31 28.25 -32.93
C ALA F 74 35.50 27.56 -31.57
N LEU F 75 36.02 26.33 -31.65
CA LEU F 75 36.56 25.57 -30.55
C LEU F 75 38.09 25.51 -30.68
N THR F 76 38.76 25.99 -29.61
CA THR F 76 40.21 26.01 -29.55
C THR F 76 40.64 25.03 -28.46
N ILE F 77 41.57 24.13 -28.81
CA ILE F 77 42.18 23.24 -27.84
C ILE F 77 43.65 23.64 -27.72
N THR F 78 44.05 24.28 -26.61
CA THR F 78 45.44 24.70 -26.39
C THR F 78 46.22 23.54 -25.76
N GLY F 79 47.23 23.02 -26.46
CA GLY F 79 48.01 21.92 -25.98
C GLY F 79 47.19 20.65 -26.14
N ALA F 80 46.97 20.23 -27.38
CA ALA F 80 46.22 19.00 -27.62
C ALA F 80 46.93 17.79 -27.01
N GLN F 81 46.13 16.91 -26.40
CA GLN F 81 46.60 15.65 -25.85
C GLN F 81 45.95 14.49 -26.59
N THR F 82 46.56 13.31 -26.48
CA THR F 82 46.15 12.19 -27.32
C THR F 82 44.73 11.76 -26.95
N GLU F 83 44.29 12.10 -25.73
CA GLU F 83 42.95 11.76 -25.25
C GLU F 83 41.88 12.61 -25.95
N ASP F 84 42.32 13.71 -26.62
CA ASP F 84 41.50 14.67 -27.33
C ASP F 84 41.12 14.17 -28.73
N GLU F 85 41.65 13.05 -29.16
CA GLU F 85 41.30 12.45 -30.43
C GLU F 85 39.85 12.07 -30.44
N ALA F 86 39.06 12.66 -31.33
CA ALA F 86 37.62 12.52 -31.21
C ALA F 86 36.98 13.17 -32.41
N ILE F 87 35.66 13.01 -32.53
CA ILE F 87 34.92 13.81 -33.48
C ILE F 87 34.21 14.89 -32.69
N TYR F 88 34.39 16.12 -33.16
CA TYR F 88 33.82 17.30 -32.54
C TYR F 88 32.68 17.85 -33.41
N PHE F 89 31.48 17.90 -32.82
CA PHE F 89 30.33 18.47 -33.47
C PHE F 89 29.91 19.74 -32.75
N CYS F 90 29.67 20.80 -33.54
CA CYS F 90 29.02 22.02 -33.07
C CYS F 90 27.53 22.01 -33.45
N ALA F 91 26.75 22.73 -32.65
CA ALA F 91 25.34 22.92 -32.96
C ALA F 91 25.05 24.39 -32.79
N LEU F 92 24.20 24.93 -33.69
CA LEU F 92 23.81 26.34 -33.65
C LEU F 92 22.31 26.42 -33.42
N TRP F 93 21.90 27.45 -32.65
CA TRP F 93 20.51 27.71 -32.34
C TRP F 93 19.93 28.67 -33.38
N TYR F 94 18.78 28.29 -33.93
CA TYR F 94 18.07 29.11 -34.91
C TYR F 94 16.65 29.41 -34.43
N SER F 95 16.57 30.32 -33.45
CA SER F 95 15.31 30.82 -32.89
C SER F 95 14.56 29.76 -32.09
N ASN F 96 14.36 28.57 -32.64
CA ASN F 96 13.53 27.59 -31.96
C ASN F 96 14.00 26.16 -32.15
N HIS F 97 15.13 25.94 -32.83
CA HIS F 97 15.60 24.59 -33.15
C HIS F 97 17.11 24.66 -33.25
N TRP F 98 17.77 23.51 -33.04
CA TRP F 98 19.21 23.33 -33.20
C TRP F 98 19.51 22.71 -34.56
N VAL F 99 20.65 23.08 -35.12
CA VAL F 99 21.18 22.40 -36.29
C VAL F 99 22.63 21.98 -36.05
N PHE F 100 22.96 20.70 -36.28
CA PHE F 100 24.32 20.20 -36.07
C PHE F 100 25.14 20.41 -37.32
N GLY F 101 26.44 20.66 -37.09
CA GLY F 101 27.42 20.61 -38.15
C GLY F 101 27.82 19.18 -38.48
N GLY F 102 28.61 18.98 -39.54
CA GLY F 102 28.89 17.65 -40.06
C GLY F 102 29.95 16.91 -39.24
N GLY F 103 30.69 17.65 -38.40
CA GLY F 103 31.62 17.06 -37.44
C GLY F 103 33.05 17.16 -37.94
N THR F 104 33.99 17.43 -37.03
CA THR F 104 35.41 17.44 -37.35
C THR F 104 36.09 16.24 -36.70
N LYS F 105 36.76 15.46 -37.53
CA LYS F 105 37.49 14.27 -37.08
C LYS F 105 38.90 14.70 -36.71
N LEU F 106 39.21 14.74 -35.43
CA LEU F 106 40.50 15.24 -35.00
C LEU F 106 41.40 14.06 -34.70
N THR F 107 42.52 13.92 -35.46
CA THR F 107 43.54 12.94 -35.14
C THR F 107 44.68 13.58 -34.34
N VAL F 108 45.09 12.91 -33.26
CA VAL F 108 46.22 13.34 -32.45
C VAL F 108 47.23 12.22 -32.56
N LEU F 109 48.38 12.51 -33.18
CA LEU F 109 49.39 11.50 -33.50
C LEU F 109 50.03 11.05 -32.19
N GLY F 110 49.67 9.84 -31.77
CA GLY F 110 49.92 9.40 -30.41
C GLY F 110 50.79 8.15 -30.35
N GLN F 111 51.36 7.73 -31.49
CA GLN F 111 52.15 6.52 -31.52
C GLN F 111 53.06 6.57 -32.74
N PRO F 112 54.16 5.79 -32.79
CA PRO F 112 55.02 5.71 -33.97
C PRO F 112 54.30 5.30 -35.24
N LYS F 113 54.77 5.84 -36.38
CA LYS F 113 54.36 5.37 -37.69
C LYS F 113 54.57 3.86 -37.74
N SER F 114 53.75 3.17 -38.53
CA SER F 114 53.87 1.74 -38.70
C SER F 114 53.25 1.36 -40.03
N SER F 115 54.06 0.76 -40.89
CA SER F 115 53.69 0.47 -42.25
C SER F 115 52.89 -0.83 -42.26
N PRO F 116 51.96 -1.01 -43.21
CA PRO F 116 51.07 -2.18 -43.20
C PRO F 116 51.72 -3.51 -43.55
N SER F 117 51.28 -4.59 -42.88
CA SER F 117 51.57 -5.94 -43.34
C SER F 117 50.37 -6.45 -44.14
N VAL F 118 50.63 -6.98 -45.33
CA VAL F 118 49.59 -7.31 -46.28
C VAL F 118 49.59 -8.80 -46.55
N THR F 119 48.45 -9.47 -46.41
CA THR F 119 48.34 -10.86 -46.85
C THR F 119 47.23 -10.94 -47.91
N LEU F 120 47.49 -11.67 -48.99
CA LEU F 120 46.52 -11.90 -50.06
C LEU F 120 46.17 -13.38 -50.11
N PHE F 121 44.89 -13.72 -49.95
CA PHE F 121 44.47 -15.11 -50.03
C PHE F 121 43.71 -15.34 -51.34
N PRO F 122 43.99 -16.45 -52.05
CA PRO F 122 43.21 -16.86 -53.22
C PRO F 122 41.86 -17.42 -52.81
N PRO F 123 40.91 -17.57 -53.75
CA PRO F 123 39.63 -18.22 -53.47
C PRO F 123 39.83 -19.67 -53.06
N SER F 124 38.96 -20.16 -52.18
CA SER F 124 38.96 -21.58 -51.85
C SER F 124 38.33 -22.38 -52.99
N SER F 125 38.78 -23.64 -53.15
CA SER F 125 38.18 -24.52 -54.14
C SER F 125 36.70 -24.73 -53.83
N GLU F 126 36.35 -24.79 -52.53
CA GLU F 126 34.98 -24.86 -52.06
C GLU F 126 34.16 -23.73 -52.67
N GLU F 127 34.72 -22.52 -52.68
CA GLU F 127 33.98 -21.37 -53.15
C GLU F 127 33.84 -21.45 -54.68
N LEU F 128 34.92 -21.87 -55.35
CA LEU F 128 34.91 -21.98 -56.79
C LEU F 128 33.79 -22.92 -57.27
N GLU F 129 33.40 -23.91 -56.45
CA GLU F 129 32.30 -24.79 -56.79
C GLU F 129 30.99 -24.03 -56.98
N THR F 130 30.86 -22.88 -56.31
CA THR F 130 29.65 -22.08 -56.37
C THR F 130 29.70 -21.12 -57.56
N ASN F 131 30.73 -21.20 -58.41
CA ASN F 131 30.95 -20.29 -59.53
C ASN F 131 31.25 -18.87 -59.08
N LYS F 132 31.82 -18.75 -57.88
CA LYS F 132 32.20 -17.46 -57.33
C LYS F 132 33.64 -17.55 -56.88
N ALA F 133 34.34 -16.44 -56.99
CA ALA F 133 35.72 -16.35 -56.54
C ALA F 133 35.91 -15.07 -55.75
N THR F 134 36.22 -15.19 -54.45
CA THR F 134 36.55 -14.02 -53.63
C THR F 134 38.02 -14.09 -53.24
N LEU F 135 38.76 -13.04 -53.62
CA LEU F 135 40.10 -12.83 -53.09
C LEU F 135 40.03 -11.89 -51.88
N VAL F 136 40.79 -12.22 -50.82
CA VAL F 136 40.83 -11.46 -49.58
C VAL F 136 42.22 -10.86 -49.37
N CYS F 137 42.31 -9.54 -49.24
CA CYS F 137 43.55 -8.86 -48.91
C CYS F 137 43.46 -8.30 -47.49
N THR F 138 44.14 -8.96 -46.53
CA THR F 138 44.16 -8.43 -45.17
C THR F 138 45.31 -7.46 -45.00
N ILE F 139 45.04 -6.36 -44.27
CA ILE F 139 46.00 -5.29 -44.01
C ILE F 139 46.05 -5.03 -42.51
N THR F 140 47.21 -5.19 -41.89
CA THR F 140 47.28 -5.12 -40.44
C THR F 140 48.44 -4.26 -40.01
N ASP F 141 48.39 -3.85 -38.72
CA ASP F 141 49.47 -3.21 -37.99
C ASP F 141 49.94 -1.91 -38.62
N PHE F 142 49.03 -1.01 -38.95
CA PHE F 142 49.41 0.24 -39.60
C PHE F 142 48.95 1.42 -38.76
N TYR F 143 49.72 2.50 -38.87
CA TYR F 143 49.48 3.75 -38.14
C TYR F 143 50.19 4.84 -38.92
N PRO F 144 49.55 5.98 -39.22
CA PRO F 144 48.19 6.29 -38.80
C PRO F 144 47.23 5.46 -39.64
N GLY F 145 45.94 5.54 -39.27
CA GLY F 145 44.92 4.65 -39.79
C GLY F 145 44.28 5.11 -41.10
N VAL F 146 45.11 5.33 -42.13
CA VAL F 146 44.63 5.75 -43.43
C VAL F 146 45.35 4.96 -44.51
N VAL F 147 44.57 4.34 -45.39
CA VAL F 147 45.11 3.46 -46.42
C VAL F 147 44.30 3.58 -47.71
N THR F 148 44.98 3.37 -48.83
CA THR F 148 44.39 3.30 -50.16
C THR F 148 44.69 1.91 -50.73
N VAL F 149 43.65 1.24 -51.25
CA VAL F 149 43.79 -0.12 -51.77
C VAL F 149 43.51 -0.14 -53.27
N ASP F 150 44.45 -0.64 -54.05
CA ASP F 150 44.29 -0.75 -55.50
C ASP F 150 44.49 -2.21 -55.89
N TRP F 151 43.56 -2.74 -56.69
CA TRP F 151 43.66 -4.10 -57.19
C TRP F 151 44.07 -4.08 -58.67
N LYS F 152 44.92 -5.04 -59.06
CA LYS F 152 45.32 -5.19 -60.46
C LYS F 152 45.14 -6.65 -60.88
N VAL F 153 44.57 -6.83 -62.08
CA VAL F 153 44.37 -8.14 -62.68
C VAL F 153 45.12 -8.17 -64.00
N ASP F 154 46.13 -9.04 -64.10
CA ASP F 154 46.94 -9.21 -65.31
C ASP F 154 47.69 -7.92 -65.65
N GLY F 155 48.01 -7.12 -64.61
CA GLY F 155 48.61 -5.80 -64.80
C GLY F 155 47.60 -4.68 -65.03
N THR F 156 46.30 -5.00 -65.18
CA THR F 156 45.27 -4.03 -65.48
C THR F 156 44.60 -3.55 -64.20
N PRO F 157 44.53 -2.23 -63.94
CA PRO F 157 43.73 -1.71 -62.83
C PRO F 157 42.30 -2.23 -62.84
N VAL F 158 41.85 -2.77 -61.71
CA VAL F 158 40.45 -3.12 -61.51
C VAL F 158 39.68 -1.85 -61.20
N THR F 159 38.43 -1.77 -61.69
CA THR F 159 37.58 -0.60 -61.50
C THR F 159 36.26 -0.95 -60.82
N GLN F 160 35.96 -2.26 -60.62
CA GLN F 160 34.78 -2.67 -59.87
C GLN F 160 34.86 -4.13 -59.40
N GLY F 161 33.96 -4.47 -58.48
CA GLY F 161 33.98 -5.72 -57.73
C GLY F 161 34.86 -5.66 -56.47
N MET F 162 35.22 -4.44 -56.01
CA MET F 162 36.09 -4.22 -54.85
C MET F 162 35.29 -3.67 -53.68
N GLU F 163 35.57 -4.16 -52.47
CA GLU F 163 35.06 -3.54 -51.25
C GLU F 163 36.17 -3.58 -50.20
N THR F 164 36.51 -2.41 -49.66
CA THR F 164 37.51 -2.28 -48.63
C THR F 164 36.82 -1.81 -47.36
N THR F 165 37.11 -2.42 -46.22
CA THR F 165 36.57 -1.91 -44.97
C THR F 165 37.26 -0.62 -44.60
N GLN F 166 36.56 0.20 -43.82
CA GLN F 166 37.19 1.30 -43.11
C GLN F 166 38.20 0.74 -42.11
N PRO F 167 39.33 1.46 -41.92
CA PRO F 167 40.31 1.13 -40.87
C PRO F 167 39.62 0.93 -39.53
N SER F 168 40.02 -0.11 -38.81
CA SER F 168 39.49 -0.47 -37.52
C SER F 168 40.66 -0.65 -36.55
N LYS F 169 40.44 -0.52 -35.25
CA LYS F 169 41.51 -0.69 -34.26
C LYS F 169 41.77 -2.15 -33.91
N GLN F 170 43.06 -2.54 -33.83
CA GLN F 170 43.49 -3.82 -33.31
C GLN F 170 43.76 -3.72 -31.81
N SER F 171 44.11 -4.85 -31.16
CA SER F 171 44.38 -4.84 -29.73
C SER F 171 45.69 -4.11 -29.39
N ASN F 172 46.71 -4.21 -30.27
CA ASN F 172 47.95 -3.48 -30.03
C ASN F 172 47.81 -1.99 -30.34
N ASN F 173 46.59 -1.51 -30.67
CA ASN F 173 46.30 -0.11 -30.82
C ASN F 173 46.67 0.41 -32.23
N LYS F 174 47.20 -0.49 -33.06
CA LYS F 174 47.38 -0.17 -34.48
C LYS F 174 46.06 -0.33 -35.24
N TYR F 175 46.06 -0.06 -36.54
CA TYR F 175 44.86 -0.23 -37.35
C TYR F 175 44.94 -1.48 -38.22
N MET F 176 43.77 -1.92 -38.70
CA MET F 176 43.68 -3.01 -39.66
C MET F 176 42.52 -2.76 -40.62
N ALA F 177 42.52 -3.48 -41.74
CA ALA F 177 41.49 -3.32 -42.77
C ALA F 177 41.51 -4.52 -43.70
N SER F 178 40.45 -4.73 -44.46
CA SER F 178 40.36 -5.87 -45.36
C SER F 178 39.72 -5.42 -46.66
N SER F 179 40.14 -6.03 -47.75
CA SER F 179 39.68 -5.64 -49.07
C SER F 179 39.34 -6.92 -49.84
N TYR F 180 38.21 -6.90 -50.55
CA TYR F 180 37.64 -8.06 -51.22
C TYR F 180 37.53 -7.75 -52.71
N LEU F 181 38.15 -8.60 -53.53
CA LEU F 181 37.87 -8.63 -54.96
C LEU F 181 36.95 -9.81 -55.29
N THR F 182 35.78 -9.48 -55.82
CA THR F 182 34.75 -10.46 -56.17
C THR F 182 34.70 -10.62 -57.68
N LEU F 183 34.93 -11.85 -58.14
CA LEU F 183 34.80 -12.23 -59.54
C LEU F 183 33.97 -13.49 -59.63
N THR F 184 33.49 -13.80 -60.85
CA THR F 184 32.95 -15.13 -61.14
C THR F 184 34.09 -16.16 -61.20
N ALA F 185 33.75 -17.44 -61.03
CA ALA F 185 34.74 -18.50 -61.17
C ALA F 185 35.35 -18.47 -62.58
N ARG F 186 34.54 -18.12 -63.59
CA ARG F 186 35.03 -18.13 -64.95
C ARG F 186 35.91 -16.91 -65.20
N ALA F 187 35.61 -15.78 -64.55
CA ALA F 187 36.46 -14.61 -64.62
C ALA F 187 37.81 -14.93 -63.98
N TRP F 188 37.79 -15.69 -62.89
CA TRP F 188 39.02 -16.12 -62.23
C TRP F 188 39.86 -17.01 -63.16
N GLU F 189 39.23 -17.93 -63.91
CA GLU F 189 39.90 -18.84 -64.84
C GLU F 189 40.50 -18.10 -66.03
N ARG F 190 39.99 -16.90 -66.32
CA ARG F 190 40.29 -16.16 -67.53
C ARG F 190 41.57 -15.33 -67.37
N HIS F 191 42.10 -15.19 -66.15
CA HIS F 191 43.32 -14.40 -65.92
C HIS F 191 44.30 -15.19 -65.06
N SER F 192 45.57 -14.78 -65.04
CA SER F 192 46.59 -15.52 -64.29
C SER F 192 47.15 -14.74 -63.10
N SER F 193 47.16 -13.41 -63.16
CA SER F 193 47.90 -12.59 -62.21
C SER F 193 46.96 -11.66 -61.46
N TYR F 194 46.95 -11.77 -60.12
CA TYR F 194 46.13 -10.90 -59.28
C TYR F 194 47.00 -10.27 -58.18
N SER F 195 46.84 -8.96 -57.99
CA SER F 195 47.64 -8.29 -57.00
C SER F 195 46.82 -7.27 -56.22
N CYS F 196 47.12 -7.17 -54.92
CA CYS F 196 46.59 -6.17 -54.00
C CYS F 196 47.71 -5.21 -53.60
N GLN F 197 47.49 -3.91 -53.84
CA GLN F 197 48.50 -2.90 -53.60
C GLN F 197 47.95 -1.92 -52.58
N VAL F 198 48.62 -1.85 -51.42
CA VAL F 198 48.16 -1.03 -50.31
C VAL F 198 49.10 0.17 -50.18
N THR F 199 48.53 1.37 -50.24
CA THR F 199 49.33 2.58 -50.13
C THR F 199 49.03 3.25 -48.79
N HIS F 200 50.12 3.49 -48.07
CA HIS F 200 50.05 4.12 -46.76
C HIS F 200 51.11 5.22 -46.71
N GLU F 201 50.68 6.47 -46.59
CA GLU F 201 51.62 7.59 -46.49
C GLU F 201 52.61 7.59 -47.66
N GLY F 202 52.15 7.25 -48.87
CA GLY F 202 52.94 7.39 -50.09
C GLY F 202 53.96 6.28 -50.37
N HIS F 203 54.09 5.26 -49.52
CA HIS F 203 54.78 4.03 -49.91
C HIS F 203 53.77 2.91 -50.12
N THR F 204 54.03 2.04 -51.13
CA THR F 204 53.14 0.95 -51.49
C THR F 204 53.66 -0.38 -50.94
N VAL F 205 52.75 -1.20 -50.41
CA VAL F 205 53.04 -2.61 -50.16
C VAL F 205 52.10 -3.46 -51.01
N GLU F 206 52.71 -4.33 -51.82
CA GLU F 206 52.00 -5.14 -52.79
C GLU F 206 52.17 -6.62 -52.44
N LYS F 207 51.11 -7.39 -52.68
CA LYS F 207 51.21 -8.83 -52.71
C LYS F 207 50.56 -9.33 -54.00
N SER F 208 51.26 -10.20 -54.71
CA SER F 208 50.79 -10.71 -55.98
C SER F 208 50.47 -12.18 -55.87
N LEU F 209 49.78 -12.67 -56.87
CA LEU F 209 49.36 -14.07 -56.85
C LEU F 209 49.14 -14.55 -58.27
N SER F 210 49.52 -15.81 -58.53
CA SER F 210 49.31 -16.43 -59.84
C SER F 210 48.27 -17.54 -59.70
N ARG F 211 47.25 -17.50 -60.55
CA ARG F 211 46.20 -18.52 -60.55
C ARG F 211 46.80 -19.90 -60.73
N ALA F 212 47.88 -19.99 -61.51
CA ALA F 212 48.57 -21.25 -61.76
C ALA F 212 49.09 -21.89 -60.47
N ASP F 213 49.49 -21.07 -59.47
CA ASP F 213 50.10 -21.56 -58.23
C ASP F 213 49.06 -21.95 -57.18
N CYS F 214 47.76 -21.79 -57.47
CA CYS F 214 46.68 -22.23 -56.59
C CYS F 214 46.14 -23.58 -57.06
N SER F 215 46.91 -24.65 -56.84
CA SER F 215 46.50 -26.00 -57.20
C SER F 215 45.26 -26.00 -58.10
N GLN G 1 7.31 4.88 5.78
CA GLN G 1 8.67 5.23 6.26
C GLN G 1 8.67 6.57 6.97
N VAL G 2 8.21 7.62 6.28
CA VAL G 2 8.41 8.99 6.73
C VAL G 2 7.27 9.43 7.66
N GLN G 3 7.67 10.10 8.74
CA GLN G 3 6.80 10.59 9.79
C GLN G 3 7.19 12.02 10.10
N LEU G 4 6.19 12.90 10.20
CA LEU G 4 6.42 14.27 10.63
C LEU G 4 5.56 14.55 11.86
N GLN G 5 6.21 14.67 13.03
CA GLN G 5 5.51 15.01 14.26
C GLN G 5 5.84 16.47 14.60
N GLN G 6 4.78 17.27 14.76
CA GLN G 6 4.94 18.67 15.11
C GLN G 6 4.73 18.83 16.60
N SER G 7 5.45 19.79 17.17
CA SER G 7 5.28 20.14 18.56
C SER G 7 5.51 21.64 18.66
N GLY G 8 5.22 22.21 19.84
CA GLY G 8 5.36 23.63 20.10
C GLY G 8 4.04 24.28 20.50
N PRO G 9 4.07 25.40 21.26
CA PRO G 9 2.86 26.02 21.77
C PRO G 9 1.89 26.46 20.67
N GLY G 10 0.61 26.19 20.88
CA GLY G 10 -0.44 26.57 19.96
C GLY G 10 -0.97 27.99 20.19
N LEU G 11 -0.88 28.47 21.45
CA LEU G 11 -1.26 29.82 21.86
C LEU G 11 -0.05 30.75 21.89
N VAL G 12 -0.15 31.90 21.22
CA VAL G 12 0.91 32.90 21.22
C VAL G 12 0.28 34.27 21.45
N LYS G 13 0.93 35.11 22.28
CA LYS G 13 0.45 36.48 22.51
C LYS G 13 0.79 37.35 21.30
N PRO G 14 -0.01 38.38 20.97
CA PRO G 14 0.29 39.26 19.84
C PRO G 14 1.64 39.97 19.99
N SER G 15 2.34 40.13 18.86
CA SER G 15 3.65 40.76 18.81
C SER G 15 4.78 39.85 19.31
N GLN G 16 4.47 38.70 19.93
CA GLN G 16 5.51 37.77 20.32
C GLN G 16 5.77 36.75 19.21
N THR G 17 6.60 35.73 19.50
CA THR G 17 7.08 34.84 18.46
C THR G 17 6.42 33.46 18.50
N LEU G 18 5.93 33.01 17.33
CA LEU G 18 5.44 31.66 17.17
C LEU G 18 6.63 30.72 16.98
N SER G 19 6.62 29.55 17.65
CA SER G 19 7.71 28.58 17.60
C SER G 19 7.17 27.17 17.47
N LEU G 20 7.39 26.57 16.31
CA LEU G 20 6.99 25.20 16.08
C LEU G 20 8.21 24.39 15.65
N THR G 21 8.13 23.08 15.83
CA THR G 21 9.21 22.17 15.51
C THR G 21 8.60 20.96 14.81
N CYS G 22 9.22 20.49 13.72
CA CYS G 22 8.79 19.31 13.00
C CYS G 22 9.88 18.24 13.11
N ALA G 23 9.62 17.16 13.85
CA ALA G 23 10.58 16.09 13.98
C ALA G 23 10.37 15.05 12.89
N ILE G 24 11.41 14.77 12.10
CA ILE G 24 11.34 13.83 10.98
C ILE G 24 11.75 12.44 11.48
N SER G 25 11.02 11.41 11.04
CA SER G 25 11.38 10.03 11.28
C SER G 25 11.28 9.26 9.96
N GLY G 26 12.32 8.49 9.63
CA GLY G 26 12.34 7.66 8.43
C GLY G 26 13.00 8.36 7.25
N ASP G 27 13.74 9.46 7.55
CA ASP G 27 14.43 10.29 6.57
C ASP G 27 15.34 11.26 7.32
N SER G 28 16.39 11.75 6.64
CA SER G 28 17.31 12.72 7.20
C SER G 28 16.94 14.14 6.75
N VAL G 29 17.21 15.13 7.60
CA VAL G 29 16.92 16.52 7.29
C VAL G 29 17.85 17.02 6.19
N SER G 30 18.99 16.33 5.98
CA SER G 30 19.99 16.75 5.00
C SER G 30 19.94 15.90 3.72
N SER G 31 19.06 14.89 3.67
CA SER G 31 18.87 14.06 2.47
C SER G 31 18.85 14.92 1.22
N TYR G 32 19.54 14.43 0.17
CA TYR G 32 19.70 15.14 -1.10
C TYR G 32 18.35 15.41 -1.78
N ASN G 33 17.32 14.60 -1.49
CA ASN G 33 16.05 14.75 -2.18
C ASN G 33 14.97 15.22 -1.20
N ALA G 34 15.37 15.76 -0.06
CA ALA G 34 14.40 16.19 0.93
C ALA G 34 14.40 17.70 0.96
N VAL G 35 13.21 18.27 0.75
CA VAL G 35 12.95 19.67 0.98
C VAL G 35 11.87 19.76 2.05
N TRP G 36 12.18 20.56 3.08
CA TRP G 36 11.37 20.64 4.27
C TRP G 36 10.61 21.96 4.30
N ASN G 37 9.26 21.87 4.31
CA ASN G 37 8.38 23.00 4.03
C ASN G 37 7.44 23.28 5.21
N TRP G 38 7.14 24.57 5.41
CA TRP G 38 6.03 24.99 6.26
C TRP G 38 4.92 25.56 5.41
N ILE G 39 3.71 25.03 5.60
CA ILE G 39 2.50 25.52 4.93
C ILE G 39 1.47 25.84 6.00
N ARG G 40 0.61 26.85 5.80
CA ARG G 40 -0.44 27.12 6.75
C ARG G 40 -1.79 27.24 6.06
N GLN G 41 -2.85 27.14 6.88
CA GLN G 41 -4.23 27.04 6.41
C GLN G 41 -5.14 27.81 7.36
N SER G 42 -5.87 28.76 6.81
CA SER G 42 -6.74 29.63 7.57
C SER G 42 -7.92 29.98 6.67
N PRO G 43 -9.03 30.50 7.24
CA PRO G 43 -10.21 30.82 6.43
C PRO G 43 -9.93 31.96 5.46
N SER G 44 -9.21 33.00 5.90
CA SER G 44 -8.95 34.19 5.08
C SER G 44 -8.07 33.85 3.87
N ARG G 45 -6.93 33.17 4.10
CA ARG G 45 -5.90 33.03 3.08
C ARG G 45 -5.94 31.67 2.39
N GLY G 46 -6.77 30.74 2.90
CA GLY G 46 -6.69 29.35 2.51
C GLY G 46 -5.31 28.74 2.80
N LEU G 47 -4.82 27.92 1.85
CA LEU G 47 -3.55 27.20 1.98
C LEU G 47 -2.45 28.10 1.46
N GLU G 48 -1.48 28.40 2.31
CA GLU G 48 -0.43 29.35 2.00
C GLU G 48 0.93 28.72 2.28
N TRP G 49 1.71 28.44 1.25
CA TRP G 49 3.11 28.06 1.45
C TRP G 49 3.92 29.20 2.05
N LEU G 50 4.74 28.89 3.06
CA LEU G 50 5.43 29.88 3.87
C LEU G 50 6.92 29.86 3.57
N GLY G 51 7.50 28.68 3.36
CA GLY G 51 8.92 28.64 3.10
C GLY G 51 9.49 27.25 3.26
N ARG G 52 10.79 27.12 3.00
CA ARG G 52 11.45 25.83 3.06
C ARG G 52 12.91 26.05 3.42
N THR G 53 13.52 24.95 3.91
CA THR G 53 14.97 24.83 4.04
C THR G 53 15.38 23.48 3.44
N TYR G 54 16.56 23.47 2.80
CA TYR G 54 17.07 22.22 2.26
C TYR G 54 18.60 22.26 2.17
N TYR G 55 19.20 21.05 2.22
CA TYR G 55 20.64 20.88 2.18
C TYR G 55 21.10 20.44 0.79
N ARG G 56 21.99 21.26 0.21
CA ARG G 56 22.61 20.99 -1.07
C ARG G 56 24.01 21.63 -1.08
N SER G 57 24.96 20.98 -0.39
CA SER G 57 26.33 21.48 -0.27
C SER G 57 26.36 22.84 0.45
N GLY G 58 25.46 22.97 1.41
CA GLY G 58 25.09 24.23 2.04
C GLY G 58 23.59 24.22 2.34
N TRP G 59 23.18 24.85 3.42
CA TRP G 59 21.75 25.03 3.68
C TRP G 59 21.25 26.20 2.84
N TYR G 60 20.04 26.04 2.29
CA TYR G 60 19.37 27.13 1.60
C TYR G 60 17.96 27.26 2.18
N ASN G 61 17.35 28.41 1.83
CA ASN G 61 16.20 28.98 2.50
C ASN G 61 15.44 29.82 1.48
N ASP G 62 14.17 29.49 1.30
CA ASP G 62 13.26 30.32 0.55
C ASP G 62 12.05 30.61 1.43
N TYR G 63 11.52 31.82 1.28
CA TYR G 63 10.41 32.31 2.07
C TYR G 63 9.42 33.00 1.15
N ALA G 64 8.14 32.90 1.47
CA ALA G 64 7.13 33.65 0.75
C ALA G 64 7.32 35.14 1.07
N GLU G 65 7.04 35.99 0.07
CA GLU G 65 7.14 37.44 0.22
C GLU G 65 6.39 37.90 1.47
N SER G 66 5.19 37.33 1.69
CA SER G 66 4.24 37.79 2.68
C SER G 66 4.82 37.76 4.09
N VAL G 67 5.81 36.88 4.33
CA VAL G 67 6.31 36.72 5.68
C VAL G 67 7.83 36.82 5.74
N LYS G 68 8.48 37.17 4.62
CA LYS G 68 9.93 37.06 4.45
C LYS G 68 10.66 37.82 5.56
N SER G 69 10.09 38.95 6.02
CA SER G 69 10.79 39.81 6.97
C SER G 69 10.65 39.35 8.42
N ARG G 70 10.07 38.17 8.67
CA ARG G 70 9.87 37.71 10.05
C ARG G 70 9.89 36.19 10.23
N ILE G 71 10.10 35.42 9.15
CA ILE G 71 10.11 33.97 9.20
C ILE G 71 11.55 33.47 9.25
N THR G 72 11.77 32.37 9.95
CA THR G 72 13.06 31.70 10.02
C THR G 72 12.80 30.19 10.04
N ILE G 73 13.32 29.48 9.04
CA ILE G 73 13.23 28.03 9.06
C ILE G 73 14.63 27.46 9.19
N ASN G 74 14.90 26.86 10.35
CA ASN G 74 16.22 26.36 10.72
C ASN G 74 16.19 24.86 10.95
N PRO G 75 17.09 24.09 10.31
CA PRO G 75 17.25 22.67 10.62
C PRO G 75 18.12 22.42 11.83
N ASP G 76 17.94 21.24 12.45
CA ASP G 76 18.76 20.77 13.55
C ASP G 76 19.26 19.37 13.20
N THR G 77 20.55 19.27 12.82
CA THR G 77 21.13 18.03 12.31
C THR G 77 21.16 16.95 13.40
N SER G 78 21.48 17.31 14.64
CA SER G 78 21.61 16.35 15.73
C SER G 78 20.28 15.67 16.06
N LYS G 79 19.21 16.46 16.24
CA LYS G 79 17.92 15.94 16.65
C LYS G 79 17.07 15.51 15.45
N ASN G 80 17.47 15.87 14.21
CA ASN G 80 16.83 15.46 12.96
C ASN G 80 15.42 16.06 12.85
N GLN G 81 15.38 17.40 12.93
CA GLN G 81 14.13 18.14 12.93
C GLN G 81 14.43 19.51 12.32
N PHE G 82 13.36 20.23 11.98
CA PHE G 82 13.49 21.59 11.51
C PHE G 82 12.37 22.37 12.16
N SER G 83 12.56 23.67 12.20
CA SER G 83 11.74 24.49 13.05
C SER G 83 11.12 25.57 12.17
N LEU G 84 10.01 26.12 12.65
CA LEU G 84 9.50 27.37 12.14
C LEU G 84 9.51 28.42 13.25
N GLN G 85 9.92 29.63 12.89
CA GLN G 85 9.84 30.75 13.79
C GLN G 85 9.24 31.91 13.01
N LEU G 86 8.10 32.43 13.50
CA LEU G 86 7.45 33.61 12.95
C LEU G 86 7.36 34.67 14.04
N ASN G 87 7.93 35.85 13.76
CA ASN G 87 8.13 36.89 14.77
C ASN G 87 6.94 37.86 14.71
N SER G 88 6.68 38.50 15.86
CA SER G 88 5.73 39.60 15.96
C SER G 88 4.41 39.27 15.26
N VAL G 89 3.69 38.26 15.77
CA VAL G 89 2.49 37.77 15.12
C VAL G 89 1.35 38.75 15.40
N THR G 90 0.34 38.71 14.54
CA THR G 90 -0.92 39.37 14.81
C THR G 90 -2.02 38.33 14.62
N PRO G 91 -3.29 38.65 14.96
CA PRO G 91 -4.40 37.73 14.72
C PRO G 91 -4.48 37.26 13.27
N GLU G 92 -3.86 37.99 12.36
CA GLU G 92 -3.75 37.58 10.97
C GLU G 92 -3.10 36.20 10.85
N ASP G 93 -2.16 35.90 11.75
CA ASP G 93 -1.32 34.72 11.67
C ASP G 93 -2.00 33.50 12.28
N THR G 94 -3.23 33.63 12.81
CA THR G 94 -3.94 32.54 13.45
C THR G 94 -4.34 31.56 12.36
N ALA G 95 -3.84 30.32 12.46
CA ALA G 95 -4.09 29.31 11.44
C ALA G 95 -3.61 27.96 11.95
N VAL G 96 -3.78 26.93 11.10
CA VAL G 96 -3.21 25.62 11.34
C VAL G 96 -1.91 25.58 10.55
N TYR G 97 -0.81 25.18 11.21
CA TYR G 97 0.51 25.17 10.60
C TYR G 97 0.85 23.72 10.28
N TYR G 98 1.10 23.39 9.02
CA TYR G 98 1.56 22.06 8.65
C TYR G 98 3.04 22.13 8.24
N CYS G 99 3.81 21.10 8.56
CA CYS G 99 5.07 20.87 7.91
C CYS G 99 4.84 19.77 6.88
N ALA G 100 5.58 19.83 5.78
CA ALA G 100 5.44 18.83 4.73
C ALA G 100 6.75 18.64 3.98
N ARG G 101 6.84 17.49 3.32
CA ARG G 101 8.02 17.10 2.59
C ARG G 101 7.74 17.21 1.08
N SER G 102 8.69 17.83 0.35
CA SER G 102 8.76 17.76 -1.10
C SER G 102 10.11 17.20 -1.50
N GLY G 103 10.12 16.61 -2.70
CA GLY G 103 11.35 16.13 -3.28
C GLY G 103 11.36 14.61 -3.39
N HIS G 104 10.45 13.94 -2.70
CA HIS G 104 10.30 12.50 -2.88
C HIS G 104 9.62 12.22 -4.22
N ILE G 105 8.50 12.90 -4.51
CA ILE G 105 7.85 12.77 -5.80
C ILE G 105 8.66 13.54 -6.84
N THR G 106 9.12 12.82 -7.88
CA THR G 106 9.90 13.41 -8.95
C THR G 106 9.36 13.04 -10.34
N VAL G 107 9.74 13.87 -11.33
CA VAL G 107 9.55 13.55 -12.73
C VAL G 107 10.90 13.70 -13.41
N PHE G 108 11.35 12.63 -14.08
CA PHE G 108 12.64 12.63 -14.78
C PHE G 108 13.69 13.06 -13.77
N GLY G 109 13.55 12.54 -12.56
CA GLY G 109 14.53 12.72 -11.49
C GLY G 109 14.52 14.12 -10.88
N VAL G 110 13.50 14.91 -11.21
CA VAL G 110 13.38 16.27 -10.76
C VAL G 110 12.22 16.46 -9.81
N ASN G 111 12.52 17.20 -8.75
CA ASN G 111 11.60 17.63 -7.71
C ASN G 111 10.55 18.57 -8.31
N VAL G 112 9.30 18.11 -8.32
CA VAL G 112 8.25 18.88 -8.94
C VAL G 112 7.37 19.53 -7.88
N ASP G 113 7.89 19.70 -6.65
CA ASP G 113 7.22 20.42 -5.56
C ASP G 113 5.87 19.82 -5.13
N ALA G 114 5.73 18.48 -5.20
CA ALA G 114 4.55 17.83 -4.67
C ALA G 114 4.78 17.52 -3.20
N PHE G 115 3.84 17.91 -2.33
CA PHE G 115 3.97 17.61 -0.92
C PHE G 115 3.37 16.24 -0.63
N ASP G 116 4.21 15.27 -0.29
CA ASP G 116 3.73 13.90 -0.23
C ASP G 116 3.46 13.49 1.22
N MET G 117 4.22 14.08 2.15
CA MET G 117 4.20 13.65 3.53
C MET G 117 3.98 14.87 4.39
N TRP G 118 2.91 14.86 5.18
CA TRP G 118 2.55 16.02 5.98
C TRP G 118 2.46 15.68 7.44
N GLY G 119 2.83 16.65 8.29
CA GLY G 119 2.54 16.57 9.70
C GLY G 119 1.03 16.56 9.98
N GLN G 120 0.69 16.44 11.26
CA GLN G 120 -0.70 16.39 11.70
C GLN G 120 -1.27 17.80 11.84
N GLY G 121 -0.42 18.84 11.80
CA GLY G 121 -0.92 20.21 11.92
C GLY G 121 -1.00 20.68 13.39
N THR G 122 -0.48 21.87 13.68
CA THR G 122 -0.61 22.51 14.98
C THR G 122 -1.50 23.74 14.81
N MET G 123 -2.63 23.75 15.54
CA MET G 123 -3.57 24.86 15.52
C MET G 123 -3.00 25.99 16.38
N VAL G 124 -2.85 27.17 15.79
CA VAL G 124 -2.21 28.28 16.47
C VAL G 124 -3.18 29.44 16.61
N THR G 125 -3.37 29.85 17.87
CA THR G 125 -4.23 30.96 18.21
C THR G 125 -3.37 32.10 18.71
N VAL G 126 -3.52 33.27 18.07
CA VAL G 126 -2.84 34.48 18.50
C VAL G 126 -3.80 35.26 19.34
N SER G 127 -3.48 35.43 20.62
CA SER G 127 -4.41 36.08 21.53
C SER G 127 -3.74 36.25 22.88
N SER G 128 -4.21 37.25 23.62
CA SER G 128 -3.61 37.59 24.90
C SER G 128 -4.41 36.99 26.04
N ALA G 129 -5.45 36.21 25.73
CA ALA G 129 -6.20 35.48 26.74
C ALA G 129 -5.38 34.32 27.32
N SER G 130 -5.78 33.87 28.51
CA SER G 130 -5.08 32.81 29.20
C SER G 130 -5.65 31.44 28.83
N THR G 131 -4.77 30.44 28.96
CA THR G 131 -5.12 29.04 28.86
C THR G 131 -6.08 28.73 29.99
N LYS G 132 -7.14 28.00 29.67
CA LYS G 132 -8.10 27.53 30.66
C LYS G 132 -8.62 26.16 30.24
N GLY G 133 -8.62 25.23 31.20
CA GLY G 133 -8.97 23.85 30.94
C GLY G 133 -10.48 23.66 31.03
N PRO G 134 -11.05 22.69 30.28
CA PRO G 134 -12.50 22.51 30.24
C PRO G 134 -13.00 21.91 31.55
N SER G 135 -14.30 22.11 31.79
CA SER G 135 -15.10 21.26 32.64
C SER G 135 -15.86 20.26 31.76
N VAL G 136 -15.98 19.02 32.27
CA VAL G 136 -16.68 17.98 31.53
C VAL G 136 -17.93 17.56 32.30
N PHE G 137 -19.09 17.74 31.67
CA PHE G 137 -20.36 17.30 32.24
C PHE G 137 -21.00 16.23 31.35
N PRO G 138 -21.69 15.24 31.94
CA PRO G 138 -22.41 14.21 31.17
C PRO G 138 -23.70 14.62 30.52
N LEU G 139 -23.95 14.07 29.35
CA LEU G 139 -25.25 14.08 28.71
C LEU G 139 -25.79 12.68 28.89
N ALA G 140 -26.48 12.48 30.02
CA ALA G 140 -26.94 11.14 30.42
C ALA G 140 -28.00 10.62 29.46
N PRO G 141 -27.97 9.32 29.15
CA PRO G 141 -28.95 8.73 28.23
C PRO G 141 -30.32 8.86 28.86
N SER G 142 -31.31 9.25 28.03
CA SER G 142 -32.69 9.39 28.46
C SER G 142 -33.15 8.09 29.11
N SER G 143 -33.73 8.20 30.31
CA SER G 143 -34.18 7.01 31.03
C SER G 143 -35.24 6.27 30.20
N LYS G 144 -35.87 6.99 29.25
CA LYS G 144 -36.88 6.43 28.37
C LYS G 144 -36.29 5.34 27.48
N SER G 145 -35.11 5.59 26.88
CA SER G 145 -34.41 4.59 26.09
C SER G 145 -33.37 3.88 26.95
N THR G 146 -33.76 2.77 27.62
CA THR G 146 -32.85 2.02 28.50
C THR G 146 -32.93 0.49 28.33
N SER G 147 -33.83 -0.05 27.50
CA SER G 147 -33.90 -1.51 27.24
C SER G 147 -34.01 -1.82 25.75
N GLY G 148 -35.04 -1.29 25.06
CA GLY G 148 -35.28 -1.50 23.63
C GLY G 148 -35.00 -0.26 22.77
N GLY G 149 -34.46 -0.48 21.55
CA GLY G 149 -34.11 0.59 20.61
C GLY G 149 -32.67 1.09 20.80
N THR G 150 -32.44 2.37 20.47
CA THR G 150 -31.13 2.98 20.60
C THR G 150 -31.23 4.25 21.44
N ALA G 151 -30.22 4.48 22.28
CA ALA G 151 -30.12 5.62 23.17
C ALA G 151 -29.03 6.57 22.69
N ALA G 152 -29.16 7.84 23.05
CA ALA G 152 -28.09 8.82 22.83
C ALA G 152 -27.55 9.28 24.18
N LEU G 153 -26.23 9.44 24.23
CA LEU G 153 -25.56 9.95 25.41
C LEU G 153 -24.35 10.74 24.95
N GLY G 154 -23.73 11.49 25.86
CA GLY G 154 -22.72 12.40 25.40
C GLY G 154 -21.99 13.09 26.54
N CYS G 155 -21.00 13.89 26.15
CA CYS G 155 -20.22 14.71 27.05
C CYS G 155 -20.26 16.14 26.55
N LEU G 156 -20.43 17.04 27.49
CA LEU G 156 -20.35 18.45 27.24
C LEU G 156 -19.02 18.95 27.81
N VAL G 157 -18.21 19.57 26.95
CA VAL G 157 -16.90 20.06 27.31
C VAL G 157 -16.95 21.58 27.21
N LYS G 158 -16.87 22.28 28.35
CA LYS G 158 -17.25 23.69 28.39
C LYS G 158 -16.15 24.52 29.04
N ASP G 159 -16.01 25.78 28.59
CA ASP G 159 -15.20 26.79 29.25
C ASP G 159 -13.71 26.44 29.13
N TYR G 160 -13.23 26.25 27.89
CA TYR G 160 -11.84 25.96 27.62
C TYR G 160 -11.27 26.98 26.63
N PHE G 161 -9.94 27.12 26.68
CA PHE G 161 -9.24 28.05 25.80
C PHE G 161 -7.74 27.72 25.82
N PRO G 162 -7.07 27.70 24.65
CA PRO G 162 -7.71 27.88 23.35
C PRO G 162 -8.10 26.50 22.81
N GLU G 163 -8.47 26.48 21.52
CA GLU G 163 -8.72 25.23 20.83
C GLU G 163 -7.38 24.54 20.65
N PRO G 164 -7.31 23.21 20.41
CA PRO G 164 -8.46 22.31 20.46
C PRO G 164 -8.58 21.40 21.67
N VAL G 165 -9.68 20.66 21.72
CA VAL G 165 -9.85 19.52 22.59
C VAL G 165 -10.05 18.35 21.65
N THR G 166 -9.60 17.17 22.08
CA THR G 166 -9.94 15.95 21.41
C THR G 166 -10.88 15.19 22.34
N VAL G 167 -11.83 14.46 21.73
CA VAL G 167 -12.67 13.58 22.51
C VAL G 167 -12.68 12.20 21.86
N SER G 168 -12.49 11.16 22.69
CA SER G 168 -12.74 9.80 22.24
C SER G 168 -13.62 9.09 23.27
N TRP G 169 -14.19 7.93 22.89
CA TRP G 169 -15.02 7.13 23.79
C TRP G 169 -14.43 5.75 24.07
N ASN G 170 -14.37 5.37 25.37
CA ASN G 170 -13.77 4.12 25.84
C ASN G 170 -12.38 3.92 25.21
N SER G 171 -11.57 4.97 25.20
CA SER G 171 -10.20 4.89 24.73
C SER G 171 -10.16 4.33 23.30
N GLY G 172 -11.10 4.74 22.48
CA GLY G 172 -11.02 4.44 21.07
C GLY G 172 -11.89 3.25 20.67
N ALA G 173 -12.48 2.59 21.69
CA ALA G 173 -13.20 1.34 21.48
C ALA G 173 -14.53 1.56 20.79
N LEU G 174 -15.10 2.75 21.05
CA LEU G 174 -16.37 3.17 20.49
C LEU G 174 -16.15 4.32 19.52
N THR G 175 -16.40 4.04 18.24
CA THR G 175 -16.15 5.01 17.18
C THR G 175 -17.40 5.13 16.33
N SER G 176 -18.13 4.04 16.18
CA SER G 176 -19.29 4.06 15.32
C SER G 176 -20.40 4.87 15.99
N GLY G 177 -21.03 5.77 15.21
CA GLY G 177 -22.11 6.60 15.70
C GLY G 177 -21.66 7.74 16.64
N VAL G 178 -20.36 8.08 16.64
CA VAL G 178 -19.83 9.17 17.47
C VAL G 178 -19.88 10.46 16.65
N HIS G 179 -20.49 11.51 17.21
CA HIS G 179 -20.45 12.84 16.64
C HIS G 179 -19.86 13.80 17.67
N THR G 180 -18.64 14.24 17.39
CA THR G 180 -18.04 15.31 18.17
C THR G 180 -18.22 16.58 17.36
N PHE G 181 -19.00 17.53 17.88
CA PHE G 181 -19.35 18.74 17.16
C PHE G 181 -18.21 19.75 17.15
N PRO G 182 -18.12 20.57 16.08
CA PRO G 182 -17.26 21.76 16.10
C PRO G 182 -17.52 22.62 17.34
N ALA G 183 -16.46 23.19 17.93
CA ALA G 183 -16.60 24.04 19.09
C ALA G 183 -17.31 25.30 18.66
N VAL G 184 -17.98 25.92 19.62
CA VAL G 184 -18.55 27.24 19.42
C VAL G 184 -17.80 28.18 20.36
N LEU G 185 -17.63 29.42 19.94
CA LEU G 185 -17.04 30.44 20.78
C LEU G 185 -18.16 31.11 21.56
N GLN G 186 -18.13 30.97 22.88
CA GLN G 186 -19.11 31.62 23.74
C GLN G 186 -18.74 33.10 23.88
N SER G 187 -19.72 33.87 24.36
CA SER G 187 -19.59 35.30 24.52
C SER G 187 -18.59 35.62 25.63
N SER G 188 -18.23 34.63 26.43
CA SER G 188 -17.20 34.73 27.44
C SER G 188 -15.79 34.76 26.83
N GLY G 189 -15.68 34.45 25.53
CA GLY G 189 -14.38 34.25 24.92
C GLY G 189 -13.82 32.83 25.11
N LEU G 190 -14.59 31.95 25.78
CA LEU G 190 -14.22 30.56 25.98
C LEU G 190 -14.98 29.65 25.01
N TYR G 191 -14.42 28.46 24.79
CA TYR G 191 -14.96 27.54 23.82
C TYR G 191 -15.83 26.52 24.56
N SER G 192 -16.72 25.87 23.81
CA SER G 192 -17.36 24.71 24.39
C SER G 192 -17.85 23.80 23.27
N LEU G 193 -17.87 22.49 23.53
CA LEU G 193 -18.37 21.58 22.51
C LEU G 193 -18.99 20.37 23.17
N SER G 194 -19.72 19.65 22.32
CA SER G 194 -20.41 18.46 22.76
C SER G 194 -19.97 17.26 21.92
N SER G 195 -19.89 16.11 22.57
CA SER G 195 -19.66 14.86 21.89
C SER G 195 -20.79 13.90 22.25
N VAL G 196 -21.43 13.30 21.23
CA VAL G 196 -22.55 12.42 21.47
C VAL G 196 -22.33 11.12 20.72
N VAL G 197 -23.05 10.08 21.16
CA VAL G 197 -23.00 8.79 20.49
C VAL G 197 -24.35 8.09 20.66
N THR G 198 -24.72 7.28 19.68
CA THR G 198 -25.89 6.43 19.76
C THR G 198 -25.46 4.98 19.95
N VAL G 199 -26.05 4.32 20.95
CA VAL G 199 -25.74 2.94 21.27
C VAL G 199 -27.05 2.17 21.36
N PRO G 200 -27.04 0.83 21.23
CA PRO G 200 -28.20 0.03 21.61
C PRO G 200 -28.59 0.23 23.07
N SER G 201 -29.88 0.49 23.30
CA SER G 201 -30.44 0.60 24.63
C SER G 201 -30.06 -0.60 25.50
N SER G 202 -29.94 -1.79 24.87
CA SER G 202 -29.59 -3.02 25.56
C SER G 202 -28.21 -2.97 26.21
N SER G 203 -27.30 -2.14 25.70
CA SER G 203 -25.95 -2.15 26.24
C SER G 203 -25.83 -1.27 27.48
N LEU G 204 -26.87 -0.51 27.85
CA LEU G 204 -26.70 0.45 28.93
C LEU G 204 -26.45 -0.30 30.23
N GLY G 205 -26.96 -1.54 30.33
CA GLY G 205 -26.84 -2.36 31.53
C GLY G 205 -25.54 -3.16 31.60
N THR G 206 -24.86 -3.35 30.46
CA THR G 206 -23.72 -4.23 30.43
C THR G 206 -22.43 -3.42 30.21
N GLN G 207 -22.50 -2.36 29.38
CA GLN G 207 -21.35 -1.65 28.84
C GLN G 207 -21.16 -0.29 29.53
N THR G 208 -19.96 -0.03 30.03
CA THR G 208 -19.59 1.26 30.60
C THR G 208 -19.29 2.25 29.47
N TYR G 209 -19.67 3.53 29.64
CA TYR G 209 -19.39 4.59 28.69
C TYR G 209 -18.65 5.76 29.33
N ILE G 210 -17.40 5.92 28.88
CA ILE G 210 -16.52 6.95 29.37
C ILE G 210 -16.11 7.76 28.16
N CYS G 211 -16.13 9.09 28.30
CA CYS G 211 -15.58 9.94 27.26
C CYS G 211 -14.23 10.45 27.75
N ASN G 212 -13.25 10.38 26.86
CA ASN G 212 -11.91 10.76 27.20
C ASN G 212 -11.70 12.13 26.58
N VAL G 213 -11.46 13.12 27.44
CA VAL G 213 -11.29 14.48 26.96
C VAL G 213 -9.86 14.93 27.22
N ASN G 214 -9.20 15.39 26.14
CA ASN G 214 -7.83 15.89 26.19
C ASN G 214 -7.83 17.33 25.72
N HIS G 215 -7.26 18.21 26.57
CA HIS G 215 -6.97 19.58 26.16
C HIS G 215 -5.48 19.85 26.38
N LYS G 216 -4.69 19.59 25.34
CA LYS G 216 -3.23 19.66 25.41
C LYS G 216 -2.77 21.01 25.97
N PRO G 217 -3.30 22.17 25.50
CA PRO G 217 -2.77 23.44 25.94
C PRO G 217 -2.76 23.69 27.43
N SER G 218 -3.58 22.94 28.19
CA SER G 218 -3.65 23.11 29.63
C SER G 218 -3.24 21.84 30.36
N ASN G 219 -2.67 20.87 29.64
CA ASN G 219 -2.33 19.58 30.24
C ASN G 219 -3.54 19.01 30.98
N THR G 220 -4.73 19.07 30.36
CA THR G 220 -5.94 18.60 31.00
C THR G 220 -6.38 17.29 30.34
N LYS G 221 -6.59 16.25 31.17
CA LYS G 221 -7.23 15.01 30.74
C LYS G 221 -8.38 14.71 31.68
N VAL G 222 -9.56 14.45 31.12
CA VAL G 222 -10.67 14.01 31.94
C VAL G 222 -11.27 12.77 31.29
N ASP G 223 -11.59 11.79 32.14
CA ASP G 223 -12.30 10.59 31.74
C ASP G 223 -13.61 10.55 32.56
N LYS G 224 -14.71 10.95 31.91
CA LYS G 224 -16.01 11.08 32.53
C LYS G 224 -16.88 9.87 32.15
N LYS G 225 -17.27 9.10 33.16
CA LYS G 225 -18.20 8.01 32.98
C LYS G 225 -19.61 8.60 32.84
N VAL G 226 -20.30 8.20 31.79
CA VAL G 226 -21.64 8.69 31.59
C VAL G 226 -22.60 7.55 31.81
N GLU G 227 -23.40 7.62 32.88
CA GLU G 227 -24.26 6.50 33.27
C GLU G 227 -25.71 6.97 33.33
N PRO G 228 -26.66 6.03 33.23
CA PRO G 228 -28.07 6.36 33.44
C PRO G 228 -28.38 6.43 34.94
N ASP H 1 0.68 34.67 -6.33
CA ASP H 1 0.54 34.77 -4.85
C ASP H 1 -0.88 35.21 -4.46
N ILE H 2 -1.86 34.82 -5.28
CA ILE H 2 -3.26 34.82 -4.90
C ILE H 2 -3.77 33.42 -5.24
N GLN H 3 -4.55 32.83 -4.33
CA GLN H 3 -5.13 31.52 -4.56
C GLN H 3 -5.70 31.42 -5.98
N MET H 4 -5.32 30.36 -6.68
CA MET H 4 -5.83 30.12 -8.02
C MET H 4 -7.34 29.89 -7.97
N THR H 5 -8.00 30.28 -9.05
CA THR H 5 -9.41 30.02 -9.15
C THR H 5 -9.65 28.54 -9.46
N GLN H 6 -10.62 27.97 -8.74
CA GLN H 6 -11.14 26.66 -9.06
C GLN H 6 -12.62 26.79 -9.37
N SER H 7 -13.06 25.95 -10.30
CA SER H 7 -14.36 26.03 -10.92
C SER H 7 -14.94 24.62 -10.98
N PRO H 8 -16.06 24.36 -10.28
CA PRO H 8 -16.68 25.33 -9.39
C PRO H 8 -15.93 25.35 -8.07
N SER H 9 -16.30 26.26 -7.17
CA SER H 9 -15.71 26.27 -5.84
C SER H 9 -16.53 25.41 -4.85
N SER H 10 -17.74 25.01 -5.24
CA SER H 10 -18.43 23.97 -4.49
C SER H 10 -19.40 23.20 -5.39
N LEU H 11 -19.76 21.99 -4.99
CA LEU H 11 -20.76 21.23 -5.73
C LEU H 11 -21.29 20.10 -4.87
N SER H 12 -22.52 19.68 -5.14
CA SER H 12 -23.00 18.42 -4.62
C SER H 12 -23.41 17.56 -5.80
N ALA H 13 -23.00 16.30 -5.75
CA ALA H 13 -23.35 15.32 -6.76
C ALA H 13 -23.74 14.03 -6.08
N SER H 14 -24.47 13.21 -6.84
CA SER H 14 -25.00 11.95 -6.35
C SER H 14 -23.93 10.88 -6.47
N VAL H 15 -24.05 9.85 -5.61
CA VAL H 15 -23.23 8.66 -5.70
C VAL H 15 -23.32 8.08 -7.11
N GLY H 16 -22.16 7.90 -7.75
CA GLY H 16 -22.07 7.27 -9.05
C GLY H 16 -21.83 8.30 -10.14
N ASP H 17 -22.13 9.58 -9.84
CA ASP H 17 -21.97 10.67 -10.79
C ASP H 17 -20.49 10.95 -11.12
N ARG H 18 -20.29 11.39 -12.37
CA ARG H 18 -19.01 11.94 -12.81
C ARG H 18 -18.93 13.41 -12.41
N VAL H 19 -17.83 13.78 -11.77
CA VAL H 19 -17.60 15.11 -11.26
C VAL H 19 -16.28 15.61 -11.84
N THR H 20 -16.27 16.88 -12.22
CA THR H 20 -15.11 17.52 -12.84
C THR H 20 -14.83 18.86 -12.15
N ILE H 21 -13.59 19.07 -11.73
CA ILE H 21 -13.19 20.31 -11.07
C ILE H 21 -12.05 20.89 -11.89
N THR H 22 -11.98 22.22 -12.02
CA THR H 22 -11.04 22.82 -12.95
C THR H 22 -10.19 23.86 -12.25
N CYS H 23 -8.86 23.66 -12.30
CA CYS H 23 -7.89 24.61 -11.80
C CYS H 23 -7.45 25.58 -12.91
N ARG H 24 -7.65 26.89 -12.70
CA ARG H 24 -7.22 27.93 -13.64
C ARG H 24 -5.84 28.43 -13.24
N THR H 25 -4.79 27.91 -13.90
CA THR H 25 -3.41 28.27 -13.61
C THR H 25 -2.91 29.36 -14.57
N SER H 26 -1.72 29.86 -14.25
CA SER H 26 -1.05 30.89 -15.02
C SER H 26 -0.29 30.34 -16.23
N GLN H 27 0.09 29.06 -16.25
CA GLN H 27 1.07 28.52 -17.21
C GLN H 27 0.84 27.04 -17.46
N SER H 28 1.25 26.54 -18.64
CA SER H 28 1.06 25.12 -18.96
C SER H 28 2.26 24.30 -18.47
N LEU H 29 2.46 24.29 -17.15
CA LEU H 29 3.50 23.56 -16.42
C LEU H 29 2.89 22.29 -15.81
N SER H 30 2.46 21.39 -16.69
CA SER H 30 1.74 20.22 -16.27
C SER H 30 2.42 19.46 -15.13
N SER H 31 3.74 19.27 -15.23
CA SER H 31 4.45 18.40 -14.31
C SER H 31 4.61 19.07 -12.94
N TYR H 32 4.39 20.39 -12.83
CA TYR H 32 4.46 21.03 -11.51
C TYR H 32 3.06 21.30 -10.96
N THR H 33 2.05 20.65 -11.53
CA THR H 33 0.66 20.89 -11.18
C THR H 33 0.08 19.63 -10.52
N HIS H 34 -0.42 19.80 -9.27
CA HIS H 34 -0.80 18.66 -8.46
C HIS H 34 -2.19 18.88 -7.84
N TRP H 35 -2.78 17.79 -7.34
CA TRP H 35 -4.04 17.87 -6.63
C TRP H 35 -3.94 17.17 -5.29
N TYR H 36 -4.68 17.73 -4.32
CA TYR H 36 -4.76 17.27 -2.95
C TYR H 36 -6.21 17.00 -2.58
N GLN H 37 -6.42 16.05 -1.66
CA GLN H 37 -7.73 15.81 -1.07
C GLN H 37 -7.58 15.98 0.44
N GLN H 38 -8.52 16.73 1.05
CA GLN H 38 -8.45 17.05 2.47
C GLN H 38 -9.79 16.78 3.16
N LYS H 39 -9.78 15.79 4.07
CA LYS H 39 -10.93 15.41 4.87
C LYS H 39 -10.93 16.18 6.17
N PRO H 40 -12.11 16.37 6.80
CA PRO H 40 -12.25 17.24 7.98
C PRO H 40 -11.24 16.93 9.07
N GLY H 41 -10.47 17.95 9.48
CA GLY H 41 -9.52 17.83 10.56
C GLY H 41 -8.21 17.09 10.19
N LYS H 42 -8.04 16.69 8.93
CA LYS H 42 -6.81 16.03 8.53
C LYS H 42 -6.04 16.99 7.63
N ALA H 43 -4.74 16.73 7.50
CA ALA H 43 -3.91 17.44 6.57
C ALA H 43 -4.25 16.99 5.14
N PRO H 44 -3.93 17.82 4.12
CA PRO H 44 -4.20 17.45 2.74
C PRO H 44 -3.36 16.25 2.32
N LYS H 45 -3.98 15.41 1.49
CA LYS H 45 -3.35 14.20 1.01
C LYS H 45 -3.13 14.32 -0.50
N LEU H 46 -1.93 13.96 -0.97
CA LEU H 46 -1.59 14.07 -2.38
C LEU H 46 -2.44 13.06 -3.16
N LEU H 47 -3.21 13.55 -4.11
CA LEU H 47 -4.14 12.69 -4.82
C LEU H 47 -3.59 12.41 -6.22
N ILE H 48 -3.26 13.51 -6.92
CA ILE H 48 -2.73 13.45 -8.27
C ILE H 48 -1.50 14.35 -8.36
N TYR H 49 -0.39 13.85 -8.94
CA TYR H 49 0.82 14.64 -9.14
C TYR H 49 1.11 14.68 -10.64
N ALA H 50 1.85 15.75 -11.05
CA ALA H 50 2.18 15.98 -12.46
C ALA H 50 0.95 15.89 -13.34
N ALA H 51 -0.16 16.49 -12.89
CA ALA H 51 -1.38 16.66 -13.66
C ALA H 51 -2.14 15.34 -13.83
N SER H 52 -1.44 14.23 -14.12
CA SER H 52 -2.10 12.96 -14.48
C SER H 52 -1.72 11.78 -13.59
N SER H 53 -0.52 11.80 -12.99
CA SER H 53 -0.05 10.63 -12.24
C SER H 53 -0.77 10.61 -10.90
N ARG H 54 -1.18 9.41 -10.51
CA ARG H 54 -1.83 9.19 -9.24
C ARG H 54 -0.84 8.93 -8.12
N GLY H 55 -1.30 9.27 -6.90
CA GLY H 55 -0.48 9.20 -5.71
C GLY H 55 -0.64 7.82 -5.08
N SER H 56 0.10 7.57 -4.01
CA SER H 56 0.05 6.26 -3.37
C SER H 56 -1.34 6.08 -2.74
N GLY H 57 -1.87 4.86 -2.92
CA GLY H 57 -3.14 4.44 -2.36
C GLY H 57 -4.33 5.22 -2.91
N VAL H 58 -4.26 5.68 -4.17
CA VAL H 58 -5.33 6.48 -4.73
C VAL H 58 -6.08 5.61 -5.73
N PRO H 59 -7.41 5.46 -5.55
CA PRO H 59 -8.22 4.67 -6.48
C PRO H 59 -8.13 5.17 -7.91
N SER H 60 -8.47 4.28 -8.84
CA SER H 60 -8.52 4.54 -10.28
C SER H 60 -9.69 5.42 -10.70
N ARG H 61 -10.69 5.65 -9.83
CA ARG H 61 -11.81 6.53 -10.16
C ARG H 61 -11.36 7.99 -10.22
N PHE H 62 -10.26 8.33 -9.51
CA PHE H 62 -9.65 9.65 -9.64
C PHE H 62 -8.67 9.64 -10.83
N SER H 63 -8.73 10.70 -11.64
CA SER H 63 -7.79 10.95 -12.71
C SER H 63 -7.62 12.45 -12.90
N GLY H 64 -6.61 12.82 -13.67
CA GLY H 64 -6.31 14.20 -13.96
C GLY H 64 -5.93 14.39 -15.43
N SER H 65 -6.20 15.60 -15.92
CA SER H 65 -5.81 16.00 -17.25
C SER H 65 -5.54 17.50 -17.29
N GLY H 66 -5.10 18.00 -18.44
CA GLY H 66 -4.73 19.40 -18.56
C GLY H 66 -4.77 19.86 -20.01
N SER H 67 -4.88 21.17 -20.21
CA SER H 67 -5.14 21.73 -21.51
C SER H 67 -4.92 23.25 -21.48
N GLY H 68 -3.87 23.73 -22.13
CA GLY H 68 -3.40 25.06 -21.86
C GLY H 68 -3.11 25.23 -20.37
N THR H 69 -3.71 26.26 -19.78
CA THR H 69 -3.43 26.59 -18.39
C THR H 69 -4.54 26.04 -17.51
N ASP H 70 -5.42 25.23 -18.09
CA ASP H 70 -6.49 24.62 -17.31
C ASP H 70 -6.15 23.17 -16.99
N PHE H 71 -6.28 22.80 -15.72
CA PHE H 71 -6.09 21.43 -15.29
C PHE H 71 -7.33 20.99 -14.55
N THR H 72 -7.80 19.79 -14.91
CA THR H 72 -9.02 19.24 -14.36
C THR H 72 -8.72 17.99 -13.54
N LEU H 73 -9.45 17.86 -12.44
CA LEU H 73 -9.55 16.62 -11.68
C LEU H 73 -10.89 16.00 -12.00
N THR H 74 -10.92 14.69 -12.24
CA THR H 74 -12.17 14.02 -12.56
C THR H 74 -12.38 12.86 -11.59
N ILE H 75 -13.57 12.83 -10.98
CA ILE H 75 -13.95 11.67 -10.19
C ILE H 75 -15.03 10.91 -10.98
N SER H 76 -14.68 9.78 -11.57
CA SER H 76 -15.51 9.19 -12.62
C SER H 76 -16.81 8.61 -12.04
N SER H 77 -16.79 8.19 -10.76
CA SER H 77 -17.94 7.60 -10.09
C SER H 77 -17.90 7.91 -8.59
N LEU H 78 -18.65 8.94 -8.18
CA LEU H 78 -18.44 9.56 -6.88
C LEU H 78 -18.89 8.62 -5.76
N GLN H 79 -18.04 8.47 -4.75
CA GLN H 79 -18.35 7.60 -3.61
C GLN H 79 -18.59 8.46 -2.36
N PRO H 80 -19.40 8.01 -1.39
CA PRO H 80 -19.70 8.82 -0.21
C PRO H 80 -18.45 9.35 0.52
N GLU H 81 -17.38 8.54 0.49
CA GLU H 81 -16.16 8.86 1.21
C GLU H 81 -15.32 9.89 0.46
N ASP H 82 -15.74 10.29 -0.75
CA ASP H 82 -15.09 11.34 -1.53
C ASP H 82 -15.50 12.74 -1.07
N PHE H 83 -16.41 12.81 -0.09
CA PHE H 83 -16.65 14.04 0.62
C PHE H 83 -15.31 14.56 1.12
N ALA H 84 -14.92 15.77 0.67
CA ALA H 84 -13.63 16.36 0.99
C ALA H 84 -13.58 17.75 0.38
N THR H 85 -12.52 18.49 0.67
CA THR H 85 -12.16 19.67 -0.12
C THR H 85 -11.00 19.27 -1.05
N TYR H 86 -11.08 19.62 -2.35
CA TYR H 86 -10.00 19.31 -3.27
C TYR H 86 -9.30 20.61 -3.66
N TYR H 87 -7.98 20.60 -3.60
CA TYR H 87 -7.12 21.74 -3.93
C TYR H 87 -6.13 21.37 -5.02
N CYS H 88 -6.07 22.17 -6.09
CA CYS H 88 -4.97 22.15 -7.02
C CYS H 88 -3.82 23.02 -6.50
N GLN H 89 -2.63 22.75 -7.05
CA GLN H 89 -1.42 23.46 -6.74
C GLN H 89 -0.57 23.53 -8.00
N GLN H 90 0.17 24.64 -8.15
CA GLN H 90 1.20 24.77 -9.17
C GLN H 90 2.34 25.59 -8.58
N SER H 91 3.52 24.97 -8.54
CA SER H 91 4.70 25.58 -7.94
C SER H 91 4.40 26.03 -6.50
N ARG H 92 4.57 27.29 -6.14
CA ARG H 92 4.43 27.72 -4.76
C ARG H 92 2.98 28.03 -4.38
N THR H 93 2.02 27.95 -5.31
CA THR H 93 0.69 28.51 -5.12
C THR H 93 -0.39 27.43 -5.10
N PHE H 94 -1.33 27.57 -4.16
CA PHE H 94 -2.49 26.70 -4.04
C PHE H 94 -3.73 27.37 -4.63
N GLY H 95 -4.61 26.54 -5.18
CA GLY H 95 -5.96 26.94 -5.53
C GLY H 95 -6.88 27.10 -4.32
N GLN H 96 -8.09 27.63 -4.55
CA GLN H 96 -8.94 28.15 -3.50
C GLN H 96 -9.69 27.03 -2.78
N GLY H 97 -9.67 25.87 -3.41
CA GLY H 97 -10.36 24.72 -2.87
C GLY H 97 -11.77 24.64 -3.43
N THR H 98 -12.21 23.40 -3.60
CA THR H 98 -13.54 23.02 -4.06
C THR H 98 -14.12 22.01 -3.08
N LYS H 99 -15.22 22.39 -2.40
CA LYS H 99 -15.94 21.49 -1.50
C LYS H 99 -16.87 20.59 -2.31
N VAL H 100 -16.76 19.29 -2.13
CA VAL H 100 -17.62 18.33 -2.81
C VAL H 100 -18.53 17.67 -1.78
N GLU H 101 -19.85 17.89 -1.88
CA GLU H 101 -20.82 17.28 -0.99
C GLU H 101 -21.53 16.14 -1.73
N ILE H 102 -21.93 15.12 -0.98
CA ILE H 102 -22.63 14.00 -1.56
C ILE H 102 -24.12 14.27 -1.45
N LYS H 103 -24.83 14.06 -2.55
CA LYS H 103 -26.27 14.21 -2.62
C LYS H 103 -26.91 12.84 -2.40
N ARG H 104 -28.00 12.80 -1.64
CA ARG H 104 -28.58 11.54 -1.20
C ARG H 104 -30.05 11.75 -0.88
N THR H 105 -30.73 10.67 -0.46
CA THR H 105 -32.16 10.72 -0.14
C THR H 105 -32.38 11.49 1.16
N VAL H 106 -33.57 12.04 1.30
CA VAL H 106 -33.88 12.83 2.47
C VAL H 106 -33.92 11.88 3.66
N ALA H 107 -33.40 12.36 4.80
CA ALA H 107 -33.53 11.62 6.04
C ALA H 107 -33.82 12.61 7.16
N ALA H 108 -34.89 12.34 7.92
CA ALA H 108 -35.33 13.26 8.95
C ALA H 108 -34.49 13.04 10.19
N PRO H 109 -34.17 14.07 10.99
CA PRO H 109 -33.44 13.86 12.23
C PRO H 109 -34.20 13.02 13.25
N SER H 110 -33.48 12.12 13.92
CA SER H 110 -33.82 11.70 15.27
C SER H 110 -33.46 12.84 16.25
N VAL H 111 -34.44 13.25 17.06
CA VAL H 111 -34.23 14.30 18.04
C VAL H 111 -34.13 13.71 19.44
N PHE H 112 -33.23 14.29 20.25
CA PHE H 112 -33.06 13.94 21.66
C PHE H 112 -32.82 15.22 22.42
N ILE H 113 -33.29 15.31 23.69
CA ILE H 113 -33.05 16.51 24.49
C ILE H 113 -32.37 16.12 25.79
N PHE H 114 -31.49 16.97 26.29
CA PHE H 114 -30.70 16.62 27.46
C PHE H 114 -30.76 17.75 28.47
N PRO H 115 -31.29 17.49 29.68
CA PRO H 115 -31.33 18.51 30.71
C PRO H 115 -29.94 18.67 31.26
N PRO H 116 -29.64 19.79 31.93
CA PRO H 116 -28.34 19.96 32.59
C PRO H 116 -28.04 18.88 33.62
N SER H 117 -26.77 18.53 33.75
CA SER H 117 -26.28 17.68 34.83
C SER H 117 -26.38 18.41 36.18
N ASP H 118 -26.65 17.65 37.24
CA ASP H 118 -26.64 18.20 38.59
C ASP H 118 -25.29 18.83 38.87
N GLU H 119 -24.22 18.21 38.35
CA GLU H 119 -22.88 18.68 38.59
C GLU H 119 -22.73 20.10 38.06
N GLN H 120 -23.24 20.36 36.86
CA GLN H 120 -23.15 21.70 36.28
C GLN H 120 -23.99 22.70 37.09
N LEU H 121 -25.14 22.25 37.61
CA LEU H 121 -26.06 23.14 38.31
C LEU H 121 -25.41 23.66 39.59
N LYS H 122 -24.67 22.80 40.32
CA LYS H 122 -23.89 23.24 41.46
C LYS H 122 -23.06 24.48 41.08
N SER H 123 -22.36 24.43 39.93
CA SER H 123 -21.46 25.47 39.47
C SER H 123 -22.19 26.78 39.13
N GLY H 124 -23.52 26.75 38.96
CA GLY H 124 -24.28 27.99 38.86
C GLY H 124 -24.70 28.35 37.44
N THR H 125 -24.66 27.36 36.52
CA THR H 125 -25.03 27.51 35.12
C THR H 125 -25.82 26.29 34.67
N ALA H 126 -26.66 26.45 33.64
CA ALA H 126 -27.43 25.33 33.12
C ALA H 126 -27.35 25.32 31.61
N SER H 127 -26.77 24.27 31.06
CA SER H 127 -26.79 24.08 29.61
C SER H 127 -27.83 23.03 29.29
N VAL H 128 -28.65 23.28 28.27
CA VAL H 128 -29.61 22.28 27.84
C VAL H 128 -29.25 22.00 26.40
N VAL H 129 -29.18 20.73 26.03
CA VAL H 129 -28.71 20.35 24.71
C VAL H 129 -29.82 19.62 23.98
N CYS H 130 -29.97 19.96 22.70
CA CYS H 130 -30.89 19.31 21.77
C CYS H 130 -30.02 18.74 20.64
N LEU H 131 -30.22 17.45 20.33
CA LEU H 131 -29.45 16.80 19.31
C LEU H 131 -30.38 16.38 18.16
N LEU H 132 -29.98 16.74 16.94
CA LEU H 132 -30.59 16.25 15.71
C LEU H 132 -29.57 15.35 15.03
N ASN H 133 -29.84 14.03 15.01
CA ASN H 133 -28.86 13.07 14.55
C ASN H 133 -29.20 12.53 13.16
N ASN H 134 -28.23 12.57 12.25
CA ASN H 134 -28.26 11.76 11.03
C ASN H 134 -29.38 12.18 10.09
N PHE H 135 -29.33 13.43 9.61
CA PHE H 135 -30.33 13.93 8.69
C PHE H 135 -29.70 14.35 7.35
N TYR H 136 -30.58 14.55 6.36
CA TYR H 136 -30.18 15.05 5.07
C TYR H 136 -31.47 15.55 4.45
N PRO H 137 -31.49 16.74 3.80
CA PRO H 137 -30.33 17.63 3.71
C PRO H 137 -30.10 18.47 4.95
N ARG H 138 -29.30 19.52 4.79
CA ARG H 138 -28.60 20.13 5.91
C ARG H 138 -29.46 21.16 6.62
N GLU H 139 -30.53 21.63 5.99
CA GLU H 139 -31.26 22.78 6.51
C GLU H 139 -32.35 22.29 7.48
N ALA H 140 -31.90 21.85 8.66
CA ALA H 140 -32.80 21.63 9.76
C ALA H 140 -32.74 22.85 10.66
N LYS H 141 -33.90 23.25 11.21
CA LYS H 141 -33.95 24.39 12.11
C LYS H 141 -34.46 23.96 13.47
N VAL H 142 -34.01 24.71 14.48
CA VAL H 142 -34.30 24.42 15.87
C VAL H 142 -34.78 25.72 16.51
N GLN H 143 -35.93 25.64 17.21
CA GLN H 143 -36.38 26.69 18.11
C GLN H 143 -36.47 26.17 19.54
N TRP H 144 -36.00 27.00 20.46
CA TRP H 144 -36.15 26.78 21.88
C TRP H 144 -37.44 27.43 22.40
N LYS H 145 -38.15 26.67 23.25
CA LYS H 145 -39.33 27.16 23.93
C LYS H 145 -39.23 26.84 25.42
N VAL H 146 -39.32 27.87 26.25
CA VAL H 146 -39.37 27.73 27.70
C VAL H 146 -40.76 28.11 28.19
N ASP H 147 -41.45 27.16 28.82
CA ASP H 147 -42.85 27.29 29.15
C ASP H 147 -43.60 27.78 27.92
N ASN H 148 -43.23 27.23 26.76
CA ASN H 148 -43.89 27.46 25.49
C ASN H 148 -43.64 28.86 24.94
N ALA H 149 -42.79 29.66 25.60
CA ALA H 149 -42.43 30.95 25.01
C ALA H 149 -41.18 30.80 24.14
N LEU H 150 -41.27 31.31 22.92
CA LEU H 150 -40.19 31.19 21.96
C LEU H 150 -38.99 32.02 22.43
N GLN H 151 -37.82 31.36 22.58
CA GLN H 151 -36.57 32.00 22.94
C GLN H 151 -35.90 32.60 21.70
N SER H 152 -35.36 33.83 21.82
CA SER H 152 -34.80 34.52 20.67
C SER H 152 -33.28 34.65 20.78
N GLY H 153 -32.74 34.34 21.97
CA GLY H 153 -31.30 34.29 22.17
C GLY H 153 -30.88 33.19 23.15
N ASN H 154 -29.63 33.34 23.63
CA ASN H 154 -29.05 32.46 24.62
C ASN H 154 -28.80 31.04 24.08
N SER H 155 -28.83 30.85 22.76
CA SER H 155 -28.54 29.52 22.22
C SER H 155 -27.44 29.61 21.16
N GLN H 156 -26.59 28.57 21.11
CA GLN H 156 -25.60 28.43 20.06
C GLN H 156 -25.74 27.05 19.44
N GLU H 157 -25.43 26.96 18.16
CA GLU H 157 -25.68 25.77 17.38
C GLU H 157 -24.42 25.40 16.59
N SER H 158 -24.25 24.10 16.31
CA SER H 158 -23.09 23.60 15.60
C SER H 158 -23.51 22.39 14.76
N VAL H 159 -22.90 22.24 13.57
CA VAL H 159 -23.19 21.14 12.64
C VAL H 159 -21.94 20.32 12.34
N THR H 160 -22.10 19.00 12.26
CA THR H 160 -21.06 18.12 11.79
C THR H 160 -20.89 18.28 10.28
N GLU H 161 -19.68 17.98 9.84
CA GLU H 161 -19.37 17.83 8.44
C GLU H 161 -20.04 16.54 7.97
N GLN H 162 -20.28 16.47 6.66
CA GLN H 162 -20.95 15.32 6.10
C GLN H 162 -20.22 14.04 6.48
N ASP H 163 -21.01 13.05 6.92
CA ASP H 163 -20.49 11.75 7.27
C ASP H 163 -20.10 10.97 6.02
N SER H 164 -18.93 10.31 6.11
CA SER H 164 -18.28 9.70 4.96
C SER H 164 -18.94 8.37 4.61
N LYS H 165 -19.77 7.82 5.50
CA LYS H 165 -20.41 6.53 5.25
C LYS H 165 -21.84 6.72 4.74
N ASP H 166 -22.66 7.49 5.48
CA ASP H 166 -24.09 7.60 5.20
C ASP H 166 -24.46 8.98 4.67
N SER H 167 -23.49 9.89 4.54
CA SER H 167 -23.68 11.18 3.89
C SER H 167 -24.71 12.05 4.61
N THR H 168 -24.76 11.98 5.95
CA THR H 168 -25.71 12.77 6.72
C THR H 168 -24.99 13.81 7.57
N TYR H 169 -25.79 14.69 8.15
CA TYR H 169 -25.33 15.72 9.03
C TYR H 169 -26.00 15.48 10.39
N SER H 170 -25.34 16.00 11.43
CA SER H 170 -25.88 16.04 12.75
C SER H 170 -25.72 17.46 13.25
N LEU H 171 -26.59 17.87 14.17
CA LEU H 171 -26.56 19.22 14.68
C LEU H 171 -26.86 19.21 16.17
N SER H 172 -26.18 20.11 16.89
CA SER H 172 -26.37 20.28 18.32
C SER H 172 -26.76 21.72 18.60
N SER H 173 -27.81 21.95 19.39
CA SER H 173 -28.20 23.28 19.85
C SER H 173 -28.15 23.29 21.38
N THR H 174 -27.66 24.38 21.96
CA THR H 174 -27.39 24.47 23.38
C THR H 174 -27.96 25.78 23.90
N LEU H 175 -28.98 25.67 24.76
CA LEU H 175 -29.56 26.81 25.47
C LEU H 175 -28.82 26.97 26.80
N THR H 176 -28.24 28.15 27.03
CA THR H 176 -27.42 28.37 28.21
C THR H 176 -28.08 29.43 29.09
N LEU H 177 -28.47 29.01 30.30
CA LEU H 177 -29.08 29.87 31.31
C LEU H 177 -28.28 29.79 32.61
N SER H 178 -28.44 30.82 33.45
CA SER H 178 -27.91 30.74 34.80
C SER H 178 -28.79 29.79 35.60
N LYS H 179 -28.25 29.30 36.72
CA LYS H 179 -28.97 28.38 37.58
C LYS H 179 -30.28 29.04 38.01
N ALA H 180 -30.15 30.22 38.64
CA ALA H 180 -31.29 31.00 39.07
C ALA H 180 -32.37 31.04 37.99
N ASP H 181 -32.03 31.56 36.81
CA ASP H 181 -32.98 31.70 35.71
C ASP H 181 -33.52 30.34 35.26
N TYR H 182 -32.70 29.29 35.33
CA TYR H 182 -33.19 27.98 34.96
C TYR H 182 -34.28 27.55 35.92
N GLU H 183 -34.06 27.82 37.23
CA GLU H 183 -34.94 27.37 38.30
C GLU H 183 -36.31 28.05 38.21
N LYS H 184 -36.41 29.18 37.50
CA LYS H 184 -37.64 29.97 37.48
C LYS H 184 -38.56 29.58 36.34
N HIS H 185 -38.44 28.36 35.78
CA HIS H 185 -39.32 27.91 34.72
C HIS H 185 -39.44 26.41 34.78
N LYS H 186 -40.34 25.81 34.00
CA LYS H 186 -40.66 24.40 34.21
C LYS H 186 -40.48 23.57 32.93
N VAL H 187 -41.18 23.91 31.84
CA VAL H 187 -41.09 23.09 30.62
C VAL H 187 -40.00 23.65 29.75
N TYR H 188 -38.99 22.82 29.41
CA TYR H 188 -37.99 23.18 28.41
C TYR H 188 -38.10 22.26 27.20
N ALA H 189 -38.25 22.85 26.02
CA ALA H 189 -38.51 22.07 24.81
C ALA H 189 -37.69 22.59 23.63
N CYS H 190 -37.35 21.71 22.71
CA CYS H 190 -36.79 22.13 21.45
C CYS H 190 -37.66 21.53 20.35
N GLU H 191 -37.88 22.34 19.31
CA GLU H 191 -38.85 22.06 18.28
C GLU H 191 -38.12 22.06 16.97
N VAL H 192 -38.10 20.92 16.31
CA VAL H 192 -37.26 20.72 15.15
C VAL H 192 -38.15 20.72 13.90
N THR H 193 -37.71 21.53 12.91
CA THR H 193 -38.33 21.55 11.60
C THR H 193 -37.27 21.11 10.60
N HIS H 194 -37.70 20.30 9.62
CA HIS H 194 -36.82 19.78 8.59
C HIS H 194 -37.67 19.28 7.44
N GLN H 195 -37.13 19.28 6.23
CA GLN H 195 -37.82 18.84 5.03
C GLN H 195 -38.36 17.41 5.20
N GLY H 196 -37.57 16.54 5.80
CA GLY H 196 -37.99 15.14 5.93
C GLY H 196 -39.02 14.90 7.04
N LEU H 197 -39.54 15.95 7.71
CA LEU H 197 -40.51 15.77 8.78
C LEU H 197 -41.84 16.37 8.32
N SER H 198 -42.90 15.54 8.25
CA SER H 198 -44.21 16.02 7.82
C SER H 198 -44.74 17.11 8.78
N SER H 199 -44.29 17.08 10.04
CA SER H 199 -44.67 18.10 11.01
C SER H 199 -43.58 18.26 12.07
N PRO H 200 -43.41 19.45 12.66
CA PRO H 200 -42.38 19.66 13.67
C PRO H 200 -42.37 18.62 14.79
N VAL H 201 -41.18 18.09 15.06
CA VAL H 201 -40.93 17.28 16.23
C VAL H 201 -40.48 18.16 17.39
N THR H 202 -40.96 17.83 18.58
CA THR H 202 -40.61 18.53 19.81
C THR H 202 -40.20 17.47 20.83
N LYS H 203 -39.02 17.63 21.42
CA LYS H 203 -38.67 16.89 22.59
C LYS H 203 -38.72 17.89 23.73
N SER H 204 -39.15 17.42 24.90
CA SER H 204 -39.25 18.31 26.04
C SER H 204 -39.03 17.52 27.32
N PHE H 205 -38.80 18.26 28.40
CA PHE H 205 -38.80 17.67 29.72
C PHE H 205 -39.25 18.71 30.74
N ASN H 206 -39.70 18.24 31.92
CA ASN H 206 -40.03 19.13 33.00
C ASN H 206 -38.86 19.16 33.96
N ARG H 207 -38.39 20.38 34.24
CA ARG H 207 -37.35 20.59 35.23
C ARG H 207 -37.82 19.99 36.54
N GLY H 208 -37.04 19.04 37.07
CA GLY H 208 -37.35 18.43 38.36
C GLY H 208 -37.53 16.92 38.24
N GLU H 209 -38.29 16.47 37.23
CA GLU H 209 -38.46 15.05 36.96
C GLU H 209 -37.16 14.48 36.39
N CYS H 210 -36.28 15.37 35.92
CA CYS H 210 -34.94 14.99 35.47
C CYS H 210 -33.91 15.98 36.03
#